data_3LJM
# 
_entry.id   3LJM 
# 
_audit_conform.dict_name       mmcif_pdbx.dic 
_audit_conform.dict_version    5.399 
_audit_conform.dict_location   http://mmcif.pdb.org/dictionaries/ascii/mmcif_pdbx.dic 
# 
loop_
_database_2.database_id 
_database_2.database_code 
_database_2.pdbx_database_accession 
_database_2.pdbx_DOI 
PDB   3LJM         pdb_00003ljm 10.2210/pdb3ljm/pdb 
RCSB  RCSB057358   ?            ?                   
WWPDB D_1000057358 ?            ?                   
# 
loop_
_pdbx_audit_revision_history.ordinal 
_pdbx_audit_revision_history.data_content_type 
_pdbx_audit_revision_history.major_revision 
_pdbx_audit_revision_history.minor_revision 
_pdbx_audit_revision_history.revision_date 
1 'Structure model' 1 0 2010-09-15 
2 'Structure model' 1 1 2011-07-13 
3 'Structure model' 1 2 2023-09-06 
4 'Structure model' 1 3 2024-11-20 
# 
_pdbx_audit_revision_details.ordinal             1 
_pdbx_audit_revision_details.revision_ordinal    1 
_pdbx_audit_revision_details.data_content_type   'Structure model' 
_pdbx_audit_revision_details.provider            repository 
_pdbx_audit_revision_details.type                'Initial release' 
_pdbx_audit_revision_details.description         ? 
_pdbx_audit_revision_details.details             ? 
# 
loop_
_pdbx_audit_revision_group.ordinal 
_pdbx_audit_revision_group.revision_ordinal 
_pdbx_audit_revision_group.data_content_type 
_pdbx_audit_revision_group.group 
1 2 'Structure model' 'Version format compliance' 
2 3 'Structure model' 'Data collection'           
3 3 'Structure model' 'Database references'       
4 3 'Structure model' 'Derived calculations'      
5 3 'Structure model' 'Refinement description'    
6 4 'Structure model' 'Structure summary'         
# 
loop_
_pdbx_audit_revision_category.ordinal 
_pdbx_audit_revision_category.revision_ordinal 
_pdbx_audit_revision_category.data_content_type 
_pdbx_audit_revision_category.category 
1 3 'Structure model' chem_comp_atom                
2 3 'Structure model' chem_comp_bond                
3 3 'Structure model' database_2                    
4 3 'Structure model' pdbx_initial_refinement_model 
5 3 'Structure model' pdbx_struct_conn_angle        
6 3 'Structure model' struct_conn                   
7 3 'Structure model' struct_site                   
8 4 'Structure model' pdbx_entry_details            
# 
loop_
_pdbx_audit_revision_item.ordinal 
_pdbx_audit_revision_item.revision_ordinal 
_pdbx_audit_revision_item.data_content_type 
_pdbx_audit_revision_item.item 
1  3 'Structure model' '_database_2.pdbx_DOI'                        
2  3 'Structure model' '_database_2.pdbx_database_accession'         
3  3 'Structure model' '_pdbx_struct_conn_angle.ptnr1_auth_asym_id'  
4  3 'Structure model' '_pdbx_struct_conn_angle.ptnr1_auth_comp_id'  
5  3 'Structure model' '_pdbx_struct_conn_angle.ptnr1_auth_seq_id'   
6  3 'Structure model' '_pdbx_struct_conn_angle.ptnr1_label_asym_id' 
7  3 'Structure model' '_pdbx_struct_conn_angle.ptnr1_label_atom_id' 
8  3 'Structure model' '_pdbx_struct_conn_angle.ptnr1_label_comp_id' 
9  3 'Structure model' '_pdbx_struct_conn_angle.ptnr1_label_seq_id'  
10 3 'Structure model' '_pdbx_struct_conn_angle.ptnr2_auth_asym_id'  
11 3 'Structure model' '_pdbx_struct_conn_angle.ptnr2_auth_comp_id'  
12 3 'Structure model' '_pdbx_struct_conn_angle.ptnr2_auth_seq_id'   
13 3 'Structure model' '_pdbx_struct_conn_angle.ptnr2_label_asym_id' 
14 3 'Structure model' '_pdbx_struct_conn_angle.ptnr2_label_atom_id' 
15 3 'Structure model' '_pdbx_struct_conn_angle.ptnr2_label_comp_id' 
16 3 'Structure model' '_pdbx_struct_conn_angle.ptnr3_auth_asym_id'  
17 3 'Structure model' '_pdbx_struct_conn_angle.ptnr3_auth_comp_id'  
18 3 'Structure model' '_pdbx_struct_conn_angle.ptnr3_auth_seq_id'   
19 3 'Structure model' '_pdbx_struct_conn_angle.ptnr3_label_asym_id' 
20 3 'Structure model' '_pdbx_struct_conn_angle.ptnr3_label_atom_id' 
21 3 'Structure model' '_pdbx_struct_conn_angle.ptnr3_label_comp_id' 
22 3 'Structure model' '_pdbx_struct_conn_angle.ptnr3_label_seq_id'  
23 3 'Structure model' '_pdbx_struct_conn_angle.value'               
24 3 'Structure model' '_struct_conn.pdbx_dist_value'                
25 3 'Structure model' '_struct_conn.ptnr1_auth_asym_id'             
26 3 'Structure model' '_struct_conn.ptnr1_auth_comp_id'             
27 3 'Structure model' '_struct_conn.ptnr1_auth_seq_id'              
28 3 'Structure model' '_struct_conn.ptnr1_label_asym_id'            
29 3 'Structure model' '_struct_conn.ptnr1_label_atom_id'            
30 3 'Structure model' '_struct_conn.ptnr1_label_comp_id'            
31 3 'Structure model' '_struct_conn.ptnr1_label_seq_id'             
32 3 'Structure model' '_struct_conn.ptnr2_auth_asym_id'             
33 3 'Structure model' '_struct_conn.ptnr2_auth_comp_id'             
34 3 'Structure model' '_struct_conn.ptnr2_auth_seq_id'              
35 3 'Structure model' '_struct_conn.ptnr2_label_asym_id'            
36 3 'Structure model' '_struct_conn.ptnr2_label_atom_id'            
37 3 'Structure model' '_struct_conn.ptnr2_label_comp_id'            
38 3 'Structure model' '_struct_conn.ptnr2_label_seq_id'             
39 3 'Structure model' '_struct_site.pdbx_auth_asym_id'              
40 3 'Structure model' '_struct_site.pdbx_auth_comp_id'              
41 3 'Structure model' '_struct_site.pdbx_auth_seq_id'               
# 
_pdbx_database_status.status_code                     REL 
_pdbx_database_status.entry_id                        3LJM 
_pdbx_database_status.recvd_initial_deposition_date   2010-01-26 
_pdbx_database_status.deposit_site                    RCSB 
_pdbx_database_status.process_site                    RCSB 
_pdbx_database_status.status_code_sf                  REL 
_pdbx_database_status.status_code_mr                  ? 
_pdbx_database_status.SG_entry                        ? 
_pdbx_database_status.pdb_format_compatible           Y 
_pdbx_database_status.status_code_cs                  ? 
_pdbx_database_status.status_code_nmr_data            ? 
_pdbx_database_status.methods_development_category    ? 
# 
_audit_author.name           'Chakraborty, S.' 
_audit_author.pdbx_ordinal   1 
# 
_citation.id                        primary 
_citation.title                     
;Structural comparisons of apo- and metalated three-stranded coiled coils clarify metal binding determinants in thiolate containing designed peptides.
;
_citation.journal_abbrev            J.Am.Chem.Soc. 
_citation.journal_volume            132 
_citation.page_first                13240 
_citation.page_last                 13250 
_citation.year                      2010 
_citation.journal_id_ASTM           JACSAT 
_citation.country                   US 
_citation.journal_id_ISSN           0002-7863 
_citation.journal_id_CSD            0004 
_citation.book_publisher            ? 
_citation.pdbx_database_id_PubMed   20825181 
_citation.pdbx_database_id_DOI      10.1021/ja101812c 
# 
loop_
_citation_author.citation_id 
_citation_author.name 
_citation_author.ordinal 
_citation_author.identifier_ORCID 
primary 'Chakraborty, S.' 1 ? 
primary 'Touw, D.S.'      2 ? 
primary 'Peacock, A.F.'   3 ? 
primary 'Stuckey, J.'     4 ? 
primary 'Pecoraro, V.L.'  5 ? 
# 
loop_
_entity.id 
_entity.type 
_entity.src_method 
_entity.pdbx_description 
_entity.formula_weight 
_entity.pdbx_number_of_molecules 
_entity.pdbx_ec 
_entity.pdbx_mutation 
_entity.pdbx_fragment 
_entity.details 
1 polymer     syn 'COIL SER L9C' 3325.850 3  ? ? ? ? 
2 non-polymer syn 'ZINC ION'     65.409   5  ? ? ? ? 
3 non-polymer syn 1,2-ETHANEDIOL 62.068   3  ? ? ? ? 
4 non-polymer syn 'CALCIUM ION'  40.078   1  ? ? ? ? 
5 water       nat water          18.015   59 ? ? ? ? 
# 
_entity_poly.entity_id                      1 
_entity_poly.type                           'polypeptide(L)' 
_entity_poly.nstd_linkage                   no 
_entity_poly.nstd_monomer                   yes 
_entity_poly.pdbx_seq_one_letter_code       '(ACE)EWEALEKKCAALESKLQALEKKLEALEHG(NH2)' 
_entity_poly.pdbx_seq_one_letter_code_can   XEWEALEKKCAALESKLQALEKKLEALEHGX 
_entity_poly.pdbx_strand_id                 A,B,C 
_entity_poly.pdbx_target_identifier         ? 
# 
loop_
_pdbx_entity_nonpoly.entity_id 
_pdbx_entity_nonpoly.name 
_pdbx_entity_nonpoly.comp_id 
2 'ZINC ION'     ZN  
3 1,2-ETHANEDIOL EDO 
4 'CALCIUM ION'  CA  
5 water          HOH 
# 
loop_
_entity_poly_seq.entity_id 
_entity_poly_seq.num 
_entity_poly_seq.mon_id 
_entity_poly_seq.hetero 
1 1  ACE n 
1 2  GLU n 
1 3  TRP n 
1 4  GLU n 
1 5  ALA n 
1 6  LEU n 
1 7  GLU n 
1 8  LYS n 
1 9  LYS n 
1 10 CYS n 
1 11 ALA n 
1 12 ALA n 
1 13 LEU n 
1 14 GLU n 
1 15 SER n 
1 16 LYS n 
1 17 LEU n 
1 18 GLN n 
1 19 ALA n 
1 20 LEU n 
1 21 GLU n 
1 22 LYS n 
1 23 LYS n 
1 24 LEU n 
1 25 GLU n 
1 26 ALA n 
1 27 LEU n 
1 28 GLU n 
1 29 HIS n 
1 30 GLY n 
1 31 NH2 n 
# 
_pdbx_entity_src_syn.entity_id              1 
_pdbx_entity_src_syn.pdbx_src_id            1 
_pdbx_entity_src_syn.pdbx_alt_source_flag   sample 
_pdbx_entity_src_syn.pdbx_beg_seq_num       ? 
_pdbx_entity_src_syn.pdbx_end_seq_num       ? 
_pdbx_entity_src_syn.organism_scientific    ? 
_pdbx_entity_src_syn.organism_common_name   ? 
_pdbx_entity_src_syn.ncbi_taxonomy_id       ? 
_pdbx_entity_src_syn.details                'SYNTHESIZED IN AUTOMATED PEPTIDE SYNTHESIZER' 
# 
loop_
_chem_comp.id 
_chem_comp.type 
_chem_comp.mon_nstd_flag 
_chem_comp.name 
_chem_comp.pdbx_synonyms 
_chem_comp.formula 
_chem_comp.formula_weight 
ACE non-polymer         . 'ACETYL GROUP'  ?                 'C2 H4 O'        44.053  
ALA 'L-peptide linking' y ALANINE         ?                 'C3 H7 N O2'     89.093  
CA  non-polymer         . 'CALCIUM ION'   ?                 'Ca 2'           40.078  
CYS 'L-peptide linking' y CYSTEINE        ?                 'C3 H7 N O2 S'   121.158 
EDO non-polymer         . 1,2-ETHANEDIOL  'ETHYLENE GLYCOL' 'C2 H6 O2'       62.068  
GLN 'L-peptide linking' y GLUTAMINE       ?                 'C5 H10 N2 O3'   146.144 
GLU 'L-peptide linking' y 'GLUTAMIC ACID' ?                 'C5 H9 N O4'     147.129 
GLY 'peptide linking'   y GLYCINE         ?                 'C2 H5 N O2'     75.067  
HIS 'L-peptide linking' y HISTIDINE       ?                 'C6 H10 N3 O2 1' 156.162 
HOH non-polymer         . WATER           ?                 'H2 O'           18.015  
LEU 'L-peptide linking' y LEUCINE         ?                 'C6 H13 N O2'    131.173 
LYS 'L-peptide linking' y LYSINE          ?                 'C6 H15 N2 O2 1' 147.195 
NH2 non-polymer         . 'AMINO GROUP'   ?                 'H2 N'           16.023  
SER 'L-peptide linking' y SERINE          ?                 'C3 H7 N O3'     105.093 
TRP 'L-peptide linking' y TRYPTOPHAN      ?                 'C11 H12 N2 O2'  204.225 
ZN  non-polymer         . 'ZINC ION'      ?                 'Zn 2'           65.409  
# 
loop_
_pdbx_poly_seq_scheme.asym_id 
_pdbx_poly_seq_scheme.entity_id 
_pdbx_poly_seq_scheme.seq_id 
_pdbx_poly_seq_scheme.mon_id 
_pdbx_poly_seq_scheme.ndb_seq_num 
_pdbx_poly_seq_scheme.pdb_seq_num 
_pdbx_poly_seq_scheme.auth_seq_num 
_pdbx_poly_seq_scheme.pdb_mon_id 
_pdbx_poly_seq_scheme.auth_mon_id 
_pdbx_poly_seq_scheme.pdb_strand_id 
_pdbx_poly_seq_scheme.pdb_ins_code 
_pdbx_poly_seq_scheme.hetero 
A 1 1  ACE 1  0  0  ACE ACE A . n 
A 1 2  GLU 2  1  1  GLU GLU A . n 
A 1 3  TRP 3  2  2  TRP TRP A . n 
A 1 4  GLU 4  3  3  GLU GLU A . n 
A 1 5  ALA 5  4  4  ALA ALA A . n 
A 1 6  LEU 6  5  5  LEU LEU A . n 
A 1 7  GLU 7  6  6  GLU GLU A . n 
A 1 8  LYS 8  7  7  LYS LYS A . n 
A 1 9  LYS 9  8  8  LYS LYS A . n 
A 1 10 CYS 10 9  9  CYS CYS A . n 
A 1 11 ALA 11 10 10 ALA ALA A . n 
A 1 12 ALA 12 11 11 ALA ALA A . n 
A 1 13 LEU 13 12 12 LEU LEU A . n 
A 1 14 GLU 14 13 13 GLU GLU A . n 
A 1 15 SER 15 14 14 SER SER A . n 
A 1 16 LYS 16 15 15 LYS LYS A . n 
A 1 17 LEU 17 16 16 LEU LEU A . n 
A 1 18 GLN 18 17 17 GLN GLN A . n 
A 1 19 ALA 19 18 18 ALA ALA A . n 
A 1 20 LEU 20 19 19 LEU LEU A . n 
A 1 21 GLU 21 20 20 GLU GLU A . n 
A 1 22 LYS 22 21 21 LYS LYS A . n 
A 1 23 LYS 23 22 22 LYS LYS A . n 
A 1 24 LEU 24 23 23 LEU LEU A . n 
A 1 25 GLU 25 24 24 GLU GLU A . n 
A 1 26 ALA 26 25 25 ALA ALA A . n 
A 1 27 LEU 27 26 26 LEU LEU A . n 
A 1 28 GLU 28 27 27 GLU GLU A . n 
A 1 29 HIS 29 28 28 HIS HIS A . n 
A 1 30 GLY 30 29 29 GLY GLY A . n 
A 1 31 NH2 31 30 30 NH2 NH2 A . n 
B 1 1  ACE 1  0  0  ACE ACE B . n 
B 1 2  GLU 2  1  1  GLU GLU B . n 
B 1 3  TRP 3  2  2  TRP TRP B . n 
B 1 4  GLU 4  3  3  GLU GLU B . n 
B 1 5  ALA 5  4  4  ALA ALA B . n 
B 1 6  LEU 6  5  5  LEU LEU B . n 
B 1 7  GLU 7  6  6  GLU GLU B . n 
B 1 8  LYS 8  7  7  LYS LYS B . n 
B 1 9  LYS 9  8  8  LYS LYS B . n 
B 1 10 CYS 10 9  9  CYS CYS B . n 
B 1 11 ALA 11 10 10 ALA ALA B . n 
B 1 12 ALA 12 11 11 ALA ALA B . n 
B 1 13 LEU 13 12 12 LEU LEU B . n 
B 1 14 GLU 14 13 13 GLU GLU B . n 
B 1 15 SER 15 14 14 SER SER B . n 
B 1 16 LYS 16 15 15 LYS LYS B . n 
B 1 17 LEU 17 16 16 LEU LEU B . n 
B 1 18 GLN 18 17 17 GLN GLN B . n 
B 1 19 ALA 19 18 18 ALA ALA B . n 
B 1 20 LEU 20 19 19 LEU LEU B . n 
B 1 21 GLU 21 20 20 GLU GLU B . n 
B 1 22 LYS 22 21 21 LYS LYS B . n 
B 1 23 LYS 23 22 22 LYS LYS B . n 
B 1 24 LEU 24 23 23 LEU LEU B . n 
B 1 25 GLU 25 24 24 GLU GLU B . n 
B 1 26 ALA 26 25 25 ALA ALA B . n 
B 1 27 LEU 27 26 26 LEU LEU B . n 
B 1 28 GLU 28 27 27 GLU GLU B . n 
B 1 29 HIS 29 28 28 HIS HIS B . n 
B 1 30 GLY 30 29 29 GLY GLY B . n 
B 1 31 NH2 31 30 30 NH2 NH2 B . n 
C 1 1  ACE 1  0  0  ACE ACE C . n 
C 1 2  GLU 2  1  1  GLU GLU C . n 
C 1 3  TRP 3  2  2  TRP TRP C . n 
C 1 4  GLU 4  3  3  GLU GLU C . n 
C 1 5  ALA 5  4  4  ALA ALA C . n 
C 1 6  LEU 6  5  5  LEU LEU C . n 
C 1 7  GLU 7  6  6  GLU GLU C . n 
C 1 8  LYS 8  7  7  LYS LYS C . n 
C 1 9  LYS 9  8  8  LYS LYS C . n 
C 1 10 CYS 10 9  9  CYS CYS C . n 
C 1 11 ALA 11 10 10 ALA ALA C . n 
C 1 12 ALA 12 11 11 ALA ALA C . n 
C 1 13 LEU 13 12 12 LEU LEU C . n 
C 1 14 GLU 14 13 13 GLU GLU C . n 
C 1 15 SER 15 14 14 SER SER C . n 
C 1 16 LYS 16 15 15 LYS LYS C . n 
C 1 17 LEU 17 16 16 LEU LEU C . n 
C 1 18 GLN 18 17 17 GLN GLN C . n 
C 1 19 ALA 19 18 18 ALA ALA C . n 
C 1 20 LEU 20 19 19 LEU LEU C . n 
C 1 21 GLU 21 20 20 GLU GLU C . n 
C 1 22 LYS 22 21 21 LYS LYS C . n 
C 1 23 LYS 23 22 22 LYS LYS C . n 
C 1 24 LEU 24 23 23 LEU LEU C . n 
C 1 25 GLU 25 24 24 GLU GLU C . n 
C 1 26 ALA 26 25 25 ALA ALA C . n 
C 1 27 LEU 27 26 26 LEU LEU C . n 
C 1 28 GLU 28 27 27 GLU GLU C . n 
C 1 29 HIS 29 28 28 HIS HIS C . n 
C 1 30 GLY 30 29 29 GLY GLY C . n 
C 1 31 NH2 31 30 30 NH2 NH2 C . n 
# 
loop_
_pdbx_nonpoly_scheme.asym_id 
_pdbx_nonpoly_scheme.entity_id 
_pdbx_nonpoly_scheme.mon_id 
_pdbx_nonpoly_scheme.ndb_seq_num 
_pdbx_nonpoly_scheme.pdb_seq_num 
_pdbx_nonpoly_scheme.auth_seq_num 
_pdbx_nonpoly_scheme.pdb_mon_id 
_pdbx_nonpoly_scheme.auth_mon_id 
_pdbx_nonpoly_scheme.pdb_strand_id 
_pdbx_nonpoly_scheme.pdb_ins_code 
D 2 ZN  1  31 31 ZN  ZN  A . 
E 2 ZN  1  32 32 ZN  ZN  A . 
F 3 EDO 1  33 33 EDO EDO A . 
G 3 EDO 1  34 34 EDO EDO A . 
H 2 ZN  1  31 31 ZN  ZN  B . 
I 2 ZN  1  32 32 ZN  ZN  B . 
J 2 ZN  1  33 33 ZN  ZN  B . 
K 4 CA  1  34 34 CA  CA  B . 
L 3 EDO 1  31 31 EDO EDO C . 
M 5 HOH 1  35 35 HOH HOH A . 
M 5 HOH 2  36 36 HOH HOH A . 
M 5 HOH 3  37 37 HOH HOH A . 
M 5 HOH 4  38 38 HOH HOH A . 
M 5 HOH 5  39 39 HOH HOH A . 
M 5 HOH 6  40 40 HOH HOH A . 
M 5 HOH 7  41 41 HOH HOH A . 
M 5 HOH 8  42 42 HOH HOH A . 
M 5 HOH 9  43 43 HOH HOH A . 
M 5 HOH 10 44 44 HOH HOH A . 
M 5 HOH 11 45 45 HOH HOH A . 
M 5 HOH 12 46 46 HOH HOH A . 
M 5 HOH 13 47 47 HOH HOH A . 
M 5 HOH 14 48 48 HOH HOH A . 
M 5 HOH 15 49 49 HOH HOH A . 
M 5 HOH 16 50 50 HOH HOH A . 
M 5 HOH 17 55 55 HOH HOH A . 
M 5 HOH 18 57 57 HOH HOH A . 
M 5 HOH 19 59 59 HOH HOH A . 
N 5 HOH 1  35 35 HOH HOH B . 
N 5 HOH 2  36 36 HOH HOH B . 
N 5 HOH 3  37 37 HOH HOH B . 
N 5 HOH 4  38 38 HOH HOH B . 
N 5 HOH 5  39 39 HOH HOH B . 
N 5 HOH 6  40 40 HOH HOH B . 
N 5 HOH 7  41 41 HOH HOH B . 
N 5 HOH 8  43 43 HOH HOH B . 
N 5 HOH 9  44 44 HOH HOH B . 
N 5 HOH 10 45 45 HOH HOH B . 
N 5 HOH 11 46 46 HOH HOH B . 
N 5 HOH 12 47 47 HOH HOH B . 
N 5 HOH 13 48 48 HOH HOH B . 
N 5 HOH 14 49 49 HOH HOH B . 
N 5 HOH 15 50 50 HOH HOH B . 
N 5 HOH 16 51 51 HOH HOH B . 
N 5 HOH 17 52 52 HOH HOH B . 
N 5 HOH 18 53 53 HOH HOH B . 
N 5 HOH 19 56 56 HOH HOH B . 
N 5 HOH 20 58 58 HOH HOH B . 
O 5 HOH 1  32 32 HOH HOH C . 
O 5 HOH 2  33 33 HOH HOH C . 
O 5 HOH 3  34 34 HOH HOH C . 
O 5 HOH 4  35 35 HOH HOH C . 
O 5 HOH 5  36 36 HOH HOH C . 
O 5 HOH 6  37 37 HOH HOH C . 
O 5 HOH 7  38 38 HOH HOH C . 
O 5 HOH 8  39 39 HOH HOH C . 
O 5 HOH 9  40 40 HOH HOH C . 
O 5 HOH 10 41 41 HOH HOH C . 
O 5 HOH 11 42 42 HOH HOH C . 
O 5 HOH 12 43 43 HOH HOH C . 
O 5 HOH 13 44 44 HOH HOH C . 
O 5 HOH 14 45 45 HOH HOH C . 
O 5 HOH 15 46 46 HOH HOH C . 
O 5 HOH 16 47 47 HOH HOH C . 
O 5 HOH 17 48 48 HOH HOH C . 
O 5 HOH 18 49 49 HOH HOH C . 
O 5 HOH 19 53 53 HOH HOH C . 
O 5 HOH 20 54 54 HOH HOH C . 
# 
loop_
_software.name 
_software.classification 
_software.version 
_software.citation_id 
_software.pdbx_ordinal 
MD2      'data collection' 'diffractometer software from EMBL' ? 1 
PHASER   phasing           .                                   ? 2 
REFMAC   refinement        5.5.0102                            ? 3 
HKL-2000 'data reduction'  .                                   ? 4 
HKL-2000 'data scaling'    .                                   ? 5 
# 
_cell.entry_id           3LJM 
_cell.length_a           77.940 
_cell.length_b           29.856 
_cell.length_c           44.361 
_cell.angle_alpha        90.00 
_cell.angle_beta         119.15 
_cell.angle_gamma        90.00 
_cell.Z_PDB              12 
_cell.pdbx_unique_axis   ? 
_cell.length_a_esd       ? 
_cell.length_b_esd       ? 
_cell.length_c_esd       ? 
_cell.angle_alpha_esd    ? 
_cell.angle_beta_esd     ? 
_cell.angle_gamma_esd    ? 
# 
_symmetry.entry_id                         3LJM 
_symmetry.space_group_name_H-M             'C 1 2 1' 
_symmetry.pdbx_full_space_group_name_H-M   ? 
_symmetry.cell_setting                     ? 
_symmetry.Int_Tables_number                5 
_symmetry.space_group_name_Hall            ? 
# 
_exptl.entry_id          3LJM 
_exptl.method            'X-RAY DIFFRACTION' 
_exptl.crystals_number   1 
# 
_exptl_crystal.id                    1 
_exptl_crystal.density_meas          ? 
_exptl_crystal.density_Matthews      2.26 
_exptl_crystal.density_percent_sol   45.55 
_exptl_crystal.description           ? 
_exptl_crystal.F_000                 ? 
_exptl_crystal.preparation           ? 
# 
_exptl_crystal_grow.crystal_id      1 
_exptl_crystal_grow.method          'VAPOR DIFFUSION, HANGING DROP' 
_exptl_crystal_grow.temp            293 
_exptl_crystal_grow.temp_details    ? 
_exptl_crystal_grow.pH              6.0 
_exptl_crystal_grow.pdbx_details    
'24% PEG 3350, 0.017M zinc acetate, 0.1M calcium acetate, 0.1M cacodylate, pH 6.0, VAPOR DIFFUSION, HANGING DROP, temperature 293K' 
_exptl_crystal_grow.pdbx_pH_range   ? 
# 
_diffrn.id                     1 
_diffrn.ambient_temp           100 
_diffrn.ambient_temp_details   ? 
_diffrn.crystal_id             1 
# 
_diffrn_detector.diffrn_id              1 
_diffrn_detector.detector               CCD 
_diffrn_detector.type                   'MARMOSAIC 225 mm CCD' 
_diffrn_detector.pdbx_collection_date   2009-03-15 
_diffrn_detector.details                'Diamond Laue' 
# 
_diffrn_radiation.diffrn_id                        1 
_diffrn_radiation.wavelength_id                    1 
_diffrn_radiation.pdbx_monochromatic_or_laue_m_l   M 
_diffrn_radiation.monochromator                    'Diamond [111]' 
_diffrn_radiation.pdbx_diffrn_protocol             'SINGLE WAVELENGTH' 
_diffrn_radiation.pdbx_scattering_type             x-ray 
# 
_diffrn_radiation_wavelength.id           1 
_diffrn_radiation_wavelength.wavelength   0.97872 
_diffrn_radiation_wavelength.wt           1.0 
# 
_diffrn_source.diffrn_id                   1 
_diffrn_source.source                      SYNCHROTRON 
_diffrn_source.type                        'APS BEAMLINE 21-ID-F' 
_diffrn_source.pdbx_synchrotron_site       APS 
_diffrn_source.pdbx_synchrotron_beamline   21-ID-F 
_diffrn_source.pdbx_wavelength             ? 
_diffrn_source.pdbx_wavelength_list        0.97872 
# 
_reflns.entry_id                     3LJM 
_reflns.observed_criterion_sigma_I   0 
_reflns.observed_criterion_sigma_F   0 
_reflns.d_resolution_low             50 
_reflns.d_resolution_high            1.36 
_reflns.number_obs                   19279 
_reflns.number_all                   19279 
_reflns.percent_possible_obs         99.4 
_reflns.pdbx_Rmerge_I_obs            0.069 
_reflns.pdbx_Rsym_value              ? 
_reflns.pdbx_netI_over_sigmaI        20 
_reflns.B_iso_Wilson_estimate        10.8 
_reflns.pdbx_redundancy              6.7 
_reflns.R_free_details               ? 
_reflns.limit_h_max                  ? 
_reflns.limit_h_min                  ? 
_reflns.limit_k_max                  ? 
_reflns.limit_k_min                  ? 
_reflns.limit_l_max                  ? 
_reflns.limit_l_min                  ? 
_reflns.observed_criterion_F_max     ? 
_reflns.observed_criterion_F_min     ? 
_reflns.pdbx_chi_squared             ? 
_reflns.pdbx_scaling_rejects         ? 
_reflns.pdbx_diffrn_id               1 
_reflns.pdbx_ordinal                 1 
# 
_reflns_shell.d_res_high             1.36 
_reflns_shell.d_res_low              1.40 
_reflns_shell.percent_possible_all   100 
_reflns_shell.Rmerge_I_obs           0.35 
_reflns_shell.pdbx_Rsym_value        ? 
_reflns_shell.meanI_over_sigI_obs    5 
_reflns_shell.pdbx_redundancy        6.0 
_reflns_shell.percent_possible_obs   ? 
_reflns_shell.number_unique_all      959 
_reflns_shell.number_measured_all    ? 
_reflns_shell.number_measured_obs    ? 
_reflns_shell.number_unique_obs      ? 
_reflns_shell.pdbx_chi_squared       ? 
_reflns_shell.pdbx_diffrn_id         ? 
_reflns_shell.pdbx_ordinal           1 
# 
_refine.entry_id                                 3LJM 
_refine.ls_number_reflns_obs                     18278 
_refine.ls_number_reflns_all                     18278 
_refine.pdbx_ls_sigma_I                          0 
_refine.pdbx_ls_sigma_F                          ? 
_refine.pdbx_data_cutoff_high_absF               ? 
_refine.pdbx_data_cutoff_low_absF                ? 
_refine.pdbx_data_cutoff_high_rms_absF           ? 
_refine.ls_d_res_low                             34.03 
_refine.ls_d_res_high                            1.36 
_refine.ls_percent_reflns_obs                    99.23 
_refine.ls_R_factor_obs                          0.18416 
_refine.ls_R_factor_all                          0.18416 
_refine.ls_R_factor_R_work                       0.18241 
_refine.ls_R_factor_R_free                       0.21510 
_refine.ls_R_factor_R_free_error                 ? 
_refine.ls_R_factor_R_free_error_details         ? 
_refine.ls_percent_reflns_R_free                 5.1 
_refine.ls_number_reflns_R_free                  978 
_refine.ls_number_parameters                     ? 
_refine.ls_number_restraints                     ? 
_refine.occupancy_min                            ? 
_refine.occupancy_max                            ? 
_refine.correlation_coeff_Fo_to_Fc               0.954 
_refine.correlation_coeff_Fo_to_Fc_free          0.948 
_refine.B_iso_mean                               16.806 
_refine.aniso_B[1][1]                            0.00 
_refine.aniso_B[2][2]                            0.00 
_refine.aniso_B[3][3]                            0.00 
_refine.aniso_B[1][2]                            0.00 
_refine.aniso_B[1][3]                            0.00 
_refine.aniso_B[2][3]                            0.00 
_refine.solvent_model_details                    MASK 
_refine.solvent_model_param_ksol                 ? 
_refine.solvent_model_param_bsol                 ? 
_refine.pdbx_solvent_vdw_probe_radii             1.40 
_refine.pdbx_solvent_ion_probe_radii             0.80 
_refine.pdbx_solvent_shrinkage_radii             0.80 
_refine.pdbx_ls_cross_valid_method               THROUGHOUT 
_refine.details                                  'HYDROGENS HAVE BEEN ADDED IN THE RIDING POSITIONS' 
_refine.pdbx_starting_model                      'PDB ENTRY 3H5F' 
_refine.pdbx_method_to_determine_struct          'MOLECULAR REPLACEMENT' 
_refine.pdbx_isotropic_thermal_model             ? 
_refine.pdbx_stereochemistry_target_values       'MAXIMUM LIKELIHOOD' 
_refine.pdbx_stereochem_target_val_spec_case     ? 
_refine.pdbx_R_Free_selection_details            RANDOM 
_refine.pdbx_overall_ESU_R                       0.063 
_refine.pdbx_overall_ESU_R_Free                  0.066 
_refine.overall_SU_ML                            0.038 
_refine.overall_SU_B                             0.900 
_refine.ls_redundancy_reflns_obs                 ? 
_refine.B_iso_min                                ? 
_refine.B_iso_max                                ? 
_refine.overall_SU_R_Cruickshank_DPI             ? 
_refine.overall_SU_R_free                        ? 
_refine.ls_wR_factor_R_free                      ? 
_refine.ls_wR_factor_R_work                      ? 
_refine.overall_FOM_free_R_set                   ? 
_refine.overall_FOM_work_R_set                   ? 
_refine.pdbx_overall_phase_error                 ? 
_refine.pdbx_refine_id                           'X-RAY DIFFRACTION' 
_refine.pdbx_diffrn_id                           1 
_refine.pdbx_TLS_residual_ADP_flag               ? 
_refine.pdbx_overall_SU_R_free_Cruickshank_DPI   ? 
_refine.pdbx_overall_SU_R_Blow_DPI               ? 
_refine.pdbx_overall_SU_R_free_Blow_DPI          ? 
# 
_refine_hist.pdbx_refine_id                   'X-RAY DIFFRACTION' 
_refine_hist.cycle_id                         LAST 
_refine_hist.pdbx_number_atoms_protein        702 
_refine_hist.pdbx_number_atoms_nucleic_acid   0 
_refine_hist.pdbx_number_atoms_ligand         18 
_refine_hist.number_atoms_solvent             59 
_refine_hist.number_atoms_total               779 
_refine_hist.d_res_high                       1.36 
_refine_hist.d_res_low                        34.03 
# 
loop_
_refine_ls_restr.type 
_refine_ls_restr.dev_ideal 
_refine_ls_restr.dev_ideal_target 
_refine_ls_restr.weight 
_refine_ls_restr.number 
_refine_ls_restr.pdbx_refine_id 
_refine_ls_restr.pdbx_restraint_function 
r_bond_refined_d             0.024  0.022  ? 856  'X-RAY DIFFRACTION' ? 
r_bond_other_d               ?      ?      ? ?    'X-RAY DIFFRACTION' ? 
r_angle_refined_deg          2.364  2.037  ? 1153 'X-RAY DIFFRACTION' ? 
r_angle_other_deg            ?      ?      ? ?    'X-RAY DIFFRACTION' ? 
r_dihedral_angle_1_deg       4.113  5.000  ? 115  'X-RAY DIFFRACTION' ? 
r_dihedral_angle_2_deg       34.384 28.235 ? 34   'X-RAY DIFFRACTION' ? 
r_dihedral_angle_3_deg       13.574 15.000 ? 198  'X-RAY DIFFRACTION' ? 
r_dihedral_angle_4_deg       ?      ?      ? ?    'X-RAY DIFFRACTION' ? 
r_chiral_restr               0.107  0.200  ? 125  'X-RAY DIFFRACTION' ? 
r_gen_planes_refined         0.010  0.020  ? 608  'X-RAY DIFFRACTION' ? 
r_gen_planes_other           ?      ?      ? ?    'X-RAY DIFFRACTION' ? 
r_nbd_refined                ?      ?      ? ?    'X-RAY DIFFRACTION' ? 
r_nbd_other                  ?      ?      ? ?    'X-RAY DIFFRACTION' ? 
r_nbtor_refined              ?      ?      ? ?    'X-RAY DIFFRACTION' ? 
r_nbtor_other                ?      ?      ? ?    'X-RAY DIFFRACTION' ? 
r_xyhbond_nbd_refined        ?      ?      ? ?    'X-RAY DIFFRACTION' ? 
r_xyhbond_nbd_other          ?      ?      ? ?    'X-RAY DIFFRACTION' ? 
r_metal_ion_refined          ?      ?      ? ?    'X-RAY DIFFRACTION' ? 
r_metal_ion_other            ?      ?      ? ?    'X-RAY DIFFRACTION' ? 
r_symmetry_vdw_refined       ?      ?      ? ?    'X-RAY DIFFRACTION' ? 
r_symmetry_vdw_other         ?      ?      ? ?    'X-RAY DIFFRACTION' ? 
r_symmetry_hbond_refined     ?      ?      ? ?    'X-RAY DIFFRACTION' ? 
r_symmetry_hbond_other       ?      ?      ? ?    'X-RAY DIFFRACTION' ? 
r_symmetry_metal_ion_refined ?      ?      ? ?    'X-RAY DIFFRACTION' ? 
r_symmetry_metal_ion_other   ?      ?      ? ?    'X-RAY DIFFRACTION' ? 
r_mcbond_it                  1.350  1.500  ? 524  'X-RAY DIFFRACTION' ? 
r_mcbond_other               ?      ?      ? ?    'X-RAY DIFFRACTION' ? 
r_mcangle_it                 2.377  2.000  ? 835  'X-RAY DIFFRACTION' ? 
r_scbond_it                  4.144  3.000  ? 332  'X-RAY DIFFRACTION' ? 
r_scangle_it                 5.634  4.500  ? 313  'X-RAY DIFFRACTION' ? 
r_rigid_bond_restr           ?      ?      ? ?    'X-RAY DIFFRACTION' ? 
r_sphericity_free            ?      ?      ? ?    'X-RAY DIFFRACTION' ? 
r_sphericity_bonded          ?      ?      ? ?    'X-RAY DIFFRACTION' ? 
# 
_refine_ls_shell.pdbx_total_number_of_bins_used   20 
_refine_ls_shell.d_res_high                       1.360 
_refine_ls_shell.d_res_low                        1.395 
_refine_ls_shell.number_reflns_R_work             1342 
_refine_ls_shell.R_factor_R_work                  0.187 
_refine_ls_shell.percent_reflns_obs               99.15 
_refine_ls_shell.R_factor_R_free                  0.254 
_refine_ls_shell.R_factor_R_free_error            ? 
_refine_ls_shell.percent_reflns_R_free            ? 
_refine_ls_shell.number_reflns_R_free             61 
_refine_ls_shell.number_reflns_all                ? 
_refine_ls_shell.R_factor_all                     ? 
_refine_ls_shell.number_reflns_obs                ? 
_refine_ls_shell.redundancy_reflns_obs            ? 
_refine_ls_shell.pdbx_refine_id                   'X-RAY DIFFRACTION' 
# 
_struct.entry_id                  3LJM 
_struct.title                     'Structure of de novo designed apo peptide coil SER L9C' 
_struct.pdbx_model_details        ? 
_struct.pdbx_CASP_flag            ? 
_struct.pdbx_model_type_details   ? 
# 
_struct_keywords.entry_id        3LJM 
_struct_keywords.pdbx_keywords   'DE NOVO PROTEIN' 
_struct_keywords.text            'DE NOVO DESIGN, THREE STRANDED COILED COIL, APO, DE NOVO PROTEIN' 
# 
loop_
_struct_asym.id 
_struct_asym.pdbx_blank_PDB_chainid_flag 
_struct_asym.pdbx_modified 
_struct_asym.entity_id 
_struct_asym.details 
A N N 1 ? 
B N N 1 ? 
C N N 1 ? 
D N N 2 ? 
E N N 2 ? 
F N N 3 ? 
G N N 3 ? 
H N N 2 ? 
I N N 2 ? 
J N N 2 ? 
K N N 4 ? 
L N N 3 ? 
M N N 5 ? 
N N N 5 ? 
O N N 5 ? 
# 
_struct_ref.id                         1 
_struct_ref.db_name                    PDB 
_struct_ref.db_code                    3LJM 
_struct_ref.pdbx_db_accession          3LJM 
_struct_ref.entity_id                  1 
_struct_ref.pdbx_align_begin           1 
_struct_ref.pdbx_seq_one_letter_code   XEWEALEKKCAALESKLQALEKKLEALEHGX 
_struct_ref.pdbx_db_isoform            ? 
# 
loop_
_struct_ref_seq.align_id 
_struct_ref_seq.ref_id 
_struct_ref_seq.pdbx_PDB_id_code 
_struct_ref_seq.pdbx_strand_id 
_struct_ref_seq.seq_align_beg 
_struct_ref_seq.pdbx_seq_align_beg_ins_code 
_struct_ref_seq.seq_align_end 
_struct_ref_seq.pdbx_seq_align_end_ins_code 
_struct_ref_seq.pdbx_db_accession 
_struct_ref_seq.db_align_beg 
_struct_ref_seq.pdbx_db_align_beg_ins_code 
_struct_ref_seq.db_align_end 
_struct_ref_seq.pdbx_db_align_end_ins_code 
_struct_ref_seq.pdbx_auth_seq_align_beg 
_struct_ref_seq.pdbx_auth_seq_align_end 
1 1 3LJM A 1 ? 31 ? 3LJM 0 ? 30 ? 0 30 
2 1 3LJM B 1 ? 31 ? 3LJM 0 ? 30 ? 0 30 
3 1 3LJM C 1 ? 31 ? 3LJM 0 ? 30 ? 0 30 
# 
_pdbx_struct_assembly.id                   1 
_pdbx_struct_assembly.details              author_defined_assembly 
_pdbx_struct_assembly.method_details       ? 
_pdbx_struct_assembly.oligomeric_details   trimeric 
_pdbx_struct_assembly.oligomeric_count     3 
# 
_pdbx_struct_assembly_gen.assembly_id       1 
_pdbx_struct_assembly_gen.oper_expression   1 
_pdbx_struct_assembly_gen.asym_id_list      A,B,C,D,E,F,G,H,I,J,K,L,M,N,O 
# 
_pdbx_struct_oper_list.id                   1 
_pdbx_struct_oper_list.type                 'identity operation' 
_pdbx_struct_oper_list.name                 1_555 
_pdbx_struct_oper_list.symmetry_operation   x,y,z 
_pdbx_struct_oper_list.matrix[1][1]         1.0000000000 
_pdbx_struct_oper_list.matrix[1][2]         0.0000000000 
_pdbx_struct_oper_list.matrix[1][3]         0.0000000000 
_pdbx_struct_oper_list.vector[1]            0.0000000000 
_pdbx_struct_oper_list.matrix[2][1]         0.0000000000 
_pdbx_struct_oper_list.matrix[2][2]         1.0000000000 
_pdbx_struct_oper_list.matrix[2][3]         0.0000000000 
_pdbx_struct_oper_list.vector[2]            0.0000000000 
_pdbx_struct_oper_list.matrix[3][1]         0.0000000000 
_pdbx_struct_oper_list.matrix[3][2]         0.0000000000 
_pdbx_struct_oper_list.matrix[3][3]         1.0000000000 
_pdbx_struct_oper_list.vector[3]            0.0000000000 
# 
_struct_biol.id        1 
_struct_biol.details   ? 
# 
loop_
_struct_conf.conf_type_id 
_struct_conf.id 
_struct_conf.pdbx_PDB_helix_id 
_struct_conf.beg_label_comp_id 
_struct_conf.beg_label_asym_id 
_struct_conf.beg_label_seq_id 
_struct_conf.pdbx_beg_PDB_ins_code 
_struct_conf.end_label_comp_id 
_struct_conf.end_label_asym_id 
_struct_conf.end_label_seq_id 
_struct_conf.pdbx_end_PDB_ins_code 
_struct_conf.beg_auth_comp_id 
_struct_conf.beg_auth_asym_id 
_struct_conf.beg_auth_seq_id 
_struct_conf.end_auth_comp_id 
_struct_conf.end_auth_asym_id 
_struct_conf.end_auth_seq_id 
_struct_conf.pdbx_PDB_helix_class 
_struct_conf.details 
_struct_conf.pdbx_PDB_helix_length 
HELX_P HELX_P1 1 GLU A 2 ? HIS A 29 ? GLU A 1 HIS A 28 1 ? 28 
HELX_P HELX_P2 2 GLU B 2 ? GLY B 30 ? GLU B 1 GLY B 29 1 ? 29 
HELX_P HELX_P3 3 GLU C 2 ? HIS C 29 ? GLU C 1 HIS C 28 1 ? 28 
# 
_struct_conf_type.id          HELX_P 
_struct_conf_type.criteria    ? 
_struct_conf_type.reference   ? 
# 
loop_
_struct_conn.id 
_struct_conn.conn_type_id 
_struct_conn.pdbx_leaving_atom_flag 
_struct_conn.pdbx_PDB_id 
_struct_conn.ptnr1_label_asym_id 
_struct_conn.ptnr1_label_comp_id 
_struct_conn.ptnr1_label_seq_id 
_struct_conn.ptnr1_label_atom_id 
_struct_conn.pdbx_ptnr1_label_alt_id 
_struct_conn.pdbx_ptnr1_PDB_ins_code 
_struct_conn.pdbx_ptnr1_standard_comp_id 
_struct_conn.ptnr1_symmetry 
_struct_conn.ptnr2_label_asym_id 
_struct_conn.ptnr2_label_comp_id 
_struct_conn.ptnr2_label_seq_id 
_struct_conn.ptnr2_label_atom_id 
_struct_conn.pdbx_ptnr2_label_alt_id 
_struct_conn.pdbx_ptnr2_PDB_ins_code 
_struct_conn.ptnr1_auth_asym_id 
_struct_conn.ptnr1_auth_comp_id 
_struct_conn.ptnr1_auth_seq_id 
_struct_conn.ptnr2_auth_asym_id 
_struct_conn.ptnr2_auth_comp_id 
_struct_conn.ptnr2_auth_seq_id 
_struct_conn.ptnr2_symmetry 
_struct_conn.pdbx_ptnr3_label_atom_id 
_struct_conn.pdbx_ptnr3_label_seq_id 
_struct_conn.pdbx_ptnr3_label_comp_id 
_struct_conn.pdbx_ptnr3_label_asym_id 
_struct_conn.pdbx_ptnr3_label_alt_id 
_struct_conn.pdbx_ptnr3_PDB_ins_code 
_struct_conn.details 
_struct_conn.pdbx_dist_value 
_struct_conn.pdbx_value_order 
_struct_conn.pdbx_role 
metalc1  metalc ? ? A GLU 2  OE2 ? ? ? 1_555 K CA  . CA  ? ? A GLU 1  B CA  34 1_555 ? ? ? ? ? ? ? 2.457 ? ? 
metalc2  metalc ? ? A GLU 7  OE1 ? ? ? 1_555 E ZN  . ZN  ? ? A GLU 6  A ZN  32 1_555 ? ? ? ? ? ? ? 2.282 ? ? 
metalc3  metalc ? ? A GLU 7  OE2 ? ? ? 1_555 E ZN  . ZN  ? ? A GLU 6  A ZN  32 1_555 ? ? ? ? ? ? ? 2.627 ? ? 
metalc4  metalc ? ? A HIS 29 NE2 ? ? ? 1_555 D ZN  . ZN  ? ? A HIS 28 A ZN  31 1_555 ? ? ? ? ? ? ? 2.042 ? ? 
metalc5  metalc ? ? E ZN  .  ZN  ? ? ? 1_555 M HOH . O   ? ? A ZN  32 A HOH 43 1_555 ? ? ? ? ? ? ? 2.315 ? ? 
metalc6  metalc ? ? E ZN  .  ZN  ? ? ? 1_555 M HOH . O   ? ? A ZN  32 A HOH 55 1_555 ? ? ? ? ? ? ? 2.308 ? ? 
metalc7  metalc ? ? B GLU 2  OE2 ? ? ? 1_555 I ZN  . ZN  ? ? B GLU 1  B ZN  32 1_555 ? ? ? ? ? ? ? 1.986 ? ? 
metalc8  metalc ? ? B GLU 2  OE1 ? ? ? 1_555 I ZN  . ZN  ? ? B GLU 1  B ZN  32 1_555 ? ? ? ? ? ? ? 2.688 ? ? 
metalc9  metalc ? ? B GLU 7  OE1 ? ? ? 1_555 K CA  . CA  ? ? B GLU 6  B CA  34 1_555 ? ? ? ? ? ? ? 2.776 ? ? 
metalc10 metalc ? ? B GLU 7  OE2 ? ? ? 1_555 K CA  . CA  ? ? B GLU 6  B CA  34 1_555 ? ? ? ? ? ? ? 2.840 ? ? 
metalc11 metalc ? ? B GLU 25 OE2 ? ? ? 1_555 H ZN  . ZN  ? ? B GLU 24 B ZN  31 1_555 ? ? ? ? ? ? ? 1.961 ? ? 
metalc12 metalc ? ? B HIS 29 NE2 ? ? ? 1_555 H ZN  . ZN  ? ? B HIS 28 B ZN  31 1_555 ? ? ? ? ? ? ? 1.978 ? ? 
metalc13 metalc ? ? B HIS 29 ND1 ? ? ? 1_555 J ZN  . ZN  ? ? B HIS 28 B ZN  33 1_555 ? ? ? ? ? ? ? 2.130 ? ? 
metalc14 metalc ? ? H ZN  .  ZN  ? ? ? 1_555 N HOH . O   ? ? B ZN  31 B HOH 37 1_555 ? ? ? ? ? ? ? 1.996 ? ? 
metalc15 metalc ? ? I ZN  .  ZN  ? ? ? 1_555 C GLU 7 OE2 ? ? B ZN  32 C GLU 6  1_555 ? ? ? ? ? ? ? 2.056 ? ? 
# 
_struct_conn_type.id          metalc 
_struct_conn_type.criteria    ? 
_struct_conn_type.reference   ? 
# 
loop_
_pdbx_struct_conn_angle.id 
_pdbx_struct_conn_angle.ptnr1_label_atom_id 
_pdbx_struct_conn_angle.ptnr1_label_alt_id 
_pdbx_struct_conn_angle.ptnr1_label_asym_id 
_pdbx_struct_conn_angle.ptnr1_label_comp_id 
_pdbx_struct_conn_angle.ptnr1_label_seq_id 
_pdbx_struct_conn_angle.ptnr1_auth_atom_id 
_pdbx_struct_conn_angle.ptnr1_auth_asym_id 
_pdbx_struct_conn_angle.ptnr1_auth_comp_id 
_pdbx_struct_conn_angle.ptnr1_auth_seq_id 
_pdbx_struct_conn_angle.ptnr1_PDB_ins_code 
_pdbx_struct_conn_angle.ptnr1_symmetry 
_pdbx_struct_conn_angle.ptnr2_label_atom_id 
_pdbx_struct_conn_angle.ptnr2_label_alt_id 
_pdbx_struct_conn_angle.ptnr2_label_asym_id 
_pdbx_struct_conn_angle.ptnr2_label_comp_id 
_pdbx_struct_conn_angle.ptnr2_label_seq_id 
_pdbx_struct_conn_angle.ptnr2_auth_atom_id 
_pdbx_struct_conn_angle.ptnr2_auth_asym_id 
_pdbx_struct_conn_angle.ptnr2_auth_comp_id 
_pdbx_struct_conn_angle.ptnr2_auth_seq_id 
_pdbx_struct_conn_angle.ptnr2_PDB_ins_code 
_pdbx_struct_conn_angle.ptnr2_symmetry 
_pdbx_struct_conn_angle.ptnr3_label_atom_id 
_pdbx_struct_conn_angle.ptnr3_label_alt_id 
_pdbx_struct_conn_angle.ptnr3_label_asym_id 
_pdbx_struct_conn_angle.ptnr3_label_comp_id 
_pdbx_struct_conn_angle.ptnr3_label_seq_id 
_pdbx_struct_conn_angle.ptnr3_auth_atom_id 
_pdbx_struct_conn_angle.ptnr3_auth_asym_id 
_pdbx_struct_conn_angle.ptnr3_auth_comp_id 
_pdbx_struct_conn_angle.ptnr3_auth_seq_id 
_pdbx_struct_conn_angle.ptnr3_PDB_ins_code 
_pdbx_struct_conn_angle.ptnr3_symmetry 
_pdbx_struct_conn_angle.value 
_pdbx_struct_conn_angle.value_esd 
1  OE2 ? A GLU 2  ? A GLU 1  ? 1_555 CA ? K CA . ? B CA 34 ? 1_555 OE1 ? B GLU 7  ? B GLU 6  ? 1_555 107.1 ? 
2  OE2 ? A GLU 2  ? A GLU 1  ? 1_555 CA ? K CA . ? B CA 34 ? 1_555 OE2 ? B GLU 7  ? B GLU 6  ? 1_555 61.9  ? 
3  OE1 ? B GLU 7  ? B GLU 6  ? 1_555 CA ? K CA . ? B CA 34 ? 1_555 OE2 ? B GLU 7  ? B GLU 6  ? 1_555 46.2  ? 
4  OE1 ? A GLU 7  ? A GLU 6  ? 1_555 ZN ? E ZN . ? A ZN 32 ? 1_555 OE2 ? A GLU 7  ? A GLU 6  ? 1_555 53.3  ? 
5  OE1 ? A GLU 7  ? A GLU 6  ? 1_555 ZN ? E ZN . ? A ZN 32 ? 1_555 O   ? M HOH .  ? A HOH 43 ? 1_555 107.5 ? 
6  OE2 ? A GLU 7  ? A GLU 6  ? 1_555 ZN ? E ZN . ? A ZN 32 ? 1_555 O   ? M HOH .  ? A HOH 43 ? 1_555 155.7 ? 
7  OE1 ? A GLU 7  ? A GLU 6  ? 1_555 ZN ? E ZN . ? A ZN 32 ? 1_555 O   ? M HOH .  ? A HOH 55 ? 1_555 49.6  ? 
8  OE2 ? A GLU 7  ? A GLU 6  ? 1_555 ZN ? E ZN . ? A ZN 32 ? 1_555 O   ? M HOH .  ? A HOH 55 ? 1_555 86.3  ? 
9  O   ? M HOH .  ? A HOH 43 ? 1_555 ZN ? E ZN . ? A ZN 32 ? 1_555 O   ? M HOH .  ? A HOH 55 ? 1_555 90.3  ? 
10 OE2 ? B GLU 2  ? B GLU 1  ? 1_555 ZN ? I ZN . ? B ZN 32 ? 1_555 OE1 ? B GLU 2  ? B GLU 1  ? 1_555 54.1  ? 
11 OE2 ? B GLU 2  ? B GLU 1  ? 1_555 ZN ? I ZN . ? B ZN 32 ? 1_555 OE2 ? C GLU 7  ? C GLU 6  ? 1_555 101.1 ? 
12 OE1 ? B GLU 2  ? B GLU 1  ? 1_555 ZN ? I ZN . ? B ZN 32 ? 1_555 OE2 ? C GLU 7  ? C GLU 6  ? 1_555 145.6 ? 
13 OE2 ? B GLU 25 ? B GLU 24 ? 1_555 ZN ? H ZN . ? B ZN 31 ? 1_555 NE2 ? B HIS 29 ? B HIS 28 ? 1_555 97.0  ? 
14 OE2 ? B GLU 25 ? B GLU 24 ? 1_555 ZN ? H ZN . ? B ZN 31 ? 1_555 O   ? N HOH .  ? B HOH 37 ? 1_555 102.0 ? 
15 NE2 ? B HIS 29 ? B HIS 28 ? 1_555 ZN ? H ZN . ? B ZN 31 ? 1_555 O   ? N HOH .  ? B HOH 37 ? 1_555 118.5 ? 
# 
loop_
_struct_site.id 
_struct_site.pdbx_evidence_code 
_struct_site.pdbx_auth_asym_id 
_struct_site.pdbx_auth_comp_id 
_struct_site.pdbx_auth_seq_id 
_struct_site.pdbx_auth_ins_code 
_struct_site.pdbx_num_residues 
_struct_site.details 
AC1 Software A ZN  31 ? 4 'BINDING SITE FOR RESIDUE ZN A 31'  
AC2 Software A ZN  32 ? 5 'BINDING SITE FOR RESIDUE ZN A 32'  
AC3 Software A EDO 33 ? 4 'BINDING SITE FOR RESIDUE EDO A 33' 
AC4 Software A EDO 34 ? 1 'BINDING SITE FOR RESIDUE EDO A 34' 
AC5 Software B ZN  31 ? 5 'BINDING SITE FOR RESIDUE ZN B 31'  
AC6 Software B ZN  32 ? 4 'BINDING SITE FOR RESIDUE ZN B 32'  
AC7 Software B ZN  33 ? 3 'BINDING SITE FOR RESIDUE ZN B 33'  
AC8 Software B CA  34 ? 3 'BINDING SITE FOR RESIDUE CA B 34'  
AC9 Software C EDO 31 ? 4 'BINDING SITE FOR RESIDUE EDO C 31' 
# 
loop_
_struct_site_gen.id 
_struct_site_gen.site_id 
_struct_site_gen.pdbx_num_res 
_struct_site_gen.label_comp_id 
_struct_site_gen.label_asym_id 
_struct_site_gen.label_seq_id 
_struct_site_gen.pdbx_auth_ins_code 
_struct_site_gen.auth_comp_id 
_struct_site_gen.auth_asym_id 
_struct_site_gen.auth_seq_id 
_struct_site_gen.label_atom_id 
_struct_site_gen.label_alt_id 
_struct_site_gen.symmetry 
_struct_site_gen.details 
1  AC1 4 HIS A 29 ? HIS A 28 . ? 1_555 ? 
2  AC1 4 GLU B 4  ? GLU B 3  . ? 1_554 ? 
3  AC1 4 GLU B 21 ? GLU B 20 . ? 4_545 ? 
4  AC1 4 GLU B 25 ? GLU B 24 . ? 4_545 ? 
5  AC2 5 TRP A 3  ? TRP A 2  . ? 1_555 ? 
6  AC2 5 GLU A 7  ? GLU A 6  . ? 1_555 ? 
7  AC2 5 HOH M .  ? HOH A 43 . ? 1_555 ? 
8  AC2 5 HOH M .  ? HOH A 55 . ? 1_555 ? 
9  AC2 5 HIS C 29 ? HIS C 28 . ? 3_455 ? 
10 AC3 4 GLU A 21 ? GLU A 20 . ? 1_555 ? 
11 AC3 4 HOH M .  ? HOH A 41 . ? 1_555 ? 
12 AC3 4 HIS B 29 ? HIS B 28 . ? 4_545 ? 
13 AC3 4 ZN  J .  ? ZN  B 33 . ? 4_545 ? 
14 AC4 1 GLY A 30 ? GLY A 29 . ? 1_555 ? 
15 AC5 5 GLU A 25 ? GLU A 24 . ? 4_555 ? 
16 AC5 5 GLU B 25 ? GLU B 24 . ? 1_555 ? 
17 AC5 5 GLU B 28 ? GLU B 27 . ? 1_555 ? 
18 AC5 5 HIS B 29 ? HIS B 28 . ? 1_555 ? 
19 AC5 5 HOH N .  ? HOH B 37 . ? 1_555 ? 
20 AC6 4 GLU B 2  ? GLU B 1  . ? 1_555 ? 
21 AC6 4 LYS B 22 ? LYS B 21 . ? 4_546 ? 
22 AC6 4 GLU C 7  ? GLU C 6  . ? 1_555 ? 
23 AC6 4 HOH O .  ? HOH C 36 . ? 1_555 ? 
24 AC7 3 GLU A 21 ? GLU A 20 . ? 4_555 ? 
25 AC7 3 EDO F .  ? EDO A 33 . ? 4_555 ? 
26 AC7 3 HIS B 29 ? HIS B 28 . ? 1_555 ? 
27 AC8 3 GLU A 2  ? GLU A 1  . ? 1_555 ? 
28 AC8 3 GLU B 7  ? GLU B 6  . ? 1_555 ? 
29 AC8 3 GLU C 25 ? GLU C 24 . ? 4_556 ? 
30 AC9 4 LYS C 8  ? LYS C 7  . ? 1_555 ? 
31 AC9 4 LYS C 9  ? LYS C 8  . ? 1_555 ? 
32 AC9 4 ALA C 12 ? ALA C 11 . ? 1_555 ? 
33 AC9 4 HOH O .  ? HOH C 43 . ? 1_555 ? 
# 
_pdbx_entry_details.entry_id                   3LJM 
_pdbx_entry_details.compound_details           ? 
_pdbx_entry_details.source_details             ? 
_pdbx_entry_details.nonpolymer_details         ? 
_pdbx_entry_details.sequence_details           ? 
_pdbx_entry_details.has_ligand_of_interest     ? 
_pdbx_entry_details.has_protein_modification   N 
# 
loop_
_pdbx_validate_close_contact.id 
_pdbx_validate_close_contact.PDB_model_num 
_pdbx_validate_close_contact.auth_atom_id_1 
_pdbx_validate_close_contact.auth_asym_id_1 
_pdbx_validate_close_contact.auth_comp_id_1 
_pdbx_validate_close_contact.auth_seq_id_1 
_pdbx_validate_close_contact.PDB_ins_code_1 
_pdbx_validate_close_contact.label_alt_id_1 
_pdbx_validate_close_contact.auth_atom_id_2 
_pdbx_validate_close_contact.auth_asym_id_2 
_pdbx_validate_close_contact.auth_comp_id_2 
_pdbx_validate_close_contact.auth_seq_id_2 
_pdbx_validate_close_contact.PDB_ins_code_2 
_pdbx_validate_close_contact.label_alt_id_2 
_pdbx_validate_close_contact.dist 
1 1 OE1 A GLU 6 ? ? O   A HOH 55 ? ? 1.92 
2 1 CE3 B TRP 2 ? ? CH2 C TRP 2  ? ? 2.10 
# 
_pdbx_validate_symm_contact.id                1 
_pdbx_validate_symm_contact.PDB_model_num     1 
_pdbx_validate_symm_contact.auth_atom_id_1    OE2 
_pdbx_validate_symm_contact.auth_asym_id_1    A 
_pdbx_validate_symm_contact.auth_comp_id_1    GLU 
_pdbx_validate_symm_contact.auth_seq_id_1     27 
_pdbx_validate_symm_contact.PDB_ins_code_1    ? 
_pdbx_validate_symm_contact.label_alt_id_1    A 
_pdbx_validate_symm_contact.site_symmetry_1   1_555 
_pdbx_validate_symm_contact.auth_atom_id_2    O 
_pdbx_validate_symm_contact.auth_asym_id_2    B 
_pdbx_validate_symm_contact.auth_comp_id_2    HOH 
_pdbx_validate_symm_contact.auth_seq_id_2     49 
_pdbx_validate_symm_contact.PDB_ins_code_2    ? 
_pdbx_validate_symm_contact.label_alt_id_2    ? 
_pdbx_validate_symm_contact.site_symmetry_2   4_545 
_pdbx_validate_symm_contact.dist              2.12 
# 
loop_
_pdbx_validate_rmsd_angle.id 
_pdbx_validate_rmsd_angle.PDB_model_num 
_pdbx_validate_rmsd_angle.auth_atom_id_1 
_pdbx_validate_rmsd_angle.auth_asym_id_1 
_pdbx_validate_rmsd_angle.auth_comp_id_1 
_pdbx_validate_rmsd_angle.auth_seq_id_1 
_pdbx_validate_rmsd_angle.PDB_ins_code_1 
_pdbx_validate_rmsd_angle.label_alt_id_1 
_pdbx_validate_rmsd_angle.auth_atom_id_2 
_pdbx_validate_rmsd_angle.auth_asym_id_2 
_pdbx_validate_rmsd_angle.auth_comp_id_2 
_pdbx_validate_rmsd_angle.auth_seq_id_2 
_pdbx_validate_rmsd_angle.PDB_ins_code_2 
_pdbx_validate_rmsd_angle.label_alt_id_2 
_pdbx_validate_rmsd_angle.auth_atom_id_3 
_pdbx_validate_rmsd_angle.auth_asym_id_3 
_pdbx_validate_rmsd_angle.auth_comp_id_3 
_pdbx_validate_rmsd_angle.auth_seq_id_3 
_pdbx_validate_rmsd_angle.PDB_ins_code_3 
_pdbx_validate_rmsd_angle.label_alt_id_3 
_pdbx_validate_rmsd_angle.angle_value 
_pdbx_validate_rmsd_angle.angle_target_value 
_pdbx_validate_rmsd_angle.angle_deviation 
_pdbx_validate_rmsd_angle.angle_standard_deviation 
_pdbx_validate_rmsd_angle.linker_flag 
1 1 CA C GLY 29 ? ? C C GLY 29 ? ? N C NH2 30 ? ? 96.38 117.20 -20.82 2.20 Y 
2 1 O  C GLY 29 ? ? C C GLY 29 ? ? N C NH2 30 ? ? 96.68 122.70 -26.02 1.60 Y 
# 
_pdbx_struct_special_symmetry.id              1 
_pdbx_struct_special_symmetry.PDB_model_num   1 
_pdbx_struct_special_symmetry.auth_asym_id    A 
_pdbx_struct_special_symmetry.auth_comp_id    HOH 
_pdbx_struct_special_symmetry.auth_seq_id     39 
_pdbx_struct_special_symmetry.PDB_ins_code    ? 
_pdbx_struct_special_symmetry.label_asym_id   M 
_pdbx_struct_special_symmetry.label_comp_id   HOH 
_pdbx_struct_special_symmetry.label_seq_id    . 
# 
loop_
_chem_comp_atom.comp_id 
_chem_comp_atom.atom_id 
_chem_comp_atom.type_symbol 
_chem_comp_atom.pdbx_aromatic_flag 
_chem_comp_atom.pdbx_stereo_config 
_chem_comp_atom.pdbx_ordinal 
ACE C    C  N N 1   
ACE O    O  N N 2   
ACE CH3  C  N N 3   
ACE H    H  N N 4   
ACE H1   H  N N 5   
ACE H2   H  N N 6   
ACE H3   H  N N 7   
ALA N    N  N N 8   
ALA CA   C  N S 9   
ALA C    C  N N 10  
ALA O    O  N N 11  
ALA CB   C  N N 12  
ALA OXT  O  N N 13  
ALA H    H  N N 14  
ALA H2   H  N N 15  
ALA HA   H  N N 16  
ALA HB1  H  N N 17  
ALA HB2  H  N N 18  
ALA HB3  H  N N 19  
ALA HXT  H  N N 20  
CA  CA   CA N N 21  
CYS N    N  N N 22  
CYS CA   C  N R 23  
CYS C    C  N N 24  
CYS O    O  N N 25  
CYS CB   C  N N 26  
CYS SG   S  N N 27  
CYS OXT  O  N N 28  
CYS H    H  N N 29  
CYS H2   H  N N 30  
CYS HA   H  N N 31  
CYS HB2  H  N N 32  
CYS HB3  H  N N 33  
CYS HG   H  N N 34  
CYS HXT  H  N N 35  
EDO C1   C  N N 36  
EDO O1   O  N N 37  
EDO C2   C  N N 38  
EDO O2   O  N N 39  
EDO H11  H  N N 40  
EDO H12  H  N N 41  
EDO HO1  H  N N 42  
EDO H21  H  N N 43  
EDO H22  H  N N 44  
EDO HO2  H  N N 45  
GLN N    N  N N 46  
GLN CA   C  N S 47  
GLN C    C  N N 48  
GLN O    O  N N 49  
GLN CB   C  N N 50  
GLN CG   C  N N 51  
GLN CD   C  N N 52  
GLN OE1  O  N N 53  
GLN NE2  N  N N 54  
GLN OXT  O  N N 55  
GLN H    H  N N 56  
GLN H2   H  N N 57  
GLN HA   H  N N 58  
GLN HB2  H  N N 59  
GLN HB3  H  N N 60  
GLN HG2  H  N N 61  
GLN HG3  H  N N 62  
GLN HE21 H  N N 63  
GLN HE22 H  N N 64  
GLN HXT  H  N N 65  
GLU N    N  N N 66  
GLU CA   C  N S 67  
GLU C    C  N N 68  
GLU O    O  N N 69  
GLU CB   C  N N 70  
GLU CG   C  N N 71  
GLU CD   C  N N 72  
GLU OE1  O  N N 73  
GLU OE2  O  N N 74  
GLU OXT  O  N N 75  
GLU H    H  N N 76  
GLU H2   H  N N 77  
GLU HA   H  N N 78  
GLU HB2  H  N N 79  
GLU HB3  H  N N 80  
GLU HG2  H  N N 81  
GLU HG3  H  N N 82  
GLU HE2  H  N N 83  
GLU HXT  H  N N 84  
GLY N    N  N N 85  
GLY CA   C  N N 86  
GLY C    C  N N 87  
GLY O    O  N N 88  
GLY OXT  O  N N 89  
GLY H    H  N N 90  
GLY H2   H  N N 91  
GLY HA2  H  N N 92  
GLY HA3  H  N N 93  
GLY HXT  H  N N 94  
HIS N    N  N N 95  
HIS CA   C  N S 96  
HIS C    C  N N 97  
HIS O    O  N N 98  
HIS CB   C  N N 99  
HIS CG   C  Y N 100 
HIS ND1  N  Y N 101 
HIS CD2  C  Y N 102 
HIS CE1  C  Y N 103 
HIS NE2  N  Y N 104 
HIS OXT  O  N N 105 
HIS H    H  N N 106 
HIS H2   H  N N 107 
HIS HA   H  N N 108 
HIS HB2  H  N N 109 
HIS HB3  H  N N 110 
HIS HD1  H  N N 111 
HIS HD2  H  N N 112 
HIS HE1  H  N N 113 
HIS HE2  H  N N 114 
HIS HXT  H  N N 115 
HOH O    O  N N 116 
HOH H1   H  N N 117 
HOH H2   H  N N 118 
LEU N    N  N N 119 
LEU CA   C  N S 120 
LEU C    C  N N 121 
LEU O    O  N N 122 
LEU CB   C  N N 123 
LEU CG   C  N N 124 
LEU CD1  C  N N 125 
LEU CD2  C  N N 126 
LEU OXT  O  N N 127 
LEU H    H  N N 128 
LEU H2   H  N N 129 
LEU HA   H  N N 130 
LEU HB2  H  N N 131 
LEU HB3  H  N N 132 
LEU HG   H  N N 133 
LEU HD11 H  N N 134 
LEU HD12 H  N N 135 
LEU HD13 H  N N 136 
LEU HD21 H  N N 137 
LEU HD22 H  N N 138 
LEU HD23 H  N N 139 
LEU HXT  H  N N 140 
LYS N    N  N N 141 
LYS CA   C  N S 142 
LYS C    C  N N 143 
LYS O    O  N N 144 
LYS CB   C  N N 145 
LYS CG   C  N N 146 
LYS CD   C  N N 147 
LYS CE   C  N N 148 
LYS NZ   N  N N 149 
LYS OXT  O  N N 150 
LYS H    H  N N 151 
LYS H2   H  N N 152 
LYS HA   H  N N 153 
LYS HB2  H  N N 154 
LYS HB3  H  N N 155 
LYS HG2  H  N N 156 
LYS HG3  H  N N 157 
LYS HD2  H  N N 158 
LYS HD3  H  N N 159 
LYS HE2  H  N N 160 
LYS HE3  H  N N 161 
LYS HZ1  H  N N 162 
LYS HZ2  H  N N 163 
LYS HZ3  H  N N 164 
LYS HXT  H  N N 165 
NH2 N    N  N N 166 
NH2 HN1  H  N N 167 
NH2 HN2  H  N N 168 
SER N    N  N N 169 
SER CA   C  N S 170 
SER C    C  N N 171 
SER O    O  N N 172 
SER CB   C  N N 173 
SER OG   O  N N 174 
SER OXT  O  N N 175 
SER H    H  N N 176 
SER H2   H  N N 177 
SER HA   H  N N 178 
SER HB2  H  N N 179 
SER HB3  H  N N 180 
SER HG   H  N N 181 
SER HXT  H  N N 182 
TRP N    N  N N 183 
TRP CA   C  N S 184 
TRP C    C  N N 185 
TRP O    O  N N 186 
TRP CB   C  N N 187 
TRP CG   C  Y N 188 
TRP CD1  C  Y N 189 
TRP CD2  C  Y N 190 
TRP NE1  N  Y N 191 
TRP CE2  C  Y N 192 
TRP CE3  C  Y N 193 
TRP CZ2  C  Y N 194 
TRP CZ3  C  Y N 195 
TRP CH2  C  Y N 196 
TRP OXT  O  N N 197 
TRP H    H  N N 198 
TRP H2   H  N N 199 
TRP HA   H  N N 200 
TRP HB2  H  N N 201 
TRP HB3  H  N N 202 
TRP HD1  H  N N 203 
TRP HE1  H  N N 204 
TRP HE3  H  N N 205 
TRP HZ2  H  N N 206 
TRP HZ3  H  N N 207 
TRP HH2  H  N N 208 
TRP HXT  H  N N 209 
ZN  ZN   ZN N N 210 
# 
loop_
_chem_comp_bond.comp_id 
_chem_comp_bond.atom_id_1 
_chem_comp_bond.atom_id_2 
_chem_comp_bond.value_order 
_chem_comp_bond.pdbx_aromatic_flag 
_chem_comp_bond.pdbx_stereo_config 
_chem_comp_bond.pdbx_ordinal 
ACE C   O    doub N N 1   
ACE C   CH3  sing N N 2   
ACE C   H    sing N N 3   
ACE CH3 H1   sing N N 4   
ACE CH3 H2   sing N N 5   
ACE CH3 H3   sing N N 6   
ALA N   CA   sing N N 7   
ALA N   H    sing N N 8   
ALA N   H2   sing N N 9   
ALA CA  C    sing N N 10  
ALA CA  CB   sing N N 11  
ALA CA  HA   sing N N 12  
ALA C   O    doub N N 13  
ALA C   OXT  sing N N 14  
ALA CB  HB1  sing N N 15  
ALA CB  HB2  sing N N 16  
ALA CB  HB3  sing N N 17  
ALA OXT HXT  sing N N 18  
CYS N   CA   sing N N 19  
CYS N   H    sing N N 20  
CYS N   H2   sing N N 21  
CYS CA  C    sing N N 22  
CYS CA  CB   sing N N 23  
CYS CA  HA   sing N N 24  
CYS C   O    doub N N 25  
CYS C   OXT  sing N N 26  
CYS CB  SG   sing N N 27  
CYS CB  HB2  sing N N 28  
CYS CB  HB3  sing N N 29  
CYS SG  HG   sing N N 30  
CYS OXT HXT  sing N N 31  
EDO C1  O1   sing N N 32  
EDO C1  C2   sing N N 33  
EDO C1  H11  sing N N 34  
EDO C1  H12  sing N N 35  
EDO O1  HO1  sing N N 36  
EDO C2  O2   sing N N 37  
EDO C2  H21  sing N N 38  
EDO C2  H22  sing N N 39  
EDO O2  HO2  sing N N 40  
GLN N   CA   sing N N 41  
GLN N   H    sing N N 42  
GLN N   H2   sing N N 43  
GLN CA  C    sing N N 44  
GLN CA  CB   sing N N 45  
GLN CA  HA   sing N N 46  
GLN C   O    doub N N 47  
GLN C   OXT  sing N N 48  
GLN CB  CG   sing N N 49  
GLN CB  HB2  sing N N 50  
GLN CB  HB3  sing N N 51  
GLN CG  CD   sing N N 52  
GLN CG  HG2  sing N N 53  
GLN CG  HG3  sing N N 54  
GLN CD  OE1  doub N N 55  
GLN CD  NE2  sing N N 56  
GLN NE2 HE21 sing N N 57  
GLN NE2 HE22 sing N N 58  
GLN OXT HXT  sing N N 59  
GLU N   CA   sing N N 60  
GLU N   H    sing N N 61  
GLU N   H2   sing N N 62  
GLU CA  C    sing N N 63  
GLU CA  CB   sing N N 64  
GLU CA  HA   sing N N 65  
GLU C   O    doub N N 66  
GLU C   OXT  sing N N 67  
GLU CB  CG   sing N N 68  
GLU CB  HB2  sing N N 69  
GLU CB  HB3  sing N N 70  
GLU CG  CD   sing N N 71  
GLU CG  HG2  sing N N 72  
GLU CG  HG3  sing N N 73  
GLU CD  OE1  doub N N 74  
GLU CD  OE2  sing N N 75  
GLU OE2 HE2  sing N N 76  
GLU OXT HXT  sing N N 77  
GLY N   CA   sing N N 78  
GLY N   H    sing N N 79  
GLY N   H2   sing N N 80  
GLY CA  C    sing N N 81  
GLY CA  HA2  sing N N 82  
GLY CA  HA3  sing N N 83  
GLY C   O    doub N N 84  
GLY C   OXT  sing N N 85  
GLY OXT HXT  sing N N 86  
HIS N   CA   sing N N 87  
HIS N   H    sing N N 88  
HIS N   H2   sing N N 89  
HIS CA  C    sing N N 90  
HIS CA  CB   sing N N 91  
HIS CA  HA   sing N N 92  
HIS C   O    doub N N 93  
HIS C   OXT  sing N N 94  
HIS CB  CG   sing N N 95  
HIS CB  HB2  sing N N 96  
HIS CB  HB3  sing N N 97  
HIS CG  ND1  sing Y N 98  
HIS CG  CD2  doub Y N 99  
HIS ND1 CE1  doub Y N 100 
HIS ND1 HD1  sing N N 101 
HIS CD2 NE2  sing Y N 102 
HIS CD2 HD2  sing N N 103 
HIS CE1 NE2  sing Y N 104 
HIS CE1 HE1  sing N N 105 
HIS NE2 HE2  sing N N 106 
HIS OXT HXT  sing N N 107 
HOH O   H1   sing N N 108 
HOH O   H2   sing N N 109 
LEU N   CA   sing N N 110 
LEU N   H    sing N N 111 
LEU N   H2   sing N N 112 
LEU CA  C    sing N N 113 
LEU CA  CB   sing N N 114 
LEU CA  HA   sing N N 115 
LEU C   O    doub N N 116 
LEU C   OXT  sing N N 117 
LEU CB  CG   sing N N 118 
LEU CB  HB2  sing N N 119 
LEU CB  HB3  sing N N 120 
LEU CG  CD1  sing N N 121 
LEU CG  CD2  sing N N 122 
LEU CG  HG   sing N N 123 
LEU CD1 HD11 sing N N 124 
LEU CD1 HD12 sing N N 125 
LEU CD1 HD13 sing N N 126 
LEU CD2 HD21 sing N N 127 
LEU CD2 HD22 sing N N 128 
LEU CD2 HD23 sing N N 129 
LEU OXT HXT  sing N N 130 
LYS N   CA   sing N N 131 
LYS N   H    sing N N 132 
LYS N   H2   sing N N 133 
LYS CA  C    sing N N 134 
LYS CA  CB   sing N N 135 
LYS CA  HA   sing N N 136 
LYS C   O    doub N N 137 
LYS C   OXT  sing N N 138 
LYS CB  CG   sing N N 139 
LYS CB  HB2  sing N N 140 
LYS CB  HB3  sing N N 141 
LYS CG  CD   sing N N 142 
LYS CG  HG2  sing N N 143 
LYS CG  HG3  sing N N 144 
LYS CD  CE   sing N N 145 
LYS CD  HD2  sing N N 146 
LYS CD  HD3  sing N N 147 
LYS CE  NZ   sing N N 148 
LYS CE  HE2  sing N N 149 
LYS CE  HE3  sing N N 150 
LYS NZ  HZ1  sing N N 151 
LYS NZ  HZ2  sing N N 152 
LYS NZ  HZ3  sing N N 153 
LYS OXT HXT  sing N N 154 
NH2 N   HN1  sing N N 155 
NH2 N   HN2  sing N N 156 
SER N   CA   sing N N 157 
SER N   H    sing N N 158 
SER N   H2   sing N N 159 
SER CA  C    sing N N 160 
SER CA  CB   sing N N 161 
SER CA  HA   sing N N 162 
SER C   O    doub N N 163 
SER C   OXT  sing N N 164 
SER CB  OG   sing N N 165 
SER CB  HB2  sing N N 166 
SER CB  HB3  sing N N 167 
SER OG  HG   sing N N 168 
SER OXT HXT  sing N N 169 
TRP N   CA   sing N N 170 
TRP N   H    sing N N 171 
TRP N   H2   sing N N 172 
TRP CA  C    sing N N 173 
TRP CA  CB   sing N N 174 
TRP CA  HA   sing N N 175 
TRP C   O    doub N N 176 
TRP C   OXT  sing N N 177 
TRP CB  CG   sing N N 178 
TRP CB  HB2  sing N N 179 
TRP CB  HB3  sing N N 180 
TRP CG  CD1  doub Y N 181 
TRP CG  CD2  sing Y N 182 
TRP CD1 NE1  sing Y N 183 
TRP CD1 HD1  sing N N 184 
TRP CD2 CE2  doub Y N 185 
TRP CD2 CE3  sing Y N 186 
TRP NE1 CE2  sing Y N 187 
TRP NE1 HE1  sing N N 188 
TRP CE2 CZ2  sing Y N 189 
TRP CE3 CZ3  doub Y N 190 
TRP CE3 HE3  sing N N 191 
TRP CZ2 CH2  doub Y N 192 
TRP CZ2 HZ2  sing N N 193 
TRP CZ3 CH2  sing Y N 194 
TRP CZ3 HZ3  sing N N 195 
TRP CH2 HH2  sing N N 196 
TRP OXT HXT  sing N N 197 
# 
_pdbx_initial_refinement_model.id               1 
_pdbx_initial_refinement_model.entity_id_list   ? 
_pdbx_initial_refinement_model.type             'experimental model' 
_pdbx_initial_refinement_model.source_name      PDB 
_pdbx_initial_refinement_model.accession_code   3H5F 
_pdbx_initial_refinement_model.details          'PDB ENTRY 3H5F' 
# 
_atom_sites.entry_id                    3LJM 
_atom_sites.fract_transf_matrix[1][1]   -0.00382207 
_atom_sites.fract_transf_matrix[1][2]   0.01409659 
_atom_sites.fract_transf_matrix[1][3]   0.00157964 
_atom_sites.fract_transf_matrix[2][1]   -0.00487300 
_atom_sites.fract_transf_matrix[2][2]   0.00238250 
_atom_sites.fract_transf_matrix[2][3]   -0.03305186 
_atom_sites.fract_transf_matrix[3][1]   -0.02478808 
_atom_sites.fract_transf_matrix[3][2]   0.00592442 
_atom_sites.fract_transf_matrix[3][3]   0.00408168 
_atom_sites.fract_transf_vector[1]      0.196728 
_atom_sites.fract_transf_vector[2]      0.015241 
_atom_sites.fract_transf_vector[3]      0.236629 
# 
loop_
_atom_type.symbol 
C  
CA 
N  
O  
S  
ZN 
# 
loop_
_atom_site.group_PDB 
_atom_site.id 
_atom_site.type_symbol 
_atom_site.label_atom_id 
_atom_site.label_alt_id 
_atom_site.label_comp_id 
_atom_site.label_asym_id 
_atom_site.label_entity_id 
_atom_site.label_seq_id 
_atom_site.pdbx_PDB_ins_code 
_atom_site.Cartn_x 
_atom_site.Cartn_y 
_atom_site.Cartn_z 
_atom_site.occupancy 
_atom_site.B_iso_or_equiv 
_atom_site.pdbx_formal_charge 
_atom_site.auth_seq_id 
_atom_site.auth_comp_id 
_atom_site.auth_asym_id 
_atom_site.auth_atom_id 
_atom_site.pdbx_PDB_model_num 
HETATM 1   C  C   . ACE A 1 1  ? -15.577 -14.500 -8.590  1.00 25.42 ? 0  ACE A C   1 
HETATM 2   O  O   . ACE A 1 1  ? -14.553 -13.883 -8.823  1.00 24.44 ? 0  ACE A O   1 
HETATM 3   C  CH3 . ACE A 1 1  ? -16.068 -15.502 -9.552  1.00 24.59 ? 0  ACE A CH3 1 
ATOM   4   N  N   . GLU A 1 2  ? -16.295 -14.400 -7.489  1.00 23.28 ? 1  GLU A N   1 
ATOM   5   C  CA  . GLU A 1 2  ? -16.143 -13.519 -6.339  1.00 25.29 ? 1  GLU A CA  1 
ATOM   6   C  C   . GLU A 1 2  ? -14.776 -13.775 -5.699  1.00 22.22 ? 1  GLU A C   1 
ATOM   7   O  O   . GLU A 1 2  ? -13.974 -12.877 -5.409  1.00 22.89 ? 1  GLU A O   1 
ATOM   8   C  CB  . GLU A 1 2  ? -17.265 -13.822 -5.322  1.00 27.64 ? 1  GLU A CB  1 
ATOM   9   C  CG  . GLU A 1 2  ? -17.476 -12.856 -4.175  0.88 32.45 ? 1  GLU A CG  1 
ATOM   10  C  CD  . GLU A 1 2  ? -18.247 -11.612 -4.576  0.80 37.79 ? 1  GLU A CD  1 
ATOM   11  O  OE1 . GLU A 1 2  ? -19.410 -11.723 -5.020  0.95 40.27 ? 1  GLU A OE1 1 
ATOM   12  O  OE2 . GLU A 1 2  ? -17.680 -10.512 -4.450  0.71 41.37 ? 1  GLU A OE2 1 
ATOM   13  N  N   . TRP A 1 3  ? -14.488 -15.055 -5.474  1.00 19.67 ? 2  TRP A N   1 
ATOM   14  C  CA  . TRP A 1 3  ? -13.249 -15.396 -4.812  1.00 18.92 ? 2  TRP A CA  1 
ATOM   15  C  C   . TRP A 1 3  ? -12.033 -15.099 -5.699  1.00 17.28 ? 2  TRP A C   1 
ATOM   16  O  O   . TRP A 1 3  ? -11.046 -14.486 -5.282  1.00 17.43 ? 2  TRP A O   1 
ATOM   17  C  CB  . TRP A 1 3  ? -13.222 -16.881 -4.362  1.00 20.35 ? 2  TRP A CB  1 
ATOM   18  C  CG  . TRP A 1 3  ? -12.024 -17.217 -3.628  1.00 25.05 ? 2  TRP A CG  1 
ATOM   19  C  CD1 . TRP A 1 3  ? -10.863 -17.715 -4.150  1.00 28.36 ? 2  TRP A CD1 1 
ATOM   20  C  CD2 . TRP A 1 3  ? -11.777 -16.996 -2.254  0.95 31.16 ? 2  TRP A CD2 1 
ATOM   21  N  NE1 . TRP A 1 3  ? -9.919  -17.863 -3.170  0.60 27.25 ? 2  TRP A NE1 1 
ATOM   22  C  CE2 . TRP A 1 3  ? -10.445 -17.399 -1.998  1.00 28.33 ? 2  TRP A CE2 1 
ATOM   23  C  CE3 . TRP A 1 3  ? -12.540 -16.486 -1.201  0.10 28.29 ? 2  TRP A CE3 1 
ATOM   24  C  CZ2 . TRP A 1 3  ? -9.889  -17.358 -0.727  0.10 28.72 ? 2  TRP A CZ2 1 
ATOM   25  C  CZ3 . TRP A 1 3  ? -11.976 -16.429 0.057   0.10 28.20 ? 2  TRP A CZ3 1 
ATOM   26  C  CH2 . TRP A 1 3  ? -10.664 -16.862 0.283   0.10 28.34 ? 2  TRP A CH2 1 
ATOM   27  N  N   . GLU A 1 4  ? -12.130 -15.515 -6.947  1.00 19.78 ? 3  GLU A N   1 
ATOM   28  C  CA  . GLU A 1 4  ? -11.073 -15.289 -7.943  1.00 19.60 ? 3  GLU A CA  1 
ATOM   29  C  C   . GLU A 1 4  ? -10.825 -13.773 -8.082  1.00 19.48 ? 3  GLU A C   1 
ATOM   30  O  O   . GLU A 1 4  ? -9.649  -13.323 -8.135  1.00 21.23 ? 3  GLU A O   1 
ATOM   31  C  CB  . GLU A 1 4  ? -11.446 -15.975 -9.283  1.00 22.09 ? 3  GLU A CB  1 
ATOM   32  C  CG  . GLU A 1 4  ? -11.564 -17.535 -9.113  1.00 23.84 ? 3  GLU A CG  1 
ATOM   33  C  CD  . GLU A 1 4  ? -12.923 -18.082 -8.565  1.00 25.70 ? 3  GLU A CD  1 
ATOM   34  O  OE1 . GLU A 1 4  ? -13.845 -17.326 -8.261  1.00 20.58 ? 3  GLU A OE1 1 
ATOM   35  O  OE2 . GLU A 1 4  ? -13.030 -19.346 -8.492  0.97 28.03 ? 3  GLU A OE2 1 
ATOM   36  N  N   . ALA A 1 5  ? -11.867 -12.948 -8.096  1.00 20.68 ? 4  ALA A N   1 
ATOM   37  C  CA  . ALA A 1 5  ? -11.672 -11.481 -8.141  1.00 20.73 ? 4  ALA A CA  1 
ATOM   38  C  C   . ALA A 1 5  ? -10.917 -10.907 -6.961  1.00 21.97 ? 4  ALA A C   1 
ATOM   39  O  O   . ALA A 1 5  ? -10.051 -10.023 -7.124  1.00 20.90 ? 4  ALA A O   1 
ATOM   40  C  CB  . ALA A 1 5  ? -12.978 -10.786 -8.287  1.00 23.96 ? 4  ALA A CB  1 
ATOM   41  N  N   . LEU A 1 6  ? -11.199 -11.409 -5.764  1.00 18.84 ? 5  LEU A N   1 
ATOM   42  C  CA  . LEU A 1 6  ? -10.512 -10.966 -4.558  1.00 18.55 ? 5  LEU A CA  1 
ATOM   43  C  C   . LEU A 1 6  ? -9.061  -11.333 -4.624  1.00 17.02 ? 5  LEU A C   1 
ATOM   44  O  O   . LEU A 1 6  ? -8.191  -10.575 -4.313  1.00 17.69 ? 5  LEU A O   1 
ATOM   45  C  CB  . LEU A 1 6  ? -11.215 -11.452 -3.281  1.00 19.73 ? 5  LEU A CB  1 
ATOM   46  C  CG  . LEU A 1 6  ? -10.793 -10.853 -1.967  1.00 21.34 ? 5  LEU A CG  1 
ATOM   47  C  CD1 . LEU A 1 6  ? -10.954 -9.309  -1.991  1.00 28.41 ? 5  LEU A CD1 1 
ATOM   48  C  CD2 . LEU A 1 6  ? -11.656 -11.453 -0.850  1.00 28.46 ? 5  LEU A CD2 1 
ATOM   49  N  N   . GLU A 1 7  ? -8.748  -12.578 -5.046  1.00 17.16 ? 6  GLU A N   1 
ATOM   50  C  CA  . GLU A 1 7  ? -7.342  -12.991 -5.194  1.00 18.95 ? 6  GLU A CA  1 
ATOM   51  C  C   . GLU A 1 7  ? -6.576  -12.139 -6.147  1.00 19.03 ? 6  GLU A C   1 
ATOM   52  O  O   . GLU A 1 7  ? -5.433  -11.783 -5.897  1.00 19.44 ? 6  GLU A O   1 
ATOM   53  C  CB  . GLU A 1 7  ? -7.274  -14.419 -5.757  1.00 20.60 ? 6  GLU A CB  1 
ATOM   54  C  CG  . GLU A 1 7  ? -7.612  -15.458 -4.753  1.00 20.21 ? 6  GLU A CG  1 
ATOM   55  C  CD  . GLU A 1 7  ? -7.297  -16.848 -5.283  1.00 26.65 ? 6  GLU A CD  1 
ATOM   56  O  OE1 . GLU A 1 7  ? -8.131  -17.404 -6.036  1.00 32.53 ? 6  GLU A OE1 1 
ATOM   57  O  OE2 . GLU A 1 7  ? -6.223  -17.336 -4.899  1.00 32.86 ? 6  GLU A OE2 1 
ATOM   58  N  N   . LYS A 1 8  ? -7.199  -11.785 -7.266  1.00 19.57 ? 7  LYS A N   1 
ATOM   59  C  CA  . LYS A 1 8  ? -6.584  -10.922 -8.267  1.00 21.23 ? 7  LYS A CA  1 
ATOM   60  C  C   . LYS A 1 8  ? -6.409  -9.520  -7.712  1.00 21.25 ? 7  LYS A C   1 
ATOM   61  O  O   . LYS A 1 8  ? -5.335  -8.919  -7.956  1.00 21.49 ? 7  LYS A O   1 
ATOM   62  C  CB  . LYS A 1 8  ? -7.398  -10.848 -9.545  1.00 23.52 ? 7  LYS A CB  1 
ATOM   63  C  CG  . LYS A 1 8  ? -7.196  -12.099 -10.372 1.00 29.15 ? 7  LYS A CG  1 
ATOM   64  C  CD  . LYS A 1 8  ? -8.004  -11.970 -11.618 1.00 36.33 ? 7  LYS A CD  1 
ATOM   65  C  CE  . LYS A 1 8  ? -8.405  -13.331 -12.102 1.00 37.40 ? 7  LYS A CE  1 
ATOM   66  N  NZ  . LYS A 1 8  ? -8.365  -13.441 -13.592 0.70 38.63 ? 7  LYS A NZ  1 
ATOM   67  N  N   . LYS A 1 9  ? -7.398  -8.996  -6.961  1.00 19.96 ? 8  LYS A N   1 
ATOM   68  C  CA  . LYS A 1 9  ? -7.240  -7.696  -6.349  1.00 20.73 ? 8  LYS A CA  1 
ATOM   69  C  C   . LYS A 1 9  ? -6.035  -7.649  -5.381  1.00 20.27 ? 8  LYS A C   1 
ATOM   70  O  O   . LYS A 1 9  ? -5.237  -6.704  -5.397  1.00 19.49 ? 8  LYS A O   1 
ATOM   71  C  CB  . LYS A 1 9  ? -8.506  -7.286  -5.623  1.00 21.59 ? 8  LYS A CB  1 
ATOM   72  C  CG  . LYS A 1 9  ? -8.435  -5.840  -5.116  1.00 23.93 ? 8  LYS A CG  1 
ATOM   73  C  CD  . LYS A 1 9  ? -9.829  -5.422  -4.652  0.50 23.85 ? 8  LYS A CD  1 
ATOM   74  C  CE  . LYS A 1 9  ? -9.869  -3.995  -4.129  0.40 22.17 ? 8  LYS A CE  1 
ATOM   75  N  NZ  . LYS A 1 9  ? -11.139 -3.698  -3.412  0.20 20.86 ? 8  LYS A NZ  1 
ATOM   76  N  N   A CYS A 1 10 ? -5.827  -8.676  -4.594  0.50 19.57 ? 9  CYS A N   1 
ATOM   77  N  N   B CYS A 1 10 ? -5.829  -8.674  -4.599  0.50 20.48 ? 9  CYS A N   1 
ATOM   78  C  CA  A CYS A 1 10 ? -4.677  -8.713  -3.700  0.50 18.66 ? 9  CYS A CA  1 
ATOM   79  C  CA  B CYS A 1 10 ? -4.692  -8.718  -3.697  0.50 20.40 ? 9  CYS A CA  1 
ATOM   80  C  C   A CYS A 1 10 ? -3.338  -8.808  -4.419  0.50 19.38 ? 9  CYS A C   1 
ATOM   81  C  C   B CYS A 1 10 ? -3.344  -8.812  -4.416  0.50 20.26 ? 9  CYS A C   1 
ATOM   82  O  O   A CYS A 1 10 ? -2.387  -8.229  -4.007  0.50 18.79 ? 9  CYS A O   1 
ATOM   83  O  O   B CYS A 1 10 ? -2.392  -8.230  -4.004  0.50 19.64 ? 9  CYS A O   1 
ATOM   84  C  CB  A CYS A 1 10 ? -4.836  -9.835  -2.689  0.50 17.22 ? 9  CYS A CB  1 
ATOM   85  C  CB  B CYS A 1 10 ? -4.899  -9.868  -2.731  0.50 19.94 ? 9  CYS A CB  1 
ATOM   86  S  SG  A CYS A 1 10 ? -6.212  -9.520  -1.560  0.50 20.74 ? 9  CYS A SG  1 
ATOM   87  S  SG  B CYS A 1 10 ? -3.561  -10.319 -1.725  0.50 26.89 ? 9  CYS A SG  1 
ATOM   88  N  N   . ALA A 1 11 ? -3.298  -9.548  -5.505  1.00 19.39 ? 10 ALA A N   1 
ATOM   89  C  CA  . ALA A 1 11 ? -2.106  -9.600  -6.351  1.00 20.28 ? 10 ALA A CA  1 
ATOM   90  C  C   . ALA A 1 11 ? -1.801  -8.230  -6.978  1.00 20.14 ? 10 ALA A C   1 
ATOM   91  O  O   . ALA A 1 11 ? -0.602  -7.857  -7.019  1.00 20.74 ? 10 ALA A O   1 
ATOM   92  C  CB  . ALA A 1 11 ? -2.266  -10.683 -7.430  1.00 22.31 ? 10 ALA A CB  1 
ATOM   93  N  N   . ALA A 1 12 ? -2.795  -7.462  -7.372  1.00 20.89 ? 11 ALA A N   1 
ATOM   94  C  CA  . ALA A 1 12 ? -2.618  -6.123  -7.933  1.00 20.68 ? 11 ALA A CA  1 
ATOM   95  C  C   . ALA A 1 12 ? -2.107  -5.243  -6.835  1.00 20.21 ? 11 ALA A C   1 
ATOM   96  O  O   . ALA A 1 12 ? -1.157  -4.467  -7.045  1.00 21.00 ? 11 ALA A O   1 
ATOM   97  C  CB  . ALA A 1 12 ? -3.919  -5.548  -8.506  1.00 22.75 ? 11 ALA A CB  1 
ATOM   98  N  N   . LEU A 1 13 ? -2.700  -5.322  -5.668  1.00 18.66 ? 12 LEU A N   1 
ATOM   99  C  CA  . LEU A 1 13 ? -2.216  -4.493  -4.565  1.00 16.24 ? 12 LEU A CA  1 
ATOM   100 C  C   . LEU A 1 13 ? -0.778  -4.785  -4.233  1.00 16.37 ? 12 LEU A C   1 
ATOM   101 O  O   . LEU A 1 13 ? -0.019  -3.859  -3.897  1.00 16.31 ? 12 LEU A O   1 
ATOM   102 C  CB  . LEU A 1 13 ? -3.046  -4.719  -3.297  1.00 18.03 ? 12 LEU A CB  1 
ATOM   103 C  CG  . LEU A 1 13 ? -4.443  -4.085  -3.386  1.00 20.78 ? 12 LEU A CG  1 
ATOM   104 C  CD1 . LEU A 1 13 ? -5.238  -4.454  -2.116  1.00 23.94 ? 12 LEU A CD1 1 
ATOM   105 C  CD2 . LEU A 1 13 ? -4.392  -2.532  -3.611  1.00 26.15 ? 12 LEU A CD2 1 
ATOM   106 N  N   . GLU A 1 14 ? -0.358  -5.973  -4.232  1.00 14.66 ? 13 GLU A N   1 
ATOM   107 C  CA  . GLU A 1 14 ? 0.982   -6.306  -3.891  1.00 16.07 ? 13 GLU A CA  1 
ATOM   108 C  C   . GLU A 1 14 ? 2.005   -5.755  -4.882  1.00 17.05 ? 13 GLU A C   1 
ATOM   109 O  O   . GLU A 1 14 ? 3.033   -5.196  -4.471  1.00 16.49 ? 13 GLU A O   1 
ATOM   110 C  CB  . GLU A 1 14 ? 1.143   -7.839  -3.710  1.00 19.34 ? 13 GLU A CB  1 
ATOM   111 C  CG  . GLU A 1 14 ? 2.517   -8.176  -3.286  1.00 23.56 ? 13 GLU A CG  1 
ATOM   112 C  CD  . GLU A 1 14 ? 2.810   -9.659  -3.022  0.70 31.27 ? 13 GLU A CD  1 
ATOM   113 O  OE1 . GLU A 1 14 ? 1.933   -10.522 -3.198  0.70 34.45 ? 13 GLU A OE1 1 
ATOM   114 O  OE2 . GLU A 1 14 ? 3.950   -9.968  -2.620  0.70 35.08 ? 13 GLU A OE2 1 
ATOM   115 N  N   . SER A 1 15 ? 1.688   -5.808  -6.161  1.00 17.91 ? 14 SER A N   1 
ATOM   116 C  CA  . SER A 1 15 ? 2.518   -5.201  -7.180  1.00 18.73 ? 14 SER A CA  1 
ATOM   117 C  C   . SER A 1 15 ? 2.565   -3.697  -6.980  1.00 15.73 ? 14 SER A C   1 
ATOM   118 O  O   . SER A 1 15 ? 3.677   -3.121  -7.123  1.00 17.69 ? 14 SER A O   1 
ATOM   119 C  CB  . SER A 1 15 ? 1.966   -5.586  -8.529  1.00 19.23 ? 14 SER A CB  1 
ATOM   120 O  OG  A SER A 1 15 ? 2.128   -6.972  -8.711  0.50 21.33 ? 14 SER A OG  1 
ATOM   121 O  OG  B SER A 1 15 ? 2.717   -5.033  -9.606  0.50 22.75 ? 14 SER A OG  1 
ATOM   122 N  N   . LYS A 1 16 ? 1.457   -3.060  -6.692  1.00 14.93 ? 15 LYS A N   1 
ATOM   123 C  CA  . LYS A 1 16 ? 1.410   -1.619  -6.566  1.00 16.07 ? 15 LYS A CA  1 
ATOM   124 C  C   . LYS A 1 16 ? 2.192   -1.178  -5.355  1.00 16.14 ? 15 LYS A C   1 
ATOM   125 O  O   . LYS A 1 16 ? 2.868   -0.161  -5.390  1.00 14.58 ? 15 LYS A O   1 
ATOM   126 C  CB  . LYS A 1 16 ? 0.012   -1.125  -6.415  1.00 17.78 ? 15 LYS A CB  1 
ATOM   127 C  CG  . LYS A 1 16 ? -0.736  -1.101  -7.760  1.00 23.25 ? 15 LYS A CG  1 
ATOM   128 C  CD  . LYS A 1 16 ? -2.220  -0.946  -7.504  1.00 28.09 ? 15 LYS A CD  1 
ATOM   129 C  CE  . LYS A 1 16 ? -3.022  -1.431  -8.724  1.00 35.76 ? 15 LYS A CE  1 
ATOM   130 N  NZ  . LYS A 1 16 ? -4.490  -1.152  -8.595  1.00 39.38 ? 15 LYS A NZ  1 
ATOM   131 N  N   A LEU A 1 17 ? 2.172   -1.929  -4.282  0.70 13.23 ? 16 LEU A N   1 
ATOM   132 N  N   B LEU A 1 17 ? 2.089   -1.967  -4.311  0.30 14.52 ? 16 LEU A N   1 
ATOM   133 C  CA  A LEU A 1 17 ? 2.886   -1.588  -3.076  0.70 13.68 ? 16 LEU A CA  1 
ATOM   134 C  CA  B LEU A 1 17 ? 2.752   -1.680  -3.098  0.30 14.05 ? 16 LEU A CA  1 
ATOM   135 C  C   A LEU A 1 17 ? 4.358   -1.724  -3.281  0.70 12.67 ? 16 LEU A C   1 
ATOM   136 C  C   B LEU A 1 17 ? 4.233   -1.696  -3.342  0.30 12.55 ? 16 LEU A C   1 
ATOM   137 O  O   A LEU A 1 17 ? 5.081   -0.924  -2.807  0.70 11.50 ? 16 LEU A O   1 
ATOM   138 O  O   B LEU A 1 17 ? 4.849   -0.703  -2.948  0.30 10.54 ? 16 LEU A O   1 
ATOM   139 C  CB  A LEU A 1 17 ? 2.464   -2.489  -1.913  0.70 13.02 ? 16 LEU A CB  1 
ATOM   140 C  CB  B LEU A 1 17 ? 2.360   -2.693  -2.043  0.30 13.30 ? 16 LEU A CB  1 
ATOM   141 C  CG  A LEU A 1 17 ? 1.188   -2.106  -1.239  0.70 15.12 ? 16 LEU A CG  1 
ATOM   142 C  CG  B LEU A 1 17 ? 2.456   -2.181  -0.621  0.30 14.10 ? 16 LEU A CG  1 
ATOM   143 C  CD1 A LEU A 1 17 ? 0.940   -3.134  -0.160  0.40 13.00 ? 16 LEU A CD1 1 
ATOM   144 C  CD1 B LEU A 1 17 ? 2.001   -0.723  -0.412  0.30 12.99 ? 16 LEU A CD1 1 
ATOM   145 C  CD2 A LEU A 1 17 ? 1.338   -0.762  -0.611  0.40 13.20 ? 16 LEU A CD2 1 
ATOM   146 C  CD2 B LEU A 1 17 ? 1.541   -3.087  0.182   0.30 12.14 ? 16 LEU A CD2 1 
ATOM   147 N  N   . GLN A 1 18 ? 4.777   -2.751  -4.006  1.00 13.45 ? 17 GLN A N   1 
ATOM   148 C  CA  . GLN A 1 18 ? 6.187   -2.924  -4.239  1.00 14.91 ? 17 GLN A CA  1 
ATOM   149 C  C   . GLN A 1 18 ? 6.741   -1.762  -5.087  1.00 14.43 ? 17 GLN A C   1 
ATOM   150 O  O   . GLN A 1 18 ? 7.837   -1.223  -4.797  1.00 15.57 ? 17 GLN A O   1 
ATOM   151 C  CB  . GLN A 1 18 ? 6.394   -4.278  -4.898  0.90 16.42 ? 17 GLN A CB  1 
ATOM   152 C  CG  . GLN A 1 18 ? 6.331   -5.419  -3.943  0.75 20.57 ? 17 GLN A CG  1 
ATOM   153 C  CD  . GLN A 1 18 ? 6.495   -6.738  -4.704  0.20 19.95 ? 17 GLN A CD  1 
ATOM   154 O  OE1 . GLN A 1 18 ? 6.808   -6.738  -5.896  0.20 21.32 ? 17 GLN A OE1 1 
ATOM   155 N  NE2 . GLN A 1 18 ? 6.267   -7.851  -4.030  0.20 19.31 ? 17 GLN A NE2 1 
ATOM   156 N  N   . ALA A 1 19 ? 5.981   -1.334  -6.050  1.00 13.88 ? 18 ALA A N   1 
ATOM   157 C  CA  . ALA A 1 19 ? 6.410   -0.203  -6.855  1.00 13.75 ? 18 ALA A CA  1 
ATOM   158 C  C   . ALA A 1 19 ? 6.466   1.035   -6.018  1.00 13.34 ? 18 ALA A C   1 
ATOM   159 O  O   . ALA A 1 19 ? 7.411   1.828   -6.155  1.00 13.29 ? 18 ALA A O   1 
ATOM   160 C  CB  . ALA A 1 19 ? 5.455   -0.010  -8.078  1.00 16.55 ? 18 ALA A CB  1 
ATOM   161 N  N   A LEU A 1 20 ? 5.495   1.253   -5.140  0.50 10.42 ? 19 LEU A N   1 
ATOM   162 N  N   B LEU A 1 20 ? 5.465   1.281   -5.158  0.50 12.35 ? 19 LEU A N   1 
ATOM   163 C  CA  A LEU A 1 20 ? 5.488   2.446   -4.291  0.50 10.17 ? 19 LEU A CA  1 
ATOM   164 C  CA  B LEU A 1 20 ? 5.382   2.511   -4.349  0.50 13.11 ? 19 LEU A CA  1 
ATOM   165 C  C   A LEU A 1 20 ? 6.681   2.438   -3.338  0.50 8.95  ? 19 LEU A C   1 
ATOM   166 C  C   B LEU A 1 20 ? 6.554   2.592   -3.409  0.50 13.04 ? 19 LEU A C   1 
ATOM   167 O  O   A LEU A 1 20 ? 7.272   3.429   -3.122  0.50 7.83  ? 19 LEU A O   1 
ATOM   168 O  O   B LEU A 1 20 ? 7.093   3.664   -3.135  0.50 12.32 ? 19 LEU A O   1 
ATOM   169 C  CB  A LEU A 1 20 ? 4.212   2.521   -3.476  0.50 12.76 ? 19 LEU A CB  1 
ATOM   170 C  CB  B LEU A 1 20 ? 4.121   2.461   -3.484  0.50 14.95 ? 19 LEU A CB  1 
ATOM   171 C  CG  A LEU A 1 20 ? 3.078   3.197   -4.208  0.50 14.91 ? 19 LEU A CG  1 
ATOM   172 C  CG  B LEU A 1 20 ? 3.969   3.679   -2.575  0.50 16.05 ? 19 LEU A CG  1 
ATOM   173 C  CD1 A LEU A 1 20 ? 1.777   3.007   -3.472  0.30 16.26 ? 19 LEU A CD1 1 
ATOM   174 C  CD1 B LEU A 1 20 ? 3.846   4.951   -3.402  0.30 18.55 ? 19 LEU A CD1 1 
ATOM   175 C  CD2 A LEU A 1 20 ? 3.446   4.687   -4.274  0.30 16.25 ? 19 LEU A CD2 1 
ATOM   176 C  CD2 B LEU A 1 20 ? 2.789   3.523   -1.598  0.30 12.32 ? 19 LEU A CD2 1 
ATOM   177 N  N   A GLU A 1 21 ? 7.034   1.300   -2.799  0.50 7.44  ? 20 GLU A N   1 
ATOM   178 N  N   B GLU A 1 21 ? 7.039   1.426   -2.833  0.50 10.61 ? 20 GLU A N   1 
ATOM   179 C  CA  A GLU A 1 21 ? 8.216   1.206   -1.967  0.50 8.84  ? 20 GLU A CA  1 
ATOM   180 C  CA  B GLU A 1 21 ? 8.168   1.258   -1.967  0.50 10.48 ? 20 GLU A CA  1 
ATOM   181 C  C   A GLU A 1 21 ? 9.432   1.677   -2.721  0.50 8.12  ? 20 GLU A C   1 
ATOM   182 C  C   B GLU A 1 21 ? 9.457   1.692   -2.688  0.50 8.60  ? 20 GLU A C   1 
ATOM   183 O  O   A GLU A 1 21 ? 10.199  2.406   -2.184  0.50 8.45  ? 20 GLU A O   1 
ATOM   184 O  O   B GLU A 1 21 ? 10.248  2.503   -2.184  0.50 8.26  ? 20 GLU A O   1 
ATOM   185 C  CB  A GLU A 1 21 ? 8.483   -0.195  -1.395  0.50 9.13  ? 20 GLU A CB  1 
ATOM   186 C  CB  B GLU A 1 21 ? 8.233   -0.214  -1.548  0.50 12.34 ? 20 GLU A CB  1 
ATOM   187 C  CG  A GLU A 1 21 ? 9.474   0.001   -0.252  0.50 10.15 ? 20 GLU A CG  1 
ATOM   188 C  CG  B GLU A 1 21 ? 9.289   -0.584  -0.597  0.50 15.28 ? 20 GLU A CG  1 
ATOM   189 C  CD  A GLU A 1 21 ? 10.322  -1.177  0.164   0.70 12.40 ? 20 GLU A CD  1 
ATOM   190 C  CD  B GLU A 1 21 ? 9.167   -2.077  -0.260  0.30 14.65 ? 20 GLU A CD  1 
ATOM   191 O  OE1 A GLU A 1 21 ? 10.085  -2.251  -0.347  0.70 13.40 ? 20 GLU A OE1 1 
ATOM   192 O  OE1 B GLU A 1 21 ? 8.276   -2.809  -0.809  0.30 16.55 ? 20 GLU A OE1 1 
ATOM   193 O  OE2 A GLU A 1 21 ? 11.285  -1.026  0.992   0.70 7.39  ? 20 GLU A OE2 1 
ATOM   194 O  OE2 B GLU A 1 21 ? 10.019  -2.508  0.512   0.30 19.40 ? 20 GLU A OE2 1 
ATOM   195 N  N   . LYS A 1 22 ? 9.565   1.248   -3.979  1.00 8.78  ? 21 LYS A N   1 
ATOM   196 C  CA  . LYS A 1 22 ? 10.780  1.629   -4.711  1.00 8.80  ? 21 LYS A CA  1 
ATOM   197 C  C   . LYS A 1 22 ? 10.770  3.113   -5.065  1.00 8.13  ? 21 LYS A C   1 
ATOM   198 O  O   . LYS A 1 22 ? 11.821  3.755   -5.002  1.00 7.77  ? 21 LYS A O   1 
ATOM   199 C  CB  . LYS A 1 22 ? 10.851  0.800   -6.041  1.00 10.17 ? 21 LYS A CB  1 
ATOM   200 C  CG  . LYS A 1 22 ? 10.895  -0.687  -5.853  1.00 15.91 ? 21 LYS A CG  1 
ATOM   201 C  CD  . LYS A 1 22 ? 12.061  -1.079  -5.121  1.00 24.35 ? 21 LYS A CD  1 
ATOM   202 C  CE  . LYS A 1 22 ? 12.222  -2.624  -5.112  1.00 31.11 ? 21 LYS A CE  1 
ATOM   203 N  NZ  . LYS A 1 22 ? 11.804  -3.303  -3.835  1.00 34.97 ? 21 LYS A NZ  1 
ATOM   204 N  N   . LYS A 1 23 ? 9.593   3.680   -5.311  1.00 7.91  ? 22 LYS A N   1 
ATOM   205 C  CA  . LYS A 1 23 ? 9.534   5.091   -5.646  1.00 9.12  ? 22 LYS A CA  1 
ATOM   206 C  C   . LYS A 1 23 ? 9.829   5.922   -4.423  1.00 8.38  ? 22 LYS A C   1 
ATOM   207 O  O   . LYS A 1 23 ? 10.510  6.948   -4.502  1.00 9.31  ? 22 LYS A O   1 
ATOM   208 C  CB  . LYS A 1 23 ? 8.177   5.459   -6.248  1.00 10.73 ? 22 LYS A CB  1 
ATOM   209 C  CG  . LYS A 1 23 ? 8.103   4.834   -7.664  0.90 14.06 ? 22 LYS A CG  1 
ATOM   210 C  CD  . LYS A 1 23 ? 6.698   4.951   -8.429  0.65 13.37 ? 22 LYS A CD  1 
ATOM   211 C  CE  . LYS A 1 23 ? 5.635   4.154   -7.782  0.70 15.45 ? 22 LYS A CE  1 
ATOM   212 N  NZ  . LYS A 1 23 ? 4.366   4.080   -8.635  0.85 17.67 ? 22 LYS A NZ  1 
ATOM   213 N  N   A LEU A 1 24 ? 9.332   5.527   -3.233  0.50 8.14  ? 23 LEU A N   1 
ATOM   214 N  N   B LEU A 1 24 ? 9.342   5.498   -3.269  0.50 9.92  ? 23 LEU A N   1 
ATOM   215 C  CA  A LEU A 1 24 ? 9.715   6.235   -1.975  0.50 7.33  ? 23 LEU A CA  1 
ATOM   216 C  CA  B LEU A 1 24 ? 9.644   6.181   -2.029  0.50 10.62 ? 23 LEU A CA  1 
ATOM   217 C  C   A LEU A 1 24 ? 11.178  6.134   -1.737  0.50 6.57  ? 23 LEU A C   1 
ATOM   218 C  C   B LEU A 1 24 ? 11.132  6.067   -1.679  0.50 9.03  ? 23 LEU A C   1 
ATOM   219 O  O   A LEU A 1 24 ? 11.791  7.136   -1.313  0.50 7.11  ? 23 LEU A O   1 
ATOM   220 O  O   B LEU A 1 24 ? 11.738  6.990   -1.149  0.50 9.49  ? 23 LEU A O   1 
ATOM   221 C  CB  A LEU A 1 24 ? 8.949   5.778   -0.700  0.50 8.74  ? 23 LEU A CB  1 
ATOM   222 C  CB  B LEU A 1 24 ? 8.755   5.565   -0.972  0.50 12.61 ? 23 LEU A CB  1 
ATOM   223 C  CG  A LEU A 1 24 ? 7.452   6.042   -0.794  0.50 6.54  ? 23 LEU A CG  1 
ATOM   224 C  CG  B LEU A 1 24 ? 8.530   6.346   0.280   0.50 18.09 ? 23 LEU A CG  1 
ATOM   225 C  CD1 A LEU A 1 24 ? 6.619   5.315   0.260   0.50 9.99  ? 23 LEU A CD1 1 
ATOM   226 C  CD1 B LEU A 1 24 ? 8.313   7.797   -0.069  0.50 18.97 ? 23 LEU A CD1 1 
ATOM   227 C  CD2 A LEU A 1 24 ? 7.185   7.522   -0.669  0.50 11.39 ? 23 LEU A CD2 1 
ATOM   228 C  CD2 B LEU A 1 24 ? 7.277   5.684   0.889   0.50 19.00 ? 23 LEU A CD2 1 
ATOM   229 N  N   . GLU A 1 25 ? 11.778  4.927   -1.990  1.00 7.62  ? 24 GLU A N   1 
ATOM   230 C  CA  . GLU A 1 25 ? 13.200  4.803   -1.753  1.00 8.72  ? 24 GLU A CA  1 
ATOM   231 C  C   . GLU A 1 25 ? 13.962  5.791   -2.621  1.00 8.08  ? 24 GLU A C   1 
ATOM   232 O  O   . GLU A 1 25 ? 14.935  6.396   -2.178  1.00 8.56  ? 24 GLU A O   1 
ATOM   233 C  CB  . GLU A 1 25 ? 13.619  3.366   -2.082  1.00 8.63  ? 24 GLU A CB  1 
ATOM   234 C  CG  . GLU A 1 25 ? 15.066  3.038   -1.620  1.00 8.98  ? 24 GLU A CG  1 
ATOM   235 C  CD  . GLU A 1 25 ? 15.163  2.844   -0.128  1.00 9.23  ? 24 GLU A CD  1 
ATOM   236 O  OE1 . GLU A 1 25 ? 14.111  2.709   0.562   1.00 9.17  ? 24 GLU A OE1 1 
ATOM   237 O  OE2 . GLU A 1 25 ? 16.351  2.821   0.381   1.00 8.71  ? 24 GLU A OE2 1 
ATOM   238 N  N   . ALA A 1 26 ? 13.551  5.928   -3.879  1.00 8.06  ? 25 ALA A N   1 
ATOM   239 C  CA  . ALA A 1 26 ? 14.170  6.937   -4.751  1.00 8.62  ? 25 ALA A CA  1 
ATOM   240 C  C   . ALA A 1 26 ? 14.049  8.340   -4.218  1.00 8.80  ? 25 ALA A C   1 
ATOM   241 O  O   . ALA A 1 26 ? 15.051  9.071   -4.143  1.00 10.06 ? 25 ALA A O   1 
ATOM   242 C  CB  . ALA A 1 26 ? 13.585  6.855   -6.181  1.00 10.47 ? 25 ALA A CB  1 
ATOM   243 N  N   A LEU A 1 27 ? 12.857  8.715   -3.800  0.60 8.93  ? 26 LEU A N   1 
ATOM   244 N  N   B LEU A 1 27 ? 12.841  8.683   -3.809  0.40 9.80  ? 26 LEU A N   1 
ATOM   245 C  CA  A LEU A 1 27 ? 12.638  10.096  -3.273  0.60 9.69  ? 26 LEU A CA  1 
ATOM   246 C  CA  B LEU A 1 27 ? 12.550  10.031  -3.312  0.40 11.20 ? 26 LEU A CA  1 
ATOM   247 C  C   A LEU A 1 27 ? 13.454  10.345  -2.062  0.60 10.39 ? 26 LEU A C   1 
ATOM   248 C  C   B LEU A 1 27 ? 13.220  10.338  -1.986  0.40 11.20 ? 26 LEU A C   1 
ATOM   249 O  O   A LEU A 1 27 ? 14.007  11.456  -1.924  0.60 9.14  ? 26 LEU A O   1 
ATOM   250 O  O   B LEU A 1 27 ? 13.446  11.481  -1.689  0.40 11.39 ? 26 LEU A O   1 
ATOM   251 C  CB  A LEU A 1 27 ? 11.168  10.364  -2.941  0.60 11.16 ? 26 LEU A CB  1 
ATOM   252 C  CB  B LEU A 1 27 ? 11.044  10.254  -3.211  0.40 11.84 ? 26 LEU A CB  1 
ATOM   253 C  CG  A LEU A 1 27 ? 10.349  10.414  -4.237  0.60 10.06 ? 26 LEU A CG  1 
ATOM   254 C  CG  B LEU A 1 27 ? 10.598  11.707  -3.327  0.40 15.49 ? 26 LEU A CG  1 
ATOM   255 C  CD1 A LEU A 1 27 ? 8.841   10.368  -3.983  0.60 15.32 ? 26 LEU A CD1 1 
ATOM   256 C  CD1 B LEU A 1 27 ? 11.227  12.401  -4.539  0.40 16.97 ? 26 LEU A CD1 1 
ATOM   257 C  CD2 A LEU A 1 27 ? 10.628  11.629  -5.151  0.60 15.26 ? 26 LEU A CD2 1 
ATOM   258 C  CD2 B LEU A 1 27 ? 9.115   11.585  -3.477  0.40 17.79 ? 26 LEU A CD2 1 
ATOM   259 N  N   . GLU A 1 28 ? 13.530  9.336   -1.183  1.00 9.88  ? 27 GLU A N   1 
ATOM   260 C  CA  A GLU A 1 28 ? 14.344  9.416   0.046   0.50 11.01 ? 27 GLU A CA  1 
ATOM   261 C  CA  B GLU A 1 28 ? 14.250  9.503   0.032   0.50 11.39 ? 27 GLU A CA  1 
ATOM   262 C  C   . GLU A 1 28 ? 15.707  9.849   -0.291  1.00 11.33 ? 27 GLU A C   1 
ATOM   263 O  O   . GLU A 1 28 ? 16.423  10.517  0.540   1.00 15.14 ? 27 GLU A O   1 
ATOM   264 C  CB  A GLU A 1 28 ? 14.485  8.025   0.686   0.50 9.90  ? 27 GLU A CB  1 
ATOM   265 C  CB  B GLU A 1 28 ? 14.084  8.190   0.813   0.50 10.77 ? 27 GLU A CB  1 
ATOM   266 C  CG  A GLU A 1 28 ? 15.331  7.909   1.914   0.50 11.05 ? 27 GLU A CG  1 
ATOM   267 C  CG  B GLU A 1 28 ? 14.747  8.128   2.194   0.50 12.74 ? 27 GLU A CG  1 
ATOM   268 C  CD  A GLU A 1 28 ? 15.347  6.511   2.419   0.50 10.34 ? 27 GLU A CD  1 
ATOM   269 C  CD  B GLU A 1 28 ? 14.499  6.830   2.918   0.50 10.73 ? 27 GLU A CD  1 
ATOM   270 O  OE1 A GLU A 1 28 ? 14.690  5.673   1.844   0.50 10.81 ? 27 GLU A OE1 1 
ATOM   271 O  OE1 B GLU A 1 28 ? 13.300  6.581   3.224   0.50 15.80 ? 27 GLU A OE1 1 
ATOM   272 O  OE2 A GLU A 1 28 ? 16.087  6.263   3.408   0.40 17.63 ? 27 GLU A OE2 1 
ATOM   273 O  OE2 B GLU A 1 28 ? 15.500  6.067   3.162   0.40 9.30  ? 27 GLU A OE2 1 
ATOM   274 N  N   . HIS A 1 29 ? 16.188  9.463   -1.454  1.00 10.80 ? 28 HIS A N   1 
ATOM   275 C  CA  . HIS A 1 29 ? 17.559  9.694   -1.863  1.00 12.93 ? 28 HIS A CA  1 
ATOM   276 C  C   . HIS A 1 29 ? 17.675  10.801  -2.928  1.00 14.03 ? 28 HIS A C   1 
ATOM   277 O  O   . HIS A 1 29 ? 18.640  10.844  -3.625  1.00 18.96 ? 28 HIS A O   1 
ATOM   278 C  CB  . HIS A 1 29 ? 18.213  8.358   -2.321  1.00 13.31 ? 28 HIS A CB  1 
ATOM   279 C  CG  . HIS A 1 29 ? 18.370  7.368   -1.207  1.00 11.13 ? 28 HIS A CG  1 
ATOM   280 N  ND1 . HIS A 1 29 ? 17.382  6.501   -0.841  1.00 10.78 ? 28 HIS A ND1 1 
ATOM   281 C  CD2 . HIS A 1 29 ? 19.367  7.184   -0.326  1.00 10.42 ? 28 HIS A CD2 1 
ATOM   282 C  CE1 . HIS A 1 29 ? 17.786  5.781   0.172   1.00 9.72  ? 28 HIS A CE1 1 
ATOM   283 N  NE2 . HIS A 1 29 ? 18.986  6.183   0.528   1.00 8.52  ? 28 HIS A NE2 1 
ATOM   284 N  N   . GLY A 1 30 ? 16.700  11.664  -2.965  1.00 15.21 ? 29 GLY A N   1 
ATOM   285 C  CA  . GLY A 1 30 ? 16.738  12.807  -3.866  1.00 17.29 ? 29 GLY A CA  1 
ATOM   286 C  C   . GLY A 1 30 ? 15.822  12.655  -5.064  1.00 18.33 ? 29 GLY A C   1 
ATOM   287 O  O   . GLY A 1 30 ? 15.526  13.686  -5.623  0.80 20.64 ? 29 GLY A O   1 
HETATM 288 N  N   . NH2 A 1 31 ? 15.330  11.598  -5.473  1.00 13.67 ? 30 NH2 A N   1 
HETATM 289 C  C   . ACE B 1 1  ? -17.794 -12.055 7.794   1.00 9.47  ? 0  ACE B C   1 
HETATM 290 O  O   . ACE B 1 1  ? -17.242 -11.025 7.326   1.00 9.62  ? 0  ACE B O   1 
HETATM 291 C  CH3 . ACE B 1 1  ? -19.221 -12.033 8.217   1.00 9.86  ? 0  ACE B CH3 1 
ATOM   292 N  N   . GLU B 1 2  ? -17.253 -13.250 7.636   1.00 11.12 ? 1  GLU B N   1 
ATOM   293 C  CA  . GLU B 1 2  ? -15.812 -13.410 7.249   1.00 12.16 ? 1  GLU B CA  1 
ATOM   294 C  C   . GLU B 1 2  ? -15.551 -12.974 5.829   1.00 11.84 ? 1  GLU B C   1 
ATOM   295 O  O   . GLU B 1 2  ? -14.520 -12.223 5.560   1.00 13.57 ? 1  GLU B O   1 
ATOM   296 C  CB  . GLU B 1 2  ? -15.500 -14.929 7.456   1.00 14.76 ? 1  GLU B CB  1 
ATOM   297 C  CG  . GLU B 1 2  ? -14.102 -15.438 7.209   0.40 15.82 ? 1  GLU B CG  1 
ATOM   298 C  CD  . GLU B 1 2  ? -13.093 -14.865 8.146   0.75 22.65 ? 1  GLU B CD  1 
ATOM   299 O  OE1 . GLU B 1 2  ? -13.399 -14.358 9.262   0.75 22.21 ? 1  GLU B OE1 1 
ATOM   300 O  OE2 . GLU B 1 2  ? -11.909 -14.917 7.720   0.50 19.27 ? 1  GLU B OE2 1 
ATOM   301 N  N   . TRP B 1 3  ? -16.374 -13.273 4.908   1.00 11.98 ? 2  TRP B N   1 
ATOM   302 C  CA  . TRP B 1 3  ? -16.153 -12.796 3.549   1.00 13.67 ? 2  TRP B CA  1 
ATOM   303 C  C   . TRP B 1 3  ? -16.171 -11.299 3.483   1.00 13.29 ? 2  TRP B C   1 
ATOM   304 O  O   . TRP B 1 3  ? -15.279 -10.658 2.884   1.00 13.13 ? 2  TRP B O   1 
ATOM   305 C  CB  . TRP B 1 3  ? -17.124 -13.376 2.545   1.00 16.01 ? 2  TRP B CB  1 
ATOM   306 C  CG  . TRP B 1 3  ? -16.613 -13.125 1.242   1.00 21.27 ? 2  TRP B CG  1 
ATOM   307 C  CD1 . TRP B 1 3  ? -17.145 -12.304 0.338   0.90 27.88 ? 2  TRP B CD1 1 
ATOM   308 C  CD2 . TRP B 1 3  ? -15.383 -13.636 0.661   0.75 26.52 ? 2  TRP B CD2 1 
ATOM   309 N  NE1 . TRP B 1 3  ? -16.368 -12.292 -0.796  0.90 25.44 ? 2  TRP B NE1 1 
ATOM   310 C  CE2 . TRP B 1 3  ? -15.272 -13.081 -0.617  0.50 25.41 ? 2  TRP B CE2 1 
ATOM   311 C  CE3 . TRP B 1 3  ? -14.380 -14.496 1.107   1.00 29.09 ? 2  TRP B CE3 1 
ATOM   312 C  CZ2 . TRP B 1 3  ? -14.222 -13.378 -1.480  0.10 25.93 ? 2  TRP B CZ2 1 
ATOM   313 C  CZ3 . TRP B 1 3  ? -13.324 -14.787 0.253   0.20 28.02 ? 2  TRP B CZ3 1 
ATOM   314 C  CH2 . TRP B 1 3  ? -13.257 -14.231 -1.024  0.10 27.38 ? 2  TRP B CH2 1 
ATOM   315 N  N   . GLU B 1 4  ? -17.256 -10.681 4.007   1.00 11.56 ? 3  GLU B N   1 
ATOM   316 C  CA  A GLU B 1 4  ? -17.422 -9.217  3.952   0.50 10.70 ? 3  GLU B CA  1 
ATOM   317 C  CA  B GLU B 1 4  ? -17.449 -9.225  4.048   0.50 11.75 ? 3  GLU B CA  1 
ATOM   318 C  C   . GLU B 1 4  ? -16.206 -8.603  4.636   1.00 11.22 ? 3  GLU B C   1 
ATOM   319 O  O   . GLU B 1 4  ? -15.713 -7.548  4.140   1.00 12.55 ? 3  GLU B O   1 
ATOM   320 C  CB  A GLU B 1 4  ? -18.749 -8.786  4.635   0.50 9.37  ? 3  GLU B CB  1 
ATOM   321 C  CB  B GLU B 1 4  ? -18.636 -8.895  4.992   0.50 10.73 ? 3  GLU B CB  1 
ATOM   322 C  CG  A GLU B 1 4  ? -18.872 -7.253  4.926   0.50 10.85 ? 3  GLU B CG  1 
ATOM   323 C  CG  B GLU B 1 4  ? -18.568 -7.388  5.447   0.50 15.16 ? 3  GLU B CG  1 
ATOM   324 C  CD  A GLU B 1 4  ? -19.985 -6.949  5.898   0.50 7.63  ? 3  GLU B CD  1 
ATOM   325 C  CD  B GLU B 1 4  ? -19.820 -6.813  6.116   0.50 19.51 ? 3  GLU B CD  1 
ATOM   326 O  OE1 A GLU B 1 4  ? -20.760 -7.837  6.378   0.50 4.09  ? 3  GLU B OE1 1 
ATOM   327 O  OE1 B GLU B 1 4  ? -20.246 -5.759  5.599   0.50 18.38 ? 3  GLU B OE1 1 
ATOM   328 O  OE2 A GLU B 1 4  ? -20.095 -5.732  6.338   0.50 9.30  ? 3  GLU B OE2 1 
ATOM   329 O  OE2 B GLU B 1 4  ? -20.344 -7.289  7.180   0.50 13.65 ? 3  GLU B OE2 1 
ATOM   330 N  N   . ALA B 1 5  ? -15.694 -9.171  5.714   1.00 11.37 ? 4  ALA B N   1 
ATOM   331 C  CA  . ALA B 1 5  ? -14.588 -8.515  6.435   1.00 12.09 ? 4  ALA B CA  1 
ATOM   332 C  C   . ALA B 1 5  ? -13.360 -8.471  5.565   1.00 13.92 ? 4  ALA B C   1 
ATOM   333 O  O   . ALA B 1 5  ? -12.626 -7.427  5.466   1.00 14.91 ? 4  ALA B O   1 
ATOM   334 C  CB  . ALA B 1 5  ? -14.302 -9.179  7.683   1.00 14.48 ? 4  ALA B CB  1 
ATOM   335 N  N   . LEU B 1 6  ? -13.107 -9.516  4.819   1.00 13.69 ? 5  LEU B N   1 
ATOM   336 C  CA  . LEU B 1 6  ? -11.882 -9.502  3.977   1.00 15.92 ? 5  LEU B CA  1 
ATOM   337 C  C   . LEU B 1 6  ? -12.111 -8.627  2.776   1.00 16.19 ? 5  LEU B C   1 
ATOM   338 O  O   . LEU B 1 6  ? -11.170 -7.878  2.340   1.00 17.95 ? 5  LEU B O   1 
ATOM   339 C  CB  . LEU B 1 6  ? -11.517 -10.919 3.522   1.00 16.68 ? 5  LEU B CB  1 
ATOM   340 C  CG  . LEU B 1 6  ? -10.068 -10.979 2.977   1.00 19.02 ? 5  LEU B CG  1 
ATOM   341 C  CD1 . LEU B 1 6  ? -9.098  -10.515 4.043   0.90 20.41 ? 5  LEU B CD1 1 
ATOM   342 C  CD2 . LEU B 1 6  ? -9.779  -12.444 2.704   1.00 24.78 ? 5  LEU B CD2 1 
ATOM   343 N  N   . GLU B 1 7  ? -13.269 -8.570  2.167   1.00 15.23 ? 6  GLU B N   1 
ATOM   344 C  CA  . GLU B 1 7  ? -13.591 -7.614  1.094   1.00 17.61 ? 6  GLU B CA  1 
ATOM   345 C  C   . GLU B 1 7  ? -13.420 -6.212  1.518   1.00 17.86 ? 6  GLU B C   1 
ATOM   346 O  O   . GLU B 1 7  ? -12.772 -5.392  0.811   1.00 19.35 ? 6  GLU B O   1 
ATOM   347 C  CB  . GLU B 1 7  ? -15.030 -7.827  0.615   1.00 19.35 ? 6  GLU B CB  1 
ATOM   348 C  CG  . GLU B 1 7  ? -15.164 -9.070  -0.231  1.00 21.64 ? 6  GLU B CG  1 
ATOM   349 C  CD  . GLU B 1 7  ? -16.429 -9.148  -1.087  0.80 28.67 ? 6  GLU B CD  1 
ATOM   350 O  OE1 . GLU B 1 7  ? -17.507 -8.635  -0.680  0.80 31.36 ? 6  GLU B OE1 1 
ATOM   351 O  OE2 . GLU B 1 7  ? -16.355 -9.806  -2.151  0.30 25.27 ? 6  GLU B OE2 1 
ATOM   352 N  N   . LYS B 1 8  ? -13.842 -5.893  2.702   1.00 17.12 ? 7  LYS B N   1 
ATOM   353 C  CA  . LYS B 1 8  ? -13.768 -4.528  3.163   1.00 19.00 ? 7  LYS B CA  1 
ATOM   354 C  C   . LYS B 1 8  ? -12.308 -4.230  3.365   1.00 18.57 ? 7  LYS B C   1 
ATOM   355 O  O   . LYS B 1 8  ? -11.879 -3.061  3.098   1.00 19.18 ? 7  LYS B O   1 
ATOM   356 C  CB  . LYS B 1 8  ? -14.560 -4.293  4.443   1.00 19.45 ? 7  LYS B CB  1 
ATOM   357 C  CG  . LYS B 1 8  ? -16.087 -4.314  4.199   1.00 23.29 ? 7  LYS B CG  1 
ATOM   358 C  CD  . LYS B 1 8  ? -16.968 -3.762  5.353   0.90 26.75 ? 7  LYS B CD  1 
ATOM   359 C  CE  . LYS B 1 8  ? -16.834 -4.553  6.669   0.85 28.76 ? 7  LYS B CE  1 
ATOM   360 N  NZ  . LYS B 1 8  ? -18.080 -4.396  7.577   0.70 30.06 ? 7  LYS B NZ  1 
ATOM   361 N  N   . LYS B 1 9  ? -11.543 -5.165  3.860   1.00 17.17 ? 8  LYS B N   1 
ATOM   362 C  CA  . LYS B 1 9  ? -10.134 -4.923  4.091   1.00 18.58 ? 8  LYS B CA  1 
ATOM   363 C  C   . LYS B 1 9  ? -9.417  -4.627  2.797   1.00 17.94 ? 8  LYS B C   1 
ATOM   364 O  O   . LYS B 1 9  ? -8.652  -3.712  2.736   1.00 19.25 ? 8  LYS B O   1 
ATOM   365 C  CB  . LYS B 1 9  ? -9.513  -6.083  4.815   1.00 17.86 ? 8  LYS B CB  1 
ATOM   366 C  CG  . LYS B 1 9  ? -8.080  -5.875  5.117   1.00 20.91 ? 8  LYS B CG  1 
ATOM   367 C  CD  . LYS B 1 9  ? -7.665  -6.857  6.165   0.95 26.06 ? 8  LYS B CD  1 
ATOM   368 C  CE  . LYS B 1 9  ? -6.266  -6.584  6.640   0.80 28.54 ? 8  LYS B CE  1 
ATOM   369 N  NZ  . LYS B 1 9  ? -5.798  -7.572  7.626   0.95 31.88 ? 8  LYS B NZ  1 
ATOM   370 N  N   A CYS B 1 10 ? -9.666  -5.401  1.759   0.50 17.54 ? 9  CYS B N   1 
ATOM   371 N  N   B CYS B 1 10 ? -9.665  -5.404  1.764   0.50 18.94 ? 9  CYS B N   1 
ATOM   372 C  CA  A CYS B 1 10 ? -9.008  -5.134  0.514   0.50 18.03 ? 9  CYS B CA  1 
ATOM   373 C  CA  B CYS B 1 10 ? -9.015  -5.166  0.511   0.50 20.28 ? 9  CYS B CA  1 
ATOM   374 C  C   A CYS B 1 10 ? -9.425  -3.802  -0.075  0.50 18.68 ? 9  CYS B C   1 
ATOM   375 C  C   B CYS B 1 10 ? -9.427  -3.813  -0.074  0.50 19.38 ? 9  CYS B C   1 
ATOM   376 O  O   A CYS B 1 10 ? -8.629  -3.118  -0.614  0.50 15.63 ? 9  CYS B O   1 
ATOM   377 O  O   B CYS B 1 10 ? -8.627  -3.126  -0.610  0.50 17.59 ? 9  CYS B O   1 
ATOM   378 C  CB  A CYS B 1 10 ? -9.308  -6.235  -0.418  0.50 18.15 ? 9  CYS B CB  1 
ATOM   379 C  CB  B CYS B 1 10 ? -9.408  -6.262  -0.401  0.50 21.58 ? 9  CYS B CB  1 
ATOM   380 S  SG  A CYS B 1 10 ? -8.458  -7.712  0.185   0.50 21.41 ? 9  CYS B SG  1 
ATOM   381 S  SG  B CYS B 1 10 ? -8.747  -6.201  -2.002  0.50 29.80 ? 9  CYS B SG  1 
ATOM   382 N  N   . ALA B 1 11 ? -10.693 -3.446  0.023   1.00 18.55 ? 10 ALA B N   1 
ATOM   383 C  CA  . ALA B 1 11 ? -11.116 -2.133  -0.481  1.00 18.62 ? 10 ALA B CA  1 
ATOM   384 C  C   . ALA B 1 11 ? -10.419 -1.017  0.280   1.00 18.43 ? 10 ALA B C   1 
ATOM   385 O  O   . ALA B 1 11 ? -10.034 0.008   -0.326  1.00 19.37 ? 10 ALA B O   1 
ATOM   386 C  CB  . ALA B 1 11 ? -12.627 -1.996  -0.419  1.00 20.46 ? 10 ALA B CB  1 
ATOM   387 N  N   . ALA B 1 12 ? -10.255 -1.121  1.569   1.00 16.73 ? 11 ALA B N   1 
ATOM   388 C  CA  . ALA B 1 12 ? -9.611  -0.131  2.403   1.00 18.71 ? 11 ALA B CA  1 
ATOM   389 C  C   . ALA B 1 12 ? -8.144  -0.051  2.006   1.00 18.76 ? 11 ALA B C   1 
ATOM   390 O  O   . ALA B 1 12 ? -7.645  1.059   1.916   1.00 16.60 ? 11 ALA B O   1 
ATOM   391 C  CB  . ALA B 1 12 ? -9.745  -0.408  3.855   1.00 18.73 ? 11 ALA B CB  1 
ATOM   392 N  N   . LEU B 1 13 ? -7.455  -1.160  1.764   1.00 15.13 ? 12 LEU B N   1 
ATOM   393 C  CA  . LEU B 1 13 ? -6.049  -1.110  1.313   1.00 16.07 ? 12 LEU B CA  1 
ATOM   394 C  C   . LEU B 1 13 ? -5.982  -0.460  -0.018  1.00 15.64 ? 12 LEU B C   1 
ATOM   395 O  O   . LEU B 1 13 ? -5.019  0.349   -0.203  1.00 14.79 ? 12 LEU B O   1 
ATOM   396 C  CB  . LEU B 1 13 ? -5.471  -2.501  1.204   1.00 16.01 ? 12 LEU B CB  1 
ATOM   397 C  CG  . LEU B 1 13 ? -5.306  -3.182  2.558   1.00 21.88 ? 12 LEU B CG  1 
ATOM   398 C  CD1 . LEU B 1 13 ? -4.875  -4.583  2.267   1.00 22.17 ? 12 LEU B CD1 1 
ATOM   399 C  CD2 . LEU B 1 13 ? -4.230  -2.418  3.356   1.00 27.11 ? 12 LEU B CD2 1 
ATOM   400 N  N   . GLU B 1 14 ? -6.899  -0.684  -0.948  1.00 14.40 ? 13 GLU B N   1 
ATOM   401 C  CA  . GLU B 1 14 ? -6.889  0.051   -2.237  1.00 16.79 ? 13 GLU B CA  1 
ATOM   402 C  C   . GLU B 1 14 ? -7.090  1.517   -2.028  1.00 16.31 ? 13 GLU B C   1 
ATOM   403 O  O   . GLU B 1 14 ? -6.310  2.326   -2.637  1.00 15.96 ? 13 GLU B O   1 
ATOM   404 C  CB  . GLU B 1 14 ? -8.022  -0.450  -3.132  1.00 18.72 ? 13 GLU B CB  1 
ATOM   405 C  CG  . GLU B 1 14 ? -7.882  0.055   -4.585  1.00 22.16 ? 13 GLU B CG  1 
ATOM   406 C  CD  . GLU B 1 14 ? -8.543  -0.874  -5.593  0.80 28.35 ? 13 GLU B CD  1 
ATOM   407 O  OE1 . GLU B 1 14 ? -9.403  -1.692  -5.196  0.10 25.08 ? 13 GLU B OE1 1 
ATOM   408 O  OE2 . GLU B 1 14 ? -8.194  -0.781  -6.791  0.10 24.64 ? 13 GLU B OE2 1 
ATOM   409 N  N   . SER B 1 15 ? -7.992  1.956   -1.195  1.00 16.45 ? 14 SER B N   1 
ATOM   410 C  CA  . SER B 1 15 ? -8.216  3.346   -0.914  1.00 17.64 ? 14 SER B CA  1 
ATOM   411 C  C   . SER B 1 15 ? -6.947  3.954   -0.347  1.00 16.02 ? 14 SER B C   1 
ATOM   412 O  O   . SER B 1 15 ? -6.534  5.078   -0.781  1.00 16.81 ? 14 SER B O   1 
ATOM   413 C  CB  . SER B 1 15 ? -9.376  3.530   0.074   1.00 18.75 ? 14 SER B CB  1 
ATOM   414 O  OG  A SER B 1 15 ? -10.588 3.283   -0.581  0.50 22.58 ? 14 SER B OG  1 
ATOM   415 O  OG  B SER B 1 15 ? -9.749  4.882   0.213   0.50 20.54 ? 14 SER B OG  1 
ATOM   416 N  N   A LYS B 1 16 ? -6.350  3.343   0.640   0.50 13.93 ? 15 LYS B N   1 
ATOM   417 N  N   B LYS B 1 16 ? -6.351  3.347   0.644   0.50 15.29 ? 15 LYS B N   1 
ATOM   418 C  CA  A LYS B 1 16 ? -5.140  3.862   1.232   0.50 13.52 ? 15 LYS B CA  1 
ATOM   419 C  CA  B LYS B 1 16 ? -5.135  3.860   1.240   0.50 14.84 ? 15 LYS B CA  1 
ATOM   420 C  C   A LYS B 1 16 ? -3.997  3.974   0.244   0.50 13.11 ? 15 LYS B C   1 
ATOM   421 C  C   B LYS B 1 16 ? -3.999  3.975   0.245   0.50 14.01 ? 15 LYS B C   1 
ATOM   422 O  O   A LYS B 1 16 ? -3.310  4.900   0.281   0.50 11.11 ? 15 LYS B O   1 
ATOM   423 O  O   B LYS B 1 16 ? -3.311  4.901   0.280   0.50 13.32 ? 15 LYS B O   1 
ATOM   424 C  CB  A LYS B 1 16 ? -4.749  3.037   2.494   0.50 12.94 ? 15 LYS B CB  1 
ATOM   425 C  CB  B LYS B 1 16 ? -4.729  2.980   2.457   0.50 15.15 ? 15 LYS B CB  1 
ATOM   426 C  CG  A LYS B 1 16 ? -5.705  3.330   3.684   0.50 17.43 ? 15 LYS B CG  1 
ATOM   427 C  CG  B LYS B 1 16 ? -3.602  3.494   3.339   0.50 14.85 ? 15 LYS B CG  1 
ATOM   428 C  CD  A LYS B 1 16 ? -5.295  2.615   4.995   0.40 14.29 ? 15 LYS B CD  1 
ATOM   429 C  CD  B LYS B 1 16 ? -3.787  3.036   4.828   0.60 16.76 ? 15 LYS B CD  1 
ATOM   430 C  CE  A LYS B 1 16 ? -6.420  2.422   6.065   0.20 13.18 ? 15 LYS B CE  1 
ATOM   431 C  CE  B LYS B 1 16 ? -2.413  2.977   5.689   0.80 19.56 ? 15 LYS B CE  1 
ATOM   432 N  NZ  A LYS B 1 16 ? -5.801  1.763   7.293   0.20 13.89 ? 15 LYS B NZ  1 
ATOM   433 N  NZ  B LYS B 1 16 ? -2.458  2.375   7.143   0.80 21.24 ? 15 LYS B NZ  1 
ATOM   434 N  N   . LEU B 1 17 ? -3.813  2.981   -0.567  1.00 13.55 ? 16 LEU B N   1 
ATOM   435 C  CA  . LEU B 1 17 ? -2.739  3.004   -1.590  1.00 14.98 ? 16 LEU B CA  1 
ATOM   436 C  C   . LEU B 1 17 ? -2.979  4.152   -2.540  1.00 14.77 ? 16 LEU B C   1 
ATOM   437 O  O   . LEU B 1 17 ? -2.001  4.872   -2.882  1.00 13.91 ? 16 LEU B O   1 
ATOM   438 C  CB  . LEU B 1 17 ? -2.670  1.721   -2.368  1.00 15.76 ? 16 LEU B CB  1 
ATOM   439 C  CG  . LEU B 1 17 ? -1.718  1.486   -3.529  1.00 20.61 ? 16 LEU B CG  1 
ATOM   440 C  CD1 . LEU B 1 17 ? -0.328  1.951   -3.133  0.80 23.46 ? 16 LEU B CD1 1 
ATOM   441 C  CD2 . LEU B 1 17 ? -1.720  0.013   -3.815  0.20 18.26 ? 16 LEU B CD2 1 
ATOM   442 N  N   . GLN B 1 18 ? -4.203  4.432   -2.966  1.00 13.69 ? 17 GLN B N   1 
ATOM   443 C  CA  . GLN B 1 18 ? -4.477  5.604   -3.814  1.00 15.34 ? 17 GLN B CA  1 
ATOM   444 C  C   . GLN B 1 18 ? -4.151  6.866   -3.085  1.00 14.07 ? 17 GLN B C   1 
ATOM   445 O  O   . GLN B 1 18 ? -3.568  7.819   -3.718  1.00 14.05 ? 17 GLN B O   1 
ATOM   446 C  CB  . GLN B 1 18 ? -5.971  5.617   -4.204  1.00 17.70 ? 17 GLN B CB  1 
ATOM   447 C  CG  . GLN B 1 18 ? -6.376  4.506   -5.138  1.00 24.18 ? 17 GLN B CG  1 
ATOM   448 C  CD  . GLN B 1 18 ? -7.873  4.143   -5.137  0.80 28.51 ? 17 GLN B CD  1 
ATOM   449 O  OE1 . GLN B 1 18 ? -8.687  4.728   -4.432  0.80 27.82 ? 17 GLN B OE1 1 
ATOM   450 N  NE2 . GLN B 1 18 ? -8.213  3.141   -5.946  0.80 29.12 ? 17 GLN B NE2 1 
ATOM   451 N  N   . ALA B 1 19 ? -4.479  7.015   -1.810  1.00 12.22 ? 18 ALA B N   1 
ATOM   452 C  CA  . ALA B 1 19 ? -4.180  8.177   -1.109  1.00 13.35 ? 18 ALA B CA  1 
ATOM   453 C  C   . ALA B 1 19 ? -2.672  8.346   -0.956  1.00 10.91 ? 18 ALA B C   1 
ATOM   454 O  O   . ALA B 1 19 ? -2.171  9.488   -1.067  1.00 11.84 ? 18 ALA B O   1 
ATOM   455 C  CB  . ALA B 1 19 ? -4.860  8.129   0.271   1.00 16.57 ? 18 ALA B CB  1 
ATOM   456 N  N   A LEU B 1 20 ? -1.953  7.248   -0.798  0.50 10.96 ? 19 LEU B N   1 
ATOM   457 N  N   B LEU B 1 20 ? -1.947  7.290   -0.751  0.50 10.49 ? 19 LEU B N   1 
ATOM   458 C  CA  A LEU B 1 20 ? -0.500  7.308   -0.644  0.50 10.50 ? 19 LEU B CA  1 
ATOM   459 C  CA  B LEU B 1 20 ? -0.513  7.430   -0.615  0.50 9.58  ? 19 LEU B CA  1 
ATOM   460 C  C   A LEU B 1 20 ? 0.208   7.741   -1.966  0.50 9.79  ? 19 LEU B C   1 
ATOM   461 C  C   B LEU B 1 20 ? 0.143   7.838   -1.953  0.50 9.59  ? 19 LEU B C   1 
ATOM   462 O  O   A LEU B 1 20 ? 1.263   8.385   -1.990  0.50 9.04  ? 19 LEU B O   1 
ATOM   463 O  O   B LEU B 1 20 ? 1.055   8.596   -1.960  0.50 8.68  ? 19 LEU B O   1 
ATOM   464 C  CB  A LEU B 1 20 ? -0.019  5.922   -0.260  0.50 12.03 ? 19 LEU B CB  1 
ATOM   465 C  CB  B LEU B 1 20 ? 0.079   6.127   -0.138  0.50 11.56 ? 19 LEU B CB  1 
ATOM   466 C  CG  A LEU B 1 20 ? 1.464   5.885   0.040   0.30 9.34  ? 19 LEU B CG  1 
ATOM   467 C  CG  B LEU B 1 20 ? -0.237  5.764   1.306   0.30 8.89  ? 19 LEU B CG  1 
ATOM   468 C  CD1 A LEU B 1 20 ? 1.753   6.859   1.128   0.30 13.38 ? 19 LEU B CD1 1 
ATOM   469 C  CD1 B LEU B 1 20 ? 0.517   4.512   1.569   0.30 12.49 ? 19 LEU B CD1 1 
ATOM   470 C  CD2 A LEU B 1 20 ? 1.818   4.453   0.499   0.30 9.62  ? 19 LEU B CD2 1 
ATOM   471 C  CD2 B LEU B 1 20 ? 0.134   6.829   2.353   0.30 9.77  ? 19 LEU B CD2 1 
ATOM   472 N  N   . GLU B 1 21 ? -0.374  7.324   -3.058  1.00 10.43 ? 20 GLU B N   1 
ATOM   473 C  CA  . GLU B 1 21 ? 0.211   7.693   -4.338  1.00 9.92  ? 20 GLU B CA  1 
ATOM   474 C  C   . GLU B 1 21 ? -0.064  9.145   -4.614  1.00 11.34 ? 20 GLU B C   1 
ATOM   475 O  O   . GLU B 1 21 ? 0.854   9.829   -5.135  1.00 10.75 ? 20 GLU B O   1 
ATOM   476 C  CB  . GLU B 1 21 ? -0.342  6.796   -5.449  1.00 12.82 ? 20 GLU B CB  1 
ATOM   477 C  CG  . GLU B 1 21 ? 0.567   6.647   -6.740  1.00 16.85 ? 20 GLU B CG  1 
ATOM   478 C  CD  . GLU B 1 21 ? 0.384   7.694   -7.727  0.50 12.88 ? 20 GLU B CD  1 
ATOM   479 O  OE1 . GLU B 1 21 ? 1.277   7.756   -8.612  1.00 15.54 ? 20 GLU B OE1 1 
ATOM   480 O  OE2 . GLU B 1 21 ? -0.599  8.443   -7.661  0.75 16.50 ? 20 GLU B OE2 1 
ATOM   481 N  N   . LYS B 1 22 ? -1.173  9.678   -4.219  1.00 10.86 ? 21 LYS B N   1 
ATOM   482 C  CA  . LYS B 1 22 ? -1.488  11.108  -4.397  1.00 11.92 ? 21 LYS B CA  1 
ATOM   483 C  C   . LYS B 1 22 ? -0.496  11.926  -3.588  1.00 10.62 ? 21 LYS B C   1 
ATOM   484 O  O   . LYS B 1 22 ? 0.047   12.954  -4.035  1.00 11.44 ? 21 LYS B O   1 
ATOM   485 C  CB  . LYS B 1 22 ? -2.962  11.374  -4.031  1.00 13.61 ? 21 LYS B CB  1 
ATOM   486 C  CG  . LYS B 1 22 ? -3.320  12.811  -4.138  1.00 17.23 ? 21 LYS B CG  1 
ATOM   487 C  CD  . LYS B 1 22 ? -4.654  13.202  -3.460  1.00 22.92 ? 21 LYS B CD  1 
ATOM   488 C  CE  . LYS B 1 22 ? -5.834  12.497  -3.947  1.00 29.46 ? 21 LYS B CE  1 
ATOM   489 N  NZ  . LYS B 1 22 ? -7.037  13.220  -3.376  0.60 29.20 ? 21 LYS B NZ  1 
ATOM   490 N  N   . LYS B 1 23 ? -0.274  11.564  -2.317  1.00 10.04 ? 22 LYS B N   1 
ATOM   491 C  CA  . LYS B 1 23 ? 0.668   12.263  -1.506  1.00 11.21 ? 22 LYS B CA  1 
ATOM   492 C  C   . LYS B 1 23 ? 2.114   12.161  -2.010  1.00 7.94  ? 22 LYS B C   1 
ATOM   493 O  O   . LYS B 1 23 ? 2.859   13.145  -1.933  1.00 8.87  ? 22 LYS B O   1 
ATOM   494 C  CB  . LYS B 1 23 ? 0.549   11.777  -0.036  1.00 11.49 ? 22 LYS B CB  1 
ATOM   495 C  CG  . LYS B 1 23 ? -0.677  12.320  0.628   1.00 17.34 ? 22 LYS B CG  1 
ATOM   496 C  CD  . LYS B 1 23 ? -0.721  11.749  2.029   1.00 23.74 ? 22 LYS B CD  1 
ATOM   497 C  CE  . LYS B 1 23 ? -1.824  12.376  2.819   1.00 27.93 ? 22 LYS B CE  1 
ATOM   498 N  NZ  . LYS B 1 23 ? -2.094  11.509  4.003   0.70 32.51 ? 22 LYS B NZ  1 
ATOM   499 N  N   . LEU B 1 24 ? 2.488   11.024  -2.550  1.00 8.43  ? 23 LEU B N   1 
ATOM   500 C  CA  . LEU B 1 24 ? 3.823   10.900  -3.170  1.00 8.53  ? 23 LEU B CA  1 
ATOM   501 C  C   . LEU B 1 24 ? 3.965   11.877  -4.358  1.00 8.14  ? 23 LEU B C   1 
ATOM   502 O  O   . LEU B 1 24 ? 4.982   12.525  -4.487  1.00 8.46  ? 23 LEU B O   1 
ATOM   503 C  CB  . LEU B 1 24 ? 4.036   9.478   -3.643  1.00 11.38 ? 23 LEU B CB  1 
ATOM   504 C  CG  . LEU B 1 24 ? 5.396   9.132   -4.188  0.60 11.71 ? 23 LEU B CG  1 
ATOM   505 C  CD1 . LEU B 1 24 ? 6.499   9.667   -3.284  0.10 10.88 ? 23 LEU B CD1 1 
ATOM   506 C  CD2 . LEU B 1 24 ? 5.533   7.618   -4.260  0.10 6.13  ? 23 LEU B CD2 1 
ATOM   507 N  N   . GLU B 1 25 ? 2.927   11.951  -5.169  1.00 7.69  ? 24 GLU B N   1 
ATOM   508 C  CA  . GLU B 1 25 ? 2.976   12.873  -6.340  1.00 6.80  ? 24 GLU B CA  1 
ATOM   509 C  C   . GLU B 1 25 ? 3.087   14.268  -5.887  1.00 7.63  ? 24 GLU B C   1 
ATOM   510 O  O   . GLU B 1 25 ? 3.885   15.086  -6.369  1.00 8.04  ? 24 GLU B O   1 
ATOM   511 C  CB  . GLU B 1 25 ? 1.689   12.707  -7.172  1.00 8.52  ? 24 GLU B CB  1 
ATOM   512 C  CG  . GLU B 1 25 ? 1.583   11.403  -7.907  1.00 8.71  ? 24 GLU B CG  1 
ATOM   513 C  CD  . GLU B 1 25 ? 2.475   11.241  -9.118  1.00 8.18  ? 24 GLU B CD  1 
ATOM   514 O  OE1 . GLU B 1 25 ? 2.358   10.240  -9.891  1.00 9.00  ? 24 GLU B OE1 1 
ATOM   515 O  OE2 . GLU B 1 25 ? 3.403   12.119  -9.265  1.00 9.20  ? 24 GLU B OE2 1 
ATOM   516 N  N   . ALA B 1 26 ? 2.375   14.650  -4.824  1.00 8.10  ? 25 ALA B N   1 
ATOM   517 C  CA  . ALA B 1 26 ? 2.502   15.997  -4.298  1.00 9.99  ? 25 ALA B CA  1 
ATOM   518 C  C   . ALA B 1 26 ? 3.843   16.294  -3.757  1.00 10.16 ? 25 ALA B C   1 
ATOM   519 O  O   . ALA B 1 26 ? 4.390   17.390  -3.922  1.00 11.51 ? 25 ALA B O   1 
ATOM   520 C  CB  . ALA B 1 26 ? 1.464   16.283  -3.213  1.00 12.41 ? 25 ALA B CB  1 
ATOM   521 N  N   . LEU B 1 27 ? 4.450   15.329  -3.035  1.00 10.19 ? 26 LEU B N   1 
ATOM   522 C  CA  . LEU B 1 27 ? 5.813   15.525  -2.528  1.00 11.48 ? 26 LEU B CA  1 
ATOM   523 C  C   . LEU B 1 27 ? 6.806   15.615  -3.628  1.00 10.57 ? 26 LEU B C   1 
ATOM   524 O  O   . LEU B 1 27 ? 7.765   16.470  -3.543  1.00 12.25 ? 26 LEU B O   1 
ATOM   525 C  CB  . LEU B 1 27 ? 6.169   14.377  -1.571  1.00 13.11 ? 26 LEU B CB  1 
ATOM   526 C  CG  . LEU B 1 27 ? 7.621   14.285  -1.102  1.00 16.58 ? 26 LEU B CG  1 
ATOM   527 C  CD1 . LEU B 1 27 ? 7.826   15.538  -0.220  0.60 18.44 ? 26 LEU B CD1 1 
ATOM   528 C  CD2 . LEU B 1 27 ? 7.772   13.038  -0.336  0.60 17.82 ? 26 LEU B CD2 1 
ATOM   529 N  N   . GLU B 1 28 ? 6.735   14.812  -4.657  1.00 8.68  ? 27 GLU B N   1 
ATOM   530 C  CA  . GLU B 1 28 ? 7.743   14.803  -5.716  1.00 9.57  ? 27 GLU B CA  1 
ATOM   531 C  C   . GLU B 1 28 ? 7.643   16.071  -6.554  1.00 8.29  ? 27 GLU B C   1 
ATOM   532 O  O   . GLU B 1 28 ? 8.699   16.619  -6.924  1.00 10.95 ? 27 GLU B O   1 
ATOM   533 C  CB  . GLU B 1 28 ? 7.539   13.576  -6.566  1.00 8.69  ? 27 GLU B CB  1 
ATOM   534 C  CG  . GLU B 1 28 ? 8.605   13.422  -7.687  1.00 11.63 ? 27 GLU B CG  1 
ATOM   535 C  CD  . GLU B 1 28 ? 8.412   12.187  -8.477  1.00 11.01 ? 27 GLU B CD  1 
ATOM   536 O  OE1 . GLU B 1 28 ? 7.495   11.400  -8.292  0.90 12.34 ? 27 GLU B OE1 1 
ATOM   537 O  OE2 . GLU B 1 28 ? 9.300   11.914  -9.287  1.00 14.80 ? 27 GLU B OE2 1 
ATOM   538 N  N   . HIS B 1 29 ? 6.475   16.538  -6.883  1.00 8.66  ? 28 HIS B N   1 
ATOM   539 C  CA  . HIS B 1 29 ? 6.296   17.616  -7.892  1.00 9.20  ? 28 HIS B CA  1 
ATOM   540 C  C   . HIS B 1 29 ? 5.871   18.885  -7.287  1.00 9.25  ? 28 HIS B C   1 
ATOM   541 O  O   . HIS B 1 29 ? 5.929   19.917  -8.025  1.00 11.39 ? 28 HIS B O   1 
ATOM   542 C  CB  . HIS B 1 29 ? 5.327   17.169  -9.005  1.00 10.78 ? 28 HIS B CB  1 
ATOM   543 C  CG  . HIS B 1 29 ? 5.665   15.825  -9.585  1.00 9.72  ? 28 HIS B CG  1 
ATOM   544 N  ND1 . HIS B 1 29 ? 6.684   15.601  -10.485 1.00 10.56 ? 28 HIS B ND1 1 
ATOM   545 C  CD2 . HIS B 1 29 ? 5.013   14.647  -9.467  1.00 8.28  ? 28 HIS B CD2 1 
ATOM   546 C  CE1 . HIS B 1 29 ? 6.723   14.330  -10.816 1.00 9.53  ? 28 HIS B CE1 1 
ATOM   547 N  NE2 . HIS B 1 29 ? 5.663   13.735  -10.257 1.00 8.28  ? 28 HIS B NE2 1 
ATOM   548 N  N   . GLY B 1 30 ? 5.363   18.935  -6.092  1.00 9.82  ? 29 GLY B N   1 
ATOM   549 C  CA  . GLY B 1 30 ? 4.778   20.158  -5.573  1.00 13.11 ? 29 GLY B CA  1 
ATOM   550 C  C   . GLY B 1 30 ? 5.709   20.937  -4.713  0.90 13.99 ? 29 GLY B C   1 
ATOM   551 O  O   . GLY B 1 30 ? 5.308   22.041  -4.276  0.80 17.73 ? 29 GLY B O   1 
HETATM 552 N  N   . NH2 B 1 31 ? 6.955   20.609  -4.610  1.00 14.83 ? 30 NH2 B N   1 
HETATM 553 C  C   . ACE C 1 1  ? -5.773  -22.057 2.680   1.00 10.37 ? 0  ACE C C   1 
HETATM 554 O  O   . ACE C 1 1  ? -5.091  -21.086 2.973   1.00 10.53 ? 0  ACE C O   1 
HETATM 555 C  CH3 . ACE C 1 1  ? -5.713  -23.293 3.506   1.00 11.76 ? 0  ACE C CH3 1 
ATOM   556 N  N   . GLU C 1 2  ? -6.576  -22.077 1.656   1.00 11.09 ? 1  GLU C N   1 
ATOM   557 C  CA  . GLU C 1 2  ? -6.620  -20.985 0.691   1.00 13.26 ? 1  GLU C CA  1 
ATOM   558 C  C   . GLU C 1 2  ? -7.167  -19.693 1.299   1.00 11.51 ? 1  GLU C C   1 
ATOM   559 O  O   . GLU C 1 2  ? -6.597  -18.619 1.088   1.00 12.65 ? 1  GLU C O   1 
ATOM   560 C  CB  . GLU C 1 2  ? -7.519  -21.418 -0.504  1.00 16.17 ? 1  GLU C CB  1 
ATOM   561 C  CG  . GLU C 1 2  ? -6.987  -22.603 -1.393  1.00 24.85 ? 1  GLU C CG  1 
ATOM   562 C  CD  . GLU C 1 2  ? -7.548  -23.971 -1.048  0.50 29.56 ? 1  GLU C CD  1 
ATOM   563 O  OE1 . GLU C 1 2  ? -8.789  -24.134 -0.864  0.50 29.01 ? 1  GLU C OE1 1 
ATOM   564 O  OE2 . GLU C 1 2  ? -6.725  -24.923 -1.020  0.50 33.76 ? 1  GLU C OE2 1 
ATOM   565 N  N   . TRP C 1 3  ? -8.209  -19.772 2.092   1.00 9.32  ? 2  TRP C N   1 
ATOM   566 C  CA  . TRP C 1 3  ? -8.724  -18.588 2.704   1.00 10.93 ? 2  TRP C CA  1 
ATOM   567 C  C   . TRP C 1 3  ? -7.750  -18.043 3.708   1.00 10.15 ? 2  TRP C C   1 
ATOM   568 O  O   . TRP C 1 3  ? -7.465  -16.814 3.789   1.00 11.20 ? 2  TRP C O   1 
ATOM   569 C  CB  . TRP C 1 3  ? -10.061 -18.901 3.341   1.00 12.77 ? 2  TRP C CB  1 
ATOM   570 C  CG  . TRP C 1 3  ? -10.719 -17.604 3.867   1.00 13.90 ? 2  TRP C CG  1 
ATOM   571 C  CD1 . TRP C 1 3  ? -10.680 -17.147 5.114   0.75 16.45 ? 2  TRP C CD1 1 
ATOM   572 C  CD2 . TRP C 1 3  ? -11.301 -16.560 3.101   1.00 19.59 ? 2  TRP C CD2 1 
ATOM   573 N  NE1 . TRP C 1 3  ? -11.327 -15.926 5.242   1.00 18.79 ? 2  TRP C NE1 1 
ATOM   574 C  CE2 . TRP C 1 3  ? -11.736 -15.557 4.030   1.00 14.55 ? 2  TRP C CE2 1 
ATOM   575 C  CE3 . TRP C 1 3  ? -11.617 -16.403 1.759   0.60 17.11 ? 2  TRP C CE3 1 
ATOM   576 C  CZ2 . TRP C 1 3  ? -12.402 -14.392 3.633   0.60 17.33 ? 2  TRP C CZ2 1 
ATOM   577 C  CZ3 . TRP C 1 3  ? -12.269 -15.218 1.351   0.60 21.73 ? 2  TRP C CZ3 1 
ATOM   578 C  CH2 . TRP C 1 3  ? -12.677 -14.245 2.302   0.60 19.87 ? 2  TRP C CH2 1 
ATOM   579 N  N   . GLU C 1 4  ? -7.140  -18.913 4.502   1.00 10.29 ? 3  GLU C N   1 
ATOM   580 C  CA  . GLU C 1 4  ? -6.222  -18.518 5.551   1.00 10.05 ? 3  GLU C CA  1 
ATOM   581 C  C   . GLU C 1 4  ? -4.998  -17.870 4.874   1.00 9.41  ? 3  GLU C C   1 
ATOM   582 O  O   . GLU C 1 4  ? -4.454  -16.861 5.414   1.00 10.32 ? 3  GLU C O   1 
ATOM   583 C  CB  . GLU C 1 4  ? -5.852  -19.701 6.421   1.00 11.49 ? 3  GLU C CB  1 
ATOM   584 C  CG  . GLU C 1 4  ? -7.063  -20.352 7.144   1.00 12.22 ? 3  GLU C CG  1 
ATOM   585 C  CD  . GLU C 1 4  ? -7.960  -21.295 6.388   1.00 10.95 ? 3  GLU C CD  1 
ATOM   586 O  OE1 . GLU C 1 4  ? -7.818  -21.482 5.220   1.00 10.52 ? 3  GLU C OE1 1 
ATOM   587 O  OE2 . GLU C 1 4  ? -8.873  -21.802 7.093   1.00 12.93 ? 3  GLU C OE2 1 
ATOM   588 N  N   . ALA C 1 5  ? -4.520  -18.373 3.751   1.00 9.54  ? 4  ALA C N   1 
ATOM   589 C  CA  . ALA C 1 5  ? -3.379  -17.779 3.033   1.00 9.31  ? 4  ALA C CA  1 
ATOM   590 C  C   . ALA C 1 5  ? -3.796  -16.392 2.509   1.00 10.18 ? 4  ALA C C   1 
ATOM   591 O  O   . ALA C 1 5  ? -2.953  -15.473 2.563   1.00 11.52 ? 4  ALA C O   1 
ATOM   592 C  CB  . ALA C 1 5  ? -2.995  -18.635 1.878   1.00 11.02 ? 4  ALA C CB  1 
ATOM   593 N  N   . LEU C 1 6  ? -5.009  -16.200 2.039   1.00 10.09 ? 5  LEU C N   1 
ATOM   594 C  CA  . LEU C 1 6  ? -5.385  -14.860 1.530   1.00 12.57 ? 5  LEU C CA  1 
ATOM   595 C  C   . LEU C 1 6  ? -5.479  -13.937 2.695   1.00 12.46 ? 5  LEU C C   1 
ATOM   596 O  O   . LEU C 1 6  ? -5.029  -12.752 2.593   1.00 13.04 ? 5  LEU C O   1 
ATOM   597 C  CB  . LEU C 1 6  ? -6.716  -14.992 0.754   1.00 13.62 ? 5  LEU C CB  1 
ATOM   598 C  CG  . LEU C 1 6  ? -7.137  -13.728 0.046   1.00 15.90 ? 5  LEU C CG  1 
ATOM   599 C  CD1 . LEU C 1 6  ? -6.068  -13.298 -0.999  1.00 18.42 ? 5  LEU C CD1 1 
ATOM   600 C  CD2 . LEU C 1 6  ? -8.494  -14.070 -0.619  1.00 19.47 ? 5  LEU C CD2 1 
ATOM   601 N  N   . GLU C 1 7  ? -5.995  -14.313 3.843   1.00 12.05 ? 6  GLU C N   1 
ATOM   602 C  CA  . GLU C 1 7  ? -6.036  -13.459 4.969   1.00 13.00 ? 6  GLU C CA  1 
ATOM   603 C  C   . GLU C 1 7  ? -4.633  -13.082 5.451   1.00 13.54 ? 6  GLU C C   1 
ATOM   604 O  O   . GLU C 1 7  ? -4.354  -11.904 5.790   1.00 15.01 ? 6  GLU C O   1 
ATOM   605 C  CB  . GLU C 1 7  ? -6.770  -14.063 6.146   1.00 14.45 ? 6  GLU C CB  1 
ATOM   606 C  CG  . GLU C 1 7  ? -8.311  -14.321 6.007   1.00 18.45 ? 6  GLU C CG  1 
ATOM   607 C  CD  . GLU C 1 7  ? -8.804  -14.756 7.381   0.55 19.75 ? 6  GLU C CD  1 
ATOM   608 O  OE1 . GLU C 1 7  ? -8.755  -15.953 7.658   0.55 25.37 ? 6  GLU C OE1 1 
ATOM   609 O  OE2 . GLU C 1 7  ? -9.012  -13.866 8.219   0.55 25.45 ? 6  GLU C OE2 1 
ATOM   610 N  N   . LYS C 1 8  ? -3.674  -14.016 5.435   1.00 11.64 ? 7  LYS C N   1 
ATOM   611 C  CA  . LYS C 1 8  ? -2.293  -13.740 5.803   1.00 11.66 ? 7  LYS C CA  1 
ATOM   612 C  C   . LYS C 1 8  ? -1.701  -12.726 4.828   1.00 11.83 ? 7  LYS C C   1 
ATOM   613 O  O   . LYS C 1 8  ? -1.040  -11.777 5.273   1.00 12.94 ? 7  LYS C O   1 
ATOM   614 C  CB  . LYS C 1 8  ? -1.495  -15.059 5.778   1.00 12.25 ? 7  LYS C CB  1 
ATOM   615 C  CG  . LYS C 1 8  ? -0.028  -14.829 6.173   1.00 14.38 ? 7  LYS C CG  1 
ATOM   616 C  CD  . LYS C 1 8  ? 0.706   -16.083 5.973   1.00 15.16 ? 7  LYS C CD  1 
ATOM   617 C  CE  . LYS C 1 8  ? 2.122   -15.972 6.544   1.00 22.76 ? 7  LYS C CE  1 
ATOM   618 N  NZ  . LYS C 1 8  ? 2.943   -17.123 6.135   0.80 27.29 ? 7  LYS C NZ  1 
ATOM   619 N  N   . LYS C 1 9  ? -1.916  -12.878 3.558   1.00 11.59 ? 8  LYS C N   1 
ATOM   620 C  CA  . LYS C 1 9  ? -1.424  -11.937 2.560   1.00 12.91 ? 8  LYS C CA  1 
ATOM   621 C  C   . LYS C 1 9  ? -2.001  -10.536 2.767   1.00 13.72 ? 8  LYS C C   1 
ATOM   622 O  O   . LYS C 1 9  ? -1.289  -9.585  2.714   1.00 12.74 ? 8  LYS C O   1 
ATOM   623 C  CB  . LYS C 1 9  ? -1.744  -12.480 1.175   1.00 13.59 ? 8  LYS C CB  1 
ATOM   624 C  CG  . LYS C 1 9  ? -1.307  -11.565 0.035   1.00 16.08 ? 8  LYS C CG  1 
ATOM   625 C  CD  . LYS C 1 9  ? -1.528  -12.259 -1.285  0.80 19.83 ? 8  LYS C CD  1 
ATOM   626 C  CE  . LYS C 1 9  ? -0.787  -11.581 -2.406  1.00 24.84 ? 8  LYS C CE  1 
ATOM   627 N  NZ  . LYS C 1 9  ? 0.568   -12.131 -2.562  0.90 31.73 ? 8  LYS C NZ  1 
ATOM   628 N  N   A CYS C 1 10 ? -3.284  -10.445 3.061   0.60 12.19 ? 9  CYS C N   1 
ATOM   629 N  N   B CYS C 1 10 ? -3.288  -10.443 3.059   0.40 13.28 ? 9  CYS C N   1 
ATOM   630 C  CA  A CYS C 1 10 ? -3.876  -9.147  3.321   0.60 12.81 ? 9  CYS C CA  1 
ATOM   631 C  CA  B CYS C 1 10 ? -3.889  -9.144  3.327   0.40 14.85 ? 9  CYS C CA  1 
ATOM   632 C  C   A CYS C 1 10 ? -3.335  -8.487  4.571   0.60 13.25 ? 9  CYS C C   1 
ATOM   633 C  C   B CYS C 1 10 ? -3.331  -8.486  4.569   0.40 13.67 ? 9  CYS C C   1 
ATOM   634 O  O   A CYS C 1 10 ? -3.100  -7.331  4.560   0.60 13.09 ? 9  CYS C O   1 
ATOM   635 O  O   B CYS C 1 10 ? -3.097  -7.331  4.558   0.40 13.96 ? 9  CYS C O   1 
ATOM   636 C  CB  A CYS C 1 10 ? -5.388  -9.314  3.389   0.60 13.38 ? 9  CYS C CB  1 
ATOM   637 C  CB  B CYS C 1 10 ? -5.401  -9.317  3.486   0.40 12.81 ? 9  CYS C CB  1 
ATOM   638 S  SG  A CYS C 1 10 ? -6.083  -9.517  1.690   0.60 20.07 ? 9  CYS C SG  1 
ATOM   639 S  SG  B CYS C 1 10 ? -6.304  -7.895  4.249   0.40 22.38 ? 9  CYS C SG  1 
ATOM   640 N  N   . ALA C 1 11 ? -3.093  -9.199  5.638   1.00 13.68 ? 10 ALA C N   1 
ATOM   641 C  CA  . ALA C 1 11 ? -2.422  -8.654  6.813   1.00 15.38 ? 10 ALA C CA  1 
ATOM   642 C  C   . ALA C 1 11 ? -1.017  -8.204  6.482   1.00 15.34 ? 10 ALA C C   1 
ATOM   643 O  O   . ALA C 1 11 ? -0.615  -7.122  6.994   1.00 15.24 ? 10 ALA C O   1 
ATOM   644 C  CB  . ALA C 1 11 ? -2.373  -9.721  7.914   1.00 17.28 ? 10 ALA C CB  1 
ATOM   645 N  N   . ALA C 1 12 ? -0.284  -8.909  5.654   1.00 13.49 ? 11 ALA C N   1 
ATOM   646 C  CA  . ALA C 1 12 ? 1.067   -8.500  5.278   1.00 13.47 ? 11 ALA C CA  1 
ATOM   647 C  C   . ALA C 1 12 ? 0.963   -7.226  4.428   1.00 12.53 ? 11 ALA C C   1 
ATOM   648 O  O   . ALA C 1 12 ? 1.803   -6.322  4.634   1.00 14.03 ? 11 ALA C O   1 
ATOM   649 C  CB  . ALA C 1 12 ? 1.768   -9.596  4.524   1.00 14.50 ? 11 ALA C CB  1 
ATOM   650 N  N   . LEU C 1 13 ? 0.003   -7.093  3.557   1.00 12.38 ? 12 LEU C N   1 
ATOM   651 C  CA  . LEU C 1 13 ? -0.144  -5.876  2.756   1.00 12.67 ? 12 LEU C CA  1 
ATOM   652 C  C   . LEU C 1 13 ? -0.521  -4.720  3.636   1.00 12.70 ? 12 LEU C C   1 
ATOM   653 O  O   . LEU C 1 13 ? 0.000   -3.612  3.444   1.00 12.01 ? 12 LEU C O   1 
ATOM   654 C  CB  . LEU C 1 13 ? -1.174  -6.098  1.676   1.00 13.80 ? 12 LEU C CB  1 
ATOM   655 C  CG  . LEU C 1 13 ? -0.845  -7.102  0.569   1.00 15.49 ? 12 LEU C CG  1 
ATOM   656 C  CD1 . LEU C 1 13 ? -2.069  -7.319  -0.311  1.00 22.01 ? 12 LEU C CD1 1 
ATOM   657 C  CD2 . LEU C 1 13 ? 0.391   -6.617  -0.228  0.90 22.04 ? 12 LEU C CD2 1 
ATOM   658 N  N   . GLU C 1 14 ? -1.330  -4.917  4.642   1.00 11.35 ? 13 GLU C N   1 
ATOM   659 C  CA  . GLU C 1 14 ? -1.676  -3.853  5.573   1.00 13.38 ? 13 GLU C CA  1 
ATOM   660 C  C   . GLU C 1 14 ? -0.437  -3.361  6.345   1.00 12.25 ? 13 GLU C C   1 
ATOM   661 O  O   . GLU C 1 14 ? -0.266  -2.184  6.487   1.00 13.39 ? 13 GLU C O   1 
ATOM   662 C  CB  . GLU C 1 14 ? -2.786  -4.329  6.529   1.00 14.59 ? 13 GLU C CB  1 
ATOM   663 C  CG  . GLU C 1 14 ? -3.291  -3.200  7.376   1.00 21.72 ? 13 GLU C CG  1 
ATOM   664 C  CD  . GLU C 1 14 ? -4.596  -3.448  8.076   0.70 29.91 ? 13 GLU C CD  1 
ATOM   665 O  OE1 . GLU C 1 14 ? -5.244  -4.475  7.881   0.70 32.79 ? 13 GLU C OE1 1 
ATOM   666 O  OE2 . GLU C 1 14 ? -4.937  -2.515  8.814   0.70 33.32 ? 13 GLU C OE2 1 
ATOM   667 N  N   . SER C 1 15 ? 0.407   -4.289  6.802   1.00 11.74 ? 14 SER C N   1 
ATOM   668 C  CA  . SER C 1 15 ? 1.579   -3.926  7.543   1.00 14.46 ? 14 SER C CA  1 
ATOM   669 C  C   . SER C 1 15 ? 2.520   -3.134  6.621   1.00 12.55 ? 14 SER C C   1 
ATOM   670 O  O   . SER C 1 15 ? 3.147   -2.152  7.040   1.00 13.28 ? 14 SER C O   1 
ATOM   671 C  CB  . SER C 1 15 ? 2.252   -5.183  8.097   1.00 15.52 ? 14 SER C CB  1 
ATOM   672 O  OG  A SER C 1 15 ? 3.521   -4.914  8.679   0.50 16.98 ? 14 SER C OG  1 
ATOM   673 O  OG  B SER C 1 15 ? 1.476   -5.677  9.157   0.50 20.89 ? 14 SER C OG  1 
ATOM   674 N  N   A LYS C 1 16 ? 2.602   -3.571  5.375   0.50 11.97 ? 15 LYS C N   1 
ATOM   675 N  N   B LYS C 1 16 ? 2.719   -3.585  5.408   0.50 11.39 ? 15 LYS C N   1 
ATOM   676 C  CA  A LYS C 1 16 ? 3.469   -2.953  4.374   0.50 11.84 ? 15 LYS C CA  1 
ATOM   677 C  CA  B LYS C 1 16 ? 3.613   -2.893  4.481   0.50 11.60 ? 15 LYS C CA  1 
ATOM   678 C  C   A LYS C 1 16 ? 3.018   -1.545  4.158   0.50 10.01 ? 15 LYS C C   1 
ATOM   679 C  C   B LYS C 1 16 ? 3.025   -1.516  4.053   0.50 9.56  ? 15 LYS C C   1 
ATOM   680 O  O   A LYS C 1 16 ? 3.854   -0.616  4.213   0.50 9.22  ? 15 LYS C O   1 
ATOM   681 O  O   B LYS C 1 16 ? 3.762   -0.543  3.870   0.50 8.96  ? 15 LYS C O   1 
ATOM   682 C  CB  A LYS C 1 16 ? 3.460   -3.693  3.049   0.50 12.88 ? 15 LYS C CB  1 
ATOM   683 C  CB  B LYS C 1 16 ? 3.899   -3.790  3.280   0.50 11.64 ? 15 LYS C CB  1 
ATOM   684 C  CG  A LYS C 1 16 ? 4.545   -3.129  2.077   0.30 11.33 ? 15 LYS C CG  1 
ATOM   685 C  CG  B LYS C 1 16 ? 4.779   -5.007  3.477   0.30 12.79 ? 15 LYS C CG  1 
ATOM   686 C  CD  A LYS C 1 16 ? 5.053   -4.149  1.029   0.30 16.00 ? 15 LYS C CD  1 
ATOM   687 C  CD  B LYS C 1 16 ? 5.096   -5.634  2.089   0.30 15.61 ? 15 LYS C CD  1 
ATOM   688 C  CE  A LYS C 1 16 ? 6.120   -3.510  0.139   0.30 17.02 ? 15 LYS C CE  1 
ATOM   689 C  CE  B LYS C 1 16 ? 5.859   -6.971  2.158   0.30 18.29 ? 15 LYS C CE  1 
ATOM   690 N  NZ  A LYS C 1 16 ? 6.713   -4.468  -0.849  0.30 20.58 ? 15 LYS C NZ  1 
ATOM   691 N  NZ  B LYS C 1 16 ? 6.508   -7.228  0.838   0.30 18.70 ? 15 LYS C NZ  1 
ATOM   692 N  N   . LEU C 1 17 ? 1.724   -1.391  3.931   1.00 8.72  ? 16 LEU C N   1 
ATOM   693 C  CA  . LEU C 1 17 ? 1.166   -0.074  3.693   1.00 10.05 ? 16 LEU C CA  1 
ATOM   694 C  C   . LEU C 1 17 ? 1.334   0.850   4.831   1.00 10.12 ? 16 LEU C C   1 
ATOM   695 O  O   . LEU C 1 17 ? 1.665   2.061   4.607   1.00 10.06 ? 16 LEU C O   1 
ATOM   696 C  CB  . LEU C 1 17 ? -0.292  -0.200  3.367   1.00 12.22 ? 16 LEU C CB  1 
ATOM   697 C  CG  . LEU C 1 17 ? -0.951  1.086   2.985   1.00 17.29 ? 16 LEU C CG  1 
ATOM   698 C  CD1 . LEU C 1 17 ? -2.162  0.740   2.097   0.20 9.69  ? 16 LEU C CD1 1 
ATOM   699 C  CD2 . LEU C 1 17 ? -1.454  1.870   4.184   0.10 10.45 ? 16 LEU C CD2 1 
ATOM   700 N  N   . GLN C 1 18 ? 1.298   0.334   6.004   1.00 10.28 ? 17 GLN C N   1 
ATOM   701 C  CA  . GLN C 1 18 ? 1.472   1.206   7.120   1.00 12.50 ? 17 GLN C CA  1 
ATOM   702 C  C   . GLN C 1 18 ? 2.893   1.669   7.219   1.00 10.51 ? 17 GLN C C   1 
ATOM   703 O  O   . GLN C 1 18 ? 3.108   2.898   7.509   1.00 11.67 ? 17 GLN C O   1 
ATOM   704 C  CB  . GLN C 1 18 ? 0.995   0.523   8.421   1.00 14.44 ? 17 GLN C CB  1 
ATOM   705 C  CG  . GLN C 1 18 ? 1.107   1.604   9.554   0.80 19.71 ? 17 GLN C CG  1 
ATOM   706 C  CD  . GLN C 1 18 ? 0.158   2.829   9.341   0.10 14.71 ? 17 GLN C CD  1 
ATOM   707 O  OE1 . GLN C 1 18 ? -1.072  2.664   9.281   0.10 12.20 ? 17 GLN C OE1 1 
ATOM   708 N  NE2 . GLN C 1 18 ? 0.737   4.047   9.194   0.20 10.30 ? 17 GLN C NE2 1 
ATOM   709 N  N   . ALA C 1 19 ? 3.840   0.798   6.919   1.00 9.73  ? 18 ALA C N   1 
ATOM   710 C  CA  . ALA C 1 19 ? 5.269   1.173   6.879   1.00 12.03 ? 18 ALA C CA  1 
ATOM   711 C  C   . ALA C 1 19 ? 5.460   2.274   5.836   1.00 10.13 ? 18 ALA C C   1 
ATOM   712 O  O   . ALA C 1 19 ? 6.235   3.214   6.038   1.00 10.48 ? 18 ALA C O   1 
ATOM   713 C  CB  . ALA C 1 19 ? 6.178   -0.033  6.578   1.00 12.97 ? 18 ALA C CB  1 
ATOM   714 N  N   . LEU C 1 20 ? 4.862   2.143   4.685   1.00 7.99  ? 19 LEU C N   1 
ATOM   715 C  CA  . LEU C 1 20 ? 5.057   3.088   3.611   1.00 8.62  ? 19 LEU C CA  1 
ATOM   716 C  C   . LEU C 1 20 ? 4.434   4.425   3.972   1.00 8.33  ? 19 LEU C C   1 
ATOM   717 O  O   . LEU C 1 20 ? 5.010   5.457   3.644   1.00 8.93  ? 19 LEU C O   1 
ATOM   718 C  CB  . LEU C 1 20 ? 4.492   2.539   2.250   1.00 10.33 ? 19 LEU C CB  1 
ATOM   719 C  CG  . LEU C 1 20 ? 5.274   1.269   1.766   1.00 12.64 ? 19 LEU C CG  1 
ATOM   720 C  CD1 . LEU C 1 20 ? 4.659   0.802   0.472   1.00 19.98 ? 19 LEU C CD1 1 
ATOM   721 C  CD2 . LEU C 1 20 ? 6.778   1.467   1.577   0.90 17.11 ? 19 LEU C CD2 1 
ATOM   722 N  N   . GLU C 1 21 ? 3.310   4.420   4.683   1.00 8.16  ? 20 GLU C N   1 
ATOM   723 C  CA  . GLU C 1 21 ? 2.735   5.676   5.092   1.00 9.51  ? 20 GLU C CA  1 
ATOM   724 C  C   . GLU C 1 21 ? 3.650   6.381   6.046   1.00 9.44  ? 20 GLU C C   1 
ATOM   725 O  O   . GLU C 1 21 ? 3.836   7.611   5.929   1.00 9.88  ? 20 GLU C O   1 
ATOM   726 C  CB  . GLU C 1 21 ? 1.416   5.439   5.782   1.00 10.63 ? 20 GLU C CB  1 
ATOM   727 C  CG  . GLU C 1 21 ? 0.256   5.032   4.912   1.00 19.93 ? 20 GLU C CG  1 
ATOM   728 C  CD  . GLU C 1 21 ? -1.003  4.588   5.658   0.50 17.86 ? 20 GLU C CD  1 
ATOM   729 O  OE1 . GLU C 1 21 ? -0.934  4.261   6.876   0.50 19.29 ? 20 GLU C OE1 1 
ATOM   730 O  OE2 . GLU C 1 21 ? -2.079  4.544   4.997   0.50 19.75 ? 20 GLU C OE2 1 
ATOM   731 N  N   A LYS C 1 22 ? 4.263   5.604   6.948   0.50 8.51  ? 21 LYS C N   1 
ATOM   732 N  N   B LYS C 1 22 ? 4.290   5.714   6.971   0.50 8.10  ? 21 LYS C N   1 
ATOM   733 C  CA  A LYS C 1 22 ? 5.223   6.166   7.905   0.50 10.35 ? 21 LYS C CA  1 
ATOM   734 C  CA  B LYS C 1 22 ? 5.190   6.478   7.871   0.50 9.04  ? 21 LYS C CA  1 
ATOM   735 C  C   A LYS C 1 22 ? 6.367   6.794   7.175   0.50 8.49  ? 21 LYS C C   1 
ATOM   736 C  C   B LYS C 1 22 ? 6.502   6.871   7.133   0.50 8.39  ? 21 LYS C C   1 
ATOM   737 O  O   A LYS C 1 22 ? 6.786   7.895   7.560   0.50 8.80  ? 21 LYS C O   1 
ATOM   738 O  O   B LYS C 1 22 ? 7.121   7.880   7.385   0.50 7.37  ? 21 LYS C O   1 
ATOM   739 C  CB  A LYS C 1 22 ? 5.769   5.125   8.900   0.50 8.86  ? 21 LYS C CB  1 
ATOM   740 C  CB  B LYS C 1 22 ? 5.413   5.611   9.122   0.50 8.03  ? 21 LYS C CB  1 
ATOM   741 C  CG  A LYS C 1 22 ? 4.747   4.620   9.950   0.50 11.76 ? 21 LYS C CG  1 
ATOM   742 C  CG  B LYS C 1 22 ? 4.116   5.305   9.883   0.50 11.01 ? 21 LYS C CG  1 
ATOM   743 C  CD  A LYS C 1 22 ? 3.993   5.723   10.661  0.50 15.05 ? 21 LYS C CD  1 
ATOM   744 C  CD  B LYS C 1 22 ? 4.390   4.314   10.979  0.50 15.20 ? 21 LYS C CD  1 
ATOM   745 C  CE  A LYS C 1 22 ? 2.801   5.098   11.412  0.50 22.37 ? 21 LYS C CE  1 
ATOM   746 C  CE  B LYS C 1 22 ? 3.137   4.095   11.817  0.50 14.73 ? 21 LYS C CE  1 
ATOM   747 N  NZ  A LYS C 1 22 ? 2.287   6.122   12.296  0.50 23.27 ? 21 LYS C NZ  1 
ATOM   748 N  NZ  B LYS C 1 22 ? 2.316   2.990   11.236  0.50 20.94 ? 21 LYS C NZ  1 
ATOM   749 N  N   . LYS C 1 23 ? 6.924   6.108   6.182   1.00 8.00  ? 22 LYS C N   1 
ATOM   750 C  CA  A LYS C 1 23 ? 8.109   6.587   5.508   0.50 9.33  ? 22 LYS C CA  1 
ATOM   751 C  CA  B LYS C 1 23 ? 8.105   6.435   5.324   0.50 8.54  ? 22 LYS C CA  1 
ATOM   752 C  C   . LYS C 1 23 ? 7.779   7.790   4.647   1.00 7.94  ? 22 LYS C C   1 
ATOM   753 O  O   . LYS C 1 23 ? 8.599   8.729   4.595   0.85 8.37  ? 22 LYS C O   1 
ATOM   754 C  CB  A LYS C 1 23 ? 8.664   5.483   4.679   0.50 7.69  ? 22 LYS C CB  1 
ATOM   755 C  CB  B LYS C 1 23 ? 8.365   5.286   4.305   0.50 8.56  ? 22 LYS C CB  1 
ATOM   756 C  CG  A LYS C 1 23 ? 9.908   5.812   4.022   0.50 10.41 ? 22 LYS C CG  1 
ATOM   757 C  CG  B LYS C 1 23 ? 9.691   5.398   3.430   0.50 8.16  ? 22 LYS C CG  1 
ATOM   758 C  CD  A LYS C 1 23 ? 10.436  4.665   3.277   0.50 10.72 ? 22 LYS C CD  1 
ATOM   759 C  CD  B LYS C 1 23 ? 9.927   4.102   2.624   0.50 8.51  ? 22 LYS C CD  1 
ATOM   760 C  CE  A LYS C 1 23 ? 11.828  5.030   2.838   0.50 12.78 ? 22 LYS C CE  1 
ATOM   761 C  CE  B LYS C 1 23 ? 11.104  4.039   1.594   0.50 10.50 ? 22 LYS C CE  1 
ATOM   762 N  NZ  A LYS C 1 23 ? 12.466  3.841   2.422   0.50 6.51  ? 22 LYS C NZ  1 
ATOM   763 N  NZ  B LYS C 1 23 ? 10.666  2.760   0.706   0.50 12.68 ? 22 LYS C NZ  1 
ATOM   764 N  N   . LEU C 1 24 ? 6.600   7.835   4.075   1.00 8.08  ? 23 LEU C N   1 
ATOM   765 C  CA  . LEU C 1 24 ? 6.216   9.057   3.323   1.00 8.69  ? 23 LEU C CA  1 
ATOM   766 C  C   . LEU C 1 24 ? 6.072   10.242  4.267   1.00 8.73  ? 23 LEU C C   1 
ATOM   767 O  O   . LEU C 1 24 ? 6.547   11.353  3.919   1.00 9.83  ? 23 LEU C O   1 
ATOM   768 C  CB  . LEU C 1 24 ? 4.928   8.799   2.590   1.00 10.10 ? 23 LEU C CB  1 
ATOM   769 C  CG  . LEU C 1 24 ? 4.372   9.962   1.776   1.00 14.56 ? 23 LEU C CG  1 
ATOM   770 C  CD1 . LEU C 1 24 ? 5.389   10.674  0.920   1.00 19.05 ? 23 LEU C CD1 1 
ATOM   771 C  CD2 . LEU C 1 24 ? 3.313   9.432   0.779   0.95 20.95 ? 23 LEU C CD2 1 
ATOM   772 N  N   . GLU C 1 25 ? 5.523   10.025  5.434   1.00 8.48  ? 24 GLU C N   1 
ATOM   773 C  CA  A GLU C 1 25 ? 5.427   11.070  6.461   0.50 9.03  ? 24 GLU C CA  1 
ATOM   774 C  CA  B GLU C 1 25 ? 5.405   11.151  6.334   0.50 10.34 ? 24 GLU C CA  1 
ATOM   775 C  C   . GLU C 1 25 ? 6.769   11.635  6.792   1.00 9.31  ? 24 GLU C C   1 
ATOM   776 O  O   . GLU C 1 25 ? 6.948   12.860  6.921   1.00 11.37 ? 24 GLU C O   1 
ATOM   777 C  CB  A GLU C 1 25 ? 4.855   10.498  7.766   0.50 8.85  ? 24 GLU C CB  1 
ATOM   778 C  CB  B GLU C 1 25 ? 4.480   10.755  7.461   0.50 10.65 ? 24 GLU C CB  1 
ATOM   779 C  CG  A GLU C 1 25 ? 3.312   10.378  7.873   0.15 9.18  ? 24 GLU C CG  1 
ATOM   780 C  CG  B GLU C 1 25 ? 4.500   11.599  8.769   0.85 18.92 ? 24 GLU C CG  1 
ATOM   781 C  CD  A GLU C 1 25 ? 2.844   9.894   9.269   0.20 8.57  ? 24 GLU C CD  1 
ATOM   782 C  CD  B GLU C 1 25 ? 3.806   10.828  9.898   0.20 13.46 ? 24 GLU C CD  1 
ATOM   783 O  OE1 A GLU C 1 25 ? 3.705   9.594   10.143  0.10 10.15 ? 24 GLU C OE1 1 
ATOM   784 O  OE1 B GLU C 1 25 ? 4.415   9.940   10.536  0.10 8.72  ? 24 GLU C OE1 1 
ATOM   785 O  OE2 A GLU C 1 25 ? 1.621   9.847   9.492   0.10 13.48 ? 24 GLU C OE2 1 
ATOM   786 O  OE2 B GLU C 1 25 ? 2.621   11.095  10.155  0.10 11.29 ? 24 GLU C OE2 1 
ATOM   787 N  N   . ALA C 1 26 ? 7.743   10.741  6.988   1.00 9.13  ? 25 ALA C N   1 
ATOM   788 C  CA  . ALA C 1 26 ? 9.105   11.179  7.275   1.00 8.80  ? 25 ALA C CA  1 
ATOM   789 C  C   . ALA C 1 26 ? 9.632   12.034  6.155   1.00 10.22 ? 25 ALA C C   1 
ATOM   790 O  O   . ALA C 1 26 ? 10.245  13.102  6.411   1.00 12.64 ? 25 ALA C O   1 
ATOM   791 C  CB  . ALA C 1 26 ? 10.078  10.052  7.457   1.00 10.78 ? 25 ALA C CB  1 
ATOM   792 N  N   . LEU C 1 27 ? 9.422   11.676  4.887   1.00 9.38  ? 26 LEU C N   1 
ATOM   793 C  CA  A LEU C 1 27 ? 9.942   12.461  3.760   0.50 10.79 ? 26 LEU C CA  1 
ATOM   794 C  CA  B LEU C 1 27 ? 9.973   12.470  3.787   0.50 10.73 ? 26 LEU C CA  1 
ATOM   795 C  C   . LEU C 1 27 ? 9.249   13.804  3.656   1.00 11.50 ? 26 LEU C C   1 
ATOM   796 O  O   . LEU C 1 27 ? 9.893   14.763  3.284   1.00 14.55 ? 26 LEU C O   1 
ATOM   797 C  CB  A LEU C 1 27 ? 9.720   11.676  2.446   0.50 11.34 ? 26 LEU C CB  1 
ATOM   798 C  CB  B LEU C 1 27 ? 9.838   11.679  2.467   0.50 11.37 ? 26 LEU C CB  1 
ATOM   799 C  CG  A LEU C 1 27 ? 10.480  10.347  2.441   0.50 9.30  ? 26 LEU C CG  1 
ATOM   800 C  CG  B LEU C 1 27 ? 10.564  12.279  1.269   0.20 10.30 ? 26 LEU C CG  1 
ATOM   801 C  CD1 A LEU C 1 27 ? 10.436  9.703   1.058   0.50 10.83 ? 26 LEU C CD1 1 
ATOM   802 C  CD1 B LEU C 1 27 ? 11.995  12.591  1.648   0.20 10.69 ? 26 LEU C CD1 1 
ATOM   803 C  CD2 A LEU C 1 27 ? 11.936  10.461  3.021   0.50 15.04 ? 26 LEU C CD2 1 
ATOM   804 C  CD2 B LEU C 1 27 ? 10.548  11.266  0.185   0.20 10.81 ? 26 LEU C CD2 1 
ATOM   805 N  N   . GLU C 1 28 ? 7.979   13.877  3.976   1.00 10.95 ? 27 GLU C N   1 
ATOM   806 C  CA  . GLU C 1 28 ? 7.190   15.147  3.971   1.00 14.64 ? 27 GLU C CA  1 
ATOM   807 C  C   . GLU C 1 28 ? 7.785   16.101  4.983   1.00 16.01 ? 27 GLU C C   1 
ATOM   808 O  O   . GLU C 1 28 ? 7.634   17.321  4.808   1.00 20.54 ? 27 GLU C O   1 
ATOM   809 C  CB  . GLU C 1 28 ? 5.729   14.861  4.279   1.00 14.66 ? 27 GLU C CB  1 
ATOM   810 C  CG  . GLU C 1 28 ? 4.995   14.258  3.086   1.00 13.92 ? 27 GLU C CG  1 
ATOM   811 C  CD  . GLU C 1 28 ? 3.601   13.897  3.486   0.60 13.88 ? 27 GLU C CD  1 
ATOM   812 O  OE1 . GLU C 1 28 ? 3.326   13.689  4.704   0.60 16.98 ? 27 GLU C OE1 1 
ATOM   813 O  OE2 . GLU C 1 28 ? 2.727   13.832  2.592   0.60 14.04 ? 27 GLU C OE2 1 
ATOM   814 N  N   . HIS C 1 29 ? 8.439   15.623  6.028   1.00 17.44 ? 28 HIS C N   1 
ATOM   815 C  CA  . HIS C 1 29 ? 9.018   16.491  7.100   1.00 19.93 ? 28 HIS C CA  1 
ATOM   816 C  C   . HIS C 1 29 ? 10.549  16.557  6.965   0.90 22.74 ? 28 HIS C C   1 
ATOM   817 O  O   . HIS C 1 29 ? 11.263  16.888  7.940   0.90 23.67 ? 28 HIS C O   1 
ATOM   818 C  CB  . HIS C 1 29 ? 8.671   15.891  8.470   1.00 19.99 ? 28 HIS C CB  1 
ATOM   819 C  CG  . HIS C 1 29 ? 7.222   15.952  8.839   1.00 21.62 ? 28 HIS C CG  1 
ATOM   820 N  ND1 . HIS C 1 29 ? 6.271   15.074  8.373   1.00 22.79 ? 28 HIS C ND1 1 
ATOM   821 C  CD2 . HIS C 1 29 ? 6.559   16.789  9.682   1.00 19.76 ? 28 HIS C CD2 1 
ATOM   822 C  CE1 . HIS C 1 29 ? 5.091   15.366  8.889   0.60 23.53 ? 28 HIS C CE1 1 
ATOM   823 N  NE2 . HIS C 1 29 ? 5.242   16.409  9.694   0.80 20.28 ? 28 HIS C NE2 1 
ATOM   824 N  N   . GLY C 1 30 ? 11.042  16.285  5.786   0.90 22.76 ? 29 GLY C N   1 
ATOM   825 C  CA  . GLY C 1 30 ? 12.432  16.460  5.499   1.00 23.93 ? 29 GLY C CA  1 
ATOM   826 C  C   . GLY C 1 30 ? 13.064  15.337  4.753   0.80 26.22 ? 29 GLY C C   1 
ATOM   827 O  O   . GLY C 1 30 ? 14.267  15.284  4.690   0.60 27.20 ? 29 GLY C O   1 
HETATM 828 N  N   . NH2 C 1 31 ? 12.930  14.500  5.631   1.00 30.00 ? 30 NH2 C N   1 
HETATM 829 ZN ZN  . ZN  D 2 .  ? 20.161  5.294   1.941   0.90 9.00  2 31 ZN  A ZN  1 
HETATM 830 ZN ZN  . ZN  E 2 .  ? -7.654  -19.504 -5.283  0.30 18.66 2 32 ZN  A ZN  1 
HETATM 831 C  C1  . EDO F 3 .  ? 14.383  -2.045  -1.402  1.00 2.00  ? 33 EDO A C1  1 
HETATM 832 O  O1  . EDO F 3 .  ? 15.766  -1.786  -1.008  1.00 28.02 ? 33 EDO A O1  1 
HETATM 833 C  C2  . EDO F 3 .  ? 14.185  -0.692  -1.963  1.00 22.87 ? 33 EDO A C2  1 
HETATM 834 O  O2  . EDO F 3 .  ? 12.923  -0.315  -1.458  1.00 28.02 ? 33 EDO A O2  1 
HETATM 835 C  C1  . EDO G 3 .  ? 19.883  15.735  -3.356  1.00 53.81 ? 34 EDO A C1  1 
HETATM 836 O  O1  . EDO G 3 .  ? 18.557  16.250  -3.160  1.00 53.91 ? 34 EDO A O1  1 
HETATM 837 C  C2  . EDO G 3 .  ? 20.277  14.720  -2.317  1.00 54.14 ? 34 EDO A C2  1 
HETATM 838 O  O2  . EDO G 3 .  ? 19.103  14.263  -1.704  1.00 54.29 ? 34 EDO A O2  1 
HETATM 839 ZN ZN  . ZN  H 2 .  ? 4.895   11.932  -10.524 1.00 8.84  2 31 ZN  B ZN  1 
HETATM 840 ZN ZN  . ZN  I 2 .  ? -10.712 -14.432 9.228   0.80 54.41 2 32 ZN  B ZN  1 
HETATM 841 ZN ZN  . ZN  J 2 .  ? 8.039   16.747  -11.664 0.30 8.24  2 33 ZN  B ZN  1 
HETATM 842 CA CA  . CA  K 4 .  ? -18.832 -8.803  -3.113  0.85 74.40 2 34 CA  B CA  1 
HETATM 843 C  C1  . EDO L 3 .  ? 3.472   -13.365 4.213   1.00 43.19 ? 31 EDO C C1  1 
HETATM 844 O  O1  . EDO L 3 .  ? 3.395   -12.927 5.575   1.00 43.33 ? 31 EDO C O1  1 
HETATM 845 C  C2  . EDO L 3 .  ? 2.362   -12.745 3.371   1.00 41.51 ? 31 EDO C C2  1 
HETATM 846 O  O2  . EDO L 3 .  ? 1.561   -13.762 2.756   1.00 37.96 ? 31 EDO C O2  1 
HETATM 847 O  O   . HOH M 5 .  ? -12.719 -5.429  -2.159  1.00 33.94 ? 35 HOH A O   1 
HETATM 848 O  O   . HOH M 5 .  ? -22.443 -9.917  -7.458  1.00 31.00 ? 36 HOH A O   1 
HETATM 849 O  O   . HOH M 5 .  ? 1.666   -9.540  -7.256  1.00 37.17 ? 37 HOH A O   1 
HETATM 850 O  O   . HOH M 5 .  ? 2.615   2.138   -7.324  1.00 32.43 ? 38 HOH A O   1 
HETATM 851 O  O   . HOH M 5 .  ? -15.861 -17.554 -6.407  0.50 15.59 ? 39 HOH A O   1 
HETATM 852 O  O   . HOH M 5 .  ? 15.377  -2.536  -4.611  1.00 35.96 ? 40 HOH A O   1 
HETATM 853 O  O   . HOH M 5 .  ? 15.417  0.720   -4.314  1.00 28.97 ? 41 HOH A O   1 
HETATM 854 O  O   . HOH M 5 .  ? -21.786 -12.170 -5.581  0.50 18.64 ? 42 HOH A O   1 
HETATM 855 O  O   . HOH M 5 .  ? -9.600  -20.751 -5.420  1.00 30.00 ? 43 HOH A O   1 
HETATM 856 O  O   . HOH M 5 .  ? 18.427  1.906   -0.953  1.00 20.92 ? 44 HOH A O   1 
HETATM 857 O  O   . HOH M 5 .  ? 14.292  2.558   -5.806  1.00 30.00 ? 45 HOH A O   1 
HETATM 858 O  O   . HOH M 5 .  ? 5.354   2.639   -11.142 1.00 30.00 ? 46 HOH A O   1 
HETATM 859 O  O   . HOH M 5 .  ? 10.542  7.804   -7.447  1.00 22.97 ? 47 HOH A O   1 
HETATM 860 O  O   . HOH M 5 .  ? 10.940  -4.134  3.266   1.00 11.82 ? 48 HOH A O   1 
HETATM 861 O  O   . HOH M 5 .  ? -10.137 -8.256  -9.236  1.00 30.00 ? 49 HOH A O   1 
HETATM 862 O  O   . HOH M 5 .  ? 6.697   0.809   -11.336 1.00 30.00 ? 50 HOH A O   1 
HETATM 863 O  O   . HOH M 5 .  ? -7.990  -18.724 -7.428  1.00 30.00 ? 55 HOH A O   1 
HETATM 864 O  O   . HOH M 5 .  ? 10.877  0.598   3.052   1.00 30.00 ? 57 HOH A O   1 
HETATM 865 O  O   . HOH M 5 .  ? -3.529  -13.140 -4.555  1.00 30.00 ? 59 HOH A O   1 
HETATM 866 O  O   . HOH N 5 .  ? 11.415  10.196  -8.250  1.00 24.83 ? 35 HOH B O   1 
HETATM 867 O  O   . HOH N 5 .  ? -8.301  7.118   -1.482  1.00 32.84 ? 36 HOH B O   1 
HETATM 868 O  O   . HOH N 5 .  ? 5.873   10.360  -9.779  1.00 14.11 ? 37 HOH B O   1 
HETATM 869 O  O   . HOH N 5 .  ? -19.997 -11.953 4.387   1.00 13.45 ? 38 HOH B O   1 
HETATM 870 O  O   . HOH N 5 .  ? -12.622 -5.629  7.325   1.00 28.25 ? 39 HOH B O   1 
HETATM 871 O  O   . HOH N 5 .  ? 0.054   12.631  -10.816 0.80 10.39 ? 40 HOH B O   1 
HETATM 872 O  O   . HOH N 5 .  ? -11.265 -17.905 8.875   1.00 33.04 ? 41 HOH B O   1 
HETATM 873 O  O   . HOH N 5 .  ? -4.013  11.681  0.003   1.00 26.35 ? 43 HOH B O   1 
HETATM 874 O  O   . HOH N 5 .  ? -4.703  13.256  4.696   1.00 42.07 ? 44 HOH B O   1 
HETATM 875 O  O   . HOH N 5 .  ? -12.490 1.846   1.584   1.00 39.49 ? 45 HOH B O   1 
HETATM 876 O  O   . HOH N 5 .  ? 2.558   22.620  -5.149  1.00 19.17 ? 46 HOH B O   1 
HETATM 877 O  O   . HOH N 5 .  ? -2.604  10.366  -7.589  1.00 15.18 ? 47 HOH B O   1 
HETATM 878 O  O   . HOH N 5 .  ? -6.994  -2.805  5.296   1.00 35.53 ? 48 HOH B O   1 
HETATM 879 O  O   . HOH N 5 .  ? 3.840   6.848   -8.816  1.00 29.11 ? 49 HOH B O   1 
HETATM 880 O  O   . HOH N 5 .  ? -1.105  8.919   4.587   1.00 43.90 ? 50 HOH B O   1 
HETATM 881 O  O   . HOH N 5 .  ? -11.578 -2.820  6.532   1.00 30.00 ? 51 HOH B O   1 
HETATM 882 O  O   . HOH N 5 .  ? 8.208   8.469   -8.296  1.00 30.00 ? 52 HOH B O   1 
HETATM 883 O  O   . HOH N 5 .  ? -3.959  8.210   -6.490  1.00 19.29 ? 53 HOH B O   1 
HETATM 884 O  O   . HOH N 5 .  ? -11.520 0.960   -2.710  1.00 30.00 ? 56 HOH B O   1 
HETATM 885 O  O   . HOH N 5 .  ? 4.483   19.257  -1.605  1.00 30.00 ? 58 HOH B O   1 
HETATM 886 O  O   . HOH O 5 .  ? 6.818   8.794   10.139  1.00 20.18 ? 32 HOH C O   1 
HETATM 887 O  O   . HOH O 5 .  ? 0.401   -18.511 3.242   1.00 16.81 ? 33 HOH C O   1 
HETATM 888 O  O   . HOH O 5 .  ? 1.691   9.201   4.752   1.00 30.23 ? 34 HOH C O   1 
HETATM 889 O  O   . HOH O 5 .  ? 16.239  17.554  6.347   1.00 29.36 ? 35 HOH C O   1 
HETATM 890 O  O   . HOH O 5 .  ? -8.834  -14.646 11.410  1.00 44.79 ? 36 HOH C O   1 
HETATM 891 O  O   . HOH O 5 .  ? 11.218  15.027  -1.606  1.00 36.12 ? 37 HOH C O   1 
HETATM 892 O  O   . HOH O 5 .  ? 2.699   14.987  0.221   1.00 18.61 ? 38 HOH C O   1 
HETATM 893 O  O   . HOH O 5 .  ? 3.994   -1.743  9.665   1.00 22.72 ? 39 HOH C O   1 
HETATM 894 O  O   . HOH O 5 .  ? 1.791   -19.640 7.415   1.00 22.31 ? 40 HOH C O   1 
HETATM 895 O  O   . HOH O 5 .  ? -9.540  -22.202 3.253   1.00 10.75 ? 41 HOH C O   1 
HETATM 896 O  O   . HOH O 5 .  ? 8.644   2.547   7.545   1.00 16.31 ? 42 HOH C O   1 
HETATM 897 O  O   . HOH O 5 .  ? -0.215  -16.071 2.153   1.00 18.17 ? 43 HOH C O   1 
HETATM 898 O  O   . HOH O 5 .  ? 4.132   17.229  0.341   1.00 30.00 ? 44 HOH C O   1 
HETATM 899 O  O   . HOH O 5 .  ? 9.526   -0.774  7.484   1.00 30.55 ? 45 HOH C O   1 
HETATM 900 O  O   . HOH O 5 .  ? 13.873  11.577  6.062   1.00 31.64 ? 46 HOH C O   1 
HETATM 901 O  O   . HOH O 5 .  ? 0.636   -11.739 7.685   1.00 30.00 ? 47 HOH C O   1 
HETATM 902 O  O   . HOH O 5 .  ? 6.668   -1.264  3.277   1.00 30.00 ? 48 HOH C O   1 
HETATM 903 O  O   . HOH O 5 .  ? 12.269  14.933  1.603   1.00 32.68 ? 49 HOH C O   1 
HETATM 904 O  O   . HOH O 5 .  ? 1.461   -9.144  8.578   1.00 30.00 ? 53 HOH C O   1 
HETATM 905 O  O   . HOH O 5 .  ? -1.232  -6.560  9.700   1.00 30.00 ? 54 HOH C O   1 
# 
